data_5H0R
#
_entry.id   5H0R
#
loop_
_entity.id
_entity.type
_entity.pdbx_description
1 polymer 'RNA-dependent RNA polymerase'
2 polymer 'VP4 protein'
3 polymer 'RNA (42-MER)'
4 polymer 'RNA (42-MER)'
#
loop_
_entity_poly.entity_id
_entity_poly.type
_entity_poly.pdbx_seq_one_letter_code
_entity_poly.pdbx_strand_id
1 'polypeptide(L)'
;MLPNTKLHNTIFSETRKFTRESFKEIEHLTARLANDSVARHDFLFNTSIALISDYSGEDSNGNQLQATITIPNEIINPKE
YDPSDYPLAEDESFFKQGHKYDYLVTFRAGSLTNTYEPKTKMYKLHAALDKLMHVRQRKSRFADLWRELCAVIASLDVWY
QTTNYPLRTYVKLLFHRGDEFPFYESPSQDRIIFNDKSVASILPTFVYTCCQVGTAIMSGILTHVESIVAMNHFLHCAKD
SYIDEKLKIKGIGRSWYQEALHNVGQATVPVWSQFNEVIGHRRKSTSEPHFVSSTFISLRAKRAELLYPEFNAYINRAIQ
LSKTQNDVANYYAACRAMTNDGTFLATLTELSLDAAVFPRIEQRLVTRPAVLMSNTRHESLKQKYTNGVGSIAQSYLSSF
TDEIAKRVNGIHHDEAWLNFLTTSSPGRKLTEIEKLEVGGDVAAWSNSRIVMQAVFAREYRTPERIFKSLKAPIKLVERQ
QSDRRQRAISGLDNDRLFLSFMPYTIGKQIYELNDNAAQGKQAGNAFDIGEMLYWTSQRNVLLSSIDVAGMDASVTTNTK
DIYNTFVLDVASKCTVPRFGPYYAKNMEVFEVGKRQSQVRYVNAAWQACALEAADSQTSTSYESEIFGQVKNAEGTYPSG
RADTSTHHTVLLQGLVRGNELKRASDGKNSCLATIKILGDDIMEIFQGSESDTYDHAMSNANILNESGFATTAELSQNSI
VLLQQLVVNGTFWGFADRISLWTREDTKDIGRLNLAMMELNALIDDLVFRVRRPEGLKMLGFFCGAICLRRFTLSVDNKL
YDSTYNNLSKYMTLIKYDKNPDFDSTLMSLILPLAWLFMPRGGEYPAYPFERRDGTFTEDESMFTARGAYKRRLLYDVSN
IREMIQQNSMALDDDLLHEYGFTGALLLIDLNILDLIDEVKKEDISPVKVSELATSLEQLGKLGEREKSRRAASDLKIRG
HALSNDIVYGYGLQEKIQKSAMATKETTVQSKRVSSRLHDVIVAKTRDYKISTIPADALRLHEFEVEDVTVDLLPHAKHT
SYSSLAYNMSFGSDGWFAFALLGGLDRSANLLRLDVASIRGNYHKFSYDDPVFKQGYKIYKSDATLLNDFFTAISAGPKE
QGILLRAFAYYSLYGNVEYHYVLSPRQLFFLSDNPVSAERLVRIPPKYYVSTQCRALYNIFSYLHILRSIANNWGKRLKM
VLHPGLIAYVRGTSQGAILPEADNV
;
F
2 'polypeptide(L)'
;MFAIDPLKHPKLYEEYGLYLRPHQINQEIKPTTIKKKELAPTIRSIKYASLIHSMLAKHAARHNGTLINPRMYADMITLG
NTKVTVTKGTPKAQIDTLKMNGLTVVSKSRRNNKKKPVSDTTASTDETTDDVVTYKALTEMSTLVESFRLPSGLTLIVFD
DEKYQSLIPDYINQLITYTQPHIIPTWQGITDFSDTYLRSYFKRPFELTASNLAVPQKHNLSPITRSIFNNTGREDAIIR
KLYGYGEYVFIKYEGCLITWTGLYGAVTMMVNLPKRDLGLDVGDDFLKEYKKLLFHGVITDAIPSGISAKSTVMRISPHK
MMNPSGGALAVLSKYIEAVVSTNVINATLVVYAEKGAGKTSFLSTYAQQLSLASGQIVGHLSSDAYGRWLAKNKDVEEPS
FEYDYVLSLDTDDNESYYEQKASELLTSHGISELSQYELLSVRRKVKMMNEMDEILIAQLDNANTHSERNFYYMVSTGKN
TPRTLIVEGHFNAQDATIARTDTTILLRTINDTTQAMRDRQRSGVVQLFLRDTYYRLLPSLHTTVYPFEMLESIKRWKWV
H
;
G
3 'polyribonucleotide' AAAAAAAAAAAAAAAAAAAAAAAAAAAAAAAAAAAAAAAAAA H
4 'polyribonucleotide' UUUUUUUUUUUUUUUUUUUUUUUUUUUUUUUUUUUUUUUUUU I
#
loop_
_chem_comp.id
_chem_comp.type
_chem_comp.name
_chem_comp.formula
A RNA linking ADENOSINE-5'-MONOPHOSPHATE 'C10 H14 N5 O7 P'
U RNA linking URIDINE-5'-MONOPHOSPHATE 'C9 H13 N2 O9 P'
#
# COMPACT_ATOMS: atom_id res chain seq x y z
N LEU A 7 -45.02 -5.87 11.45
CA LEU A 7 -43.77 -6.37 11.98
C LEU A 7 -43.34 -5.71 13.28
N HIS A 8 -43.63 -4.41 13.42
CA HIS A 8 -43.26 -3.72 14.66
C HIS A 8 -43.87 -4.39 15.87
N ASN A 9 -45.08 -4.94 15.74
CA ASN A 9 -45.54 -5.89 16.74
C ASN A 9 -45.31 -7.31 16.24
N THR A 10 -45.51 -8.27 17.13
CA THR A 10 -45.35 -9.70 16.91
C THR A 10 -45.50 -10.35 18.28
N ILE A 11 -45.56 -11.67 18.37
CA ILE A 11 -45.27 -12.28 19.66
C ILE A 11 -43.79 -12.11 19.98
N PHE A 12 -42.96 -11.94 18.94
CA PHE A 12 -41.52 -11.79 19.12
C PHE A 12 -41.15 -10.40 19.63
N SER A 13 -41.44 -9.37 18.85
CA SER A 13 -40.93 -8.03 19.15
C SER A 13 -41.37 -7.51 20.51
N GLU A 14 -42.44 -8.06 21.09
CA GLU A 14 -42.86 -7.68 22.43
C GLU A 14 -42.38 -8.64 23.50
N THR A 15 -41.75 -9.75 23.11
CA THR A 15 -41.14 -10.71 24.01
C THR A 15 -39.64 -10.74 23.84
N ARG A 16 -39.16 -10.98 22.62
CA ARG A 16 -37.77 -11.01 22.16
C ARG A 16 -37.19 -12.42 22.32
N LYS A 17 -37.95 -13.35 22.89
CA LYS A 17 -37.54 -14.75 22.95
C LYS A 17 -37.87 -15.43 21.62
N PHE A 18 -37.59 -16.72 21.53
CA PHE A 18 -38.01 -17.55 20.40
C PHE A 18 -38.87 -18.69 20.92
N THR A 19 -40.07 -18.83 20.37
CA THR A 19 -41.06 -19.80 20.82
C THR A 19 -41.58 -20.58 19.62
N ARG A 20 -42.60 -21.39 19.85
CA ARG A 20 -43.32 -21.99 18.73
C ARG A 20 -43.91 -20.93 17.83
N GLU A 21 -44.61 -19.95 18.43
CA GLU A 21 -45.31 -18.93 17.66
C GLU A 21 -44.33 -17.91 17.10
N SER A 22 -43.61 -17.23 18.00
CA SER A 22 -42.76 -16.11 17.60
C SER A 22 -41.77 -16.50 16.52
N PHE A 23 -41.00 -17.57 16.75
CA PHE A 23 -39.89 -17.88 15.86
C PHE A 23 -40.37 -18.18 14.45
N LYS A 24 -41.26 -19.16 14.30
CA LYS A 24 -41.73 -19.52 12.96
C LYS A 24 -42.38 -18.33 12.27
N GLU A 25 -42.97 -17.42 13.05
CA GLU A 25 -43.50 -16.20 12.46
C GLU A 25 -42.38 -15.32 11.90
N ILE A 26 -41.27 -15.24 12.64
CA ILE A 26 -40.12 -14.47 12.14
C ILE A 26 -39.58 -15.09 10.86
N GLU A 27 -39.41 -16.41 10.85
CA GLU A 27 -38.93 -17.08 9.65
C GLU A 27 -39.84 -16.79 8.46
N HIS A 28 -41.13 -17.10 8.62
CA HIS A 28 -42.06 -16.98 7.50
C HIS A 28 -42.20 -15.53 7.05
N LEU A 29 -42.05 -14.57 7.95
CA LEU A 29 -42.26 -13.17 7.59
C LEU A 29 -41.02 -12.57 6.92
N THR A 30 -39.84 -12.86 7.47
CA THR A 30 -38.62 -12.43 6.79
C THR A 30 -38.46 -13.12 5.45
N ALA A 31 -39.08 -14.29 5.27
CA ALA A 31 -39.13 -14.89 3.94
C ALA A 31 -39.66 -13.90 2.91
N ARG A 32 -40.83 -13.32 3.18
CA ARG A 32 -41.39 -12.38 2.22
C ARG A 32 -40.69 -11.02 2.25
N LEU A 33 -40.15 -10.61 3.39
CA LEU A 33 -39.37 -9.38 3.37
C LEU A 33 -38.05 -9.52 2.62
N ALA A 34 -37.62 -10.74 2.33
CA ALA A 34 -36.40 -10.98 1.56
C ALA A 34 -36.72 -11.25 0.09
N ASN A 35 -37.47 -12.32 -0.18
CA ASN A 35 -37.79 -12.75 -1.53
C ASN A 35 -38.51 -11.68 -2.33
N ASP A 36 -39.73 -11.33 -1.89
CA ASP A 36 -40.61 -10.49 -2.68
C ASP A 36 -39.97 -9.12 -2.96
N SER A 37 -40.07 -8.68 -4.21
CA SER A 37 -39.71 -7.31 -4.56
C SER A 37 -40.90 -6.38 -4.47
N VAL A 38 -42.04 -6.88 -4.02
CA VAL A 38 -43.25 -6.09 -3.79
C VAL A 38 -43.39 -5.83 -2.30
N ALA A 39 -43.52 -6.92 -1.53
CA ALA A 39 -43.67 -6.83 -0.09
C ALA A 39 -42.56 -6.00 0.56
N ARG A 40 -41.39 -5.90 -0.07
CA ARG A 40 -40.42 -4.93 0.39
C ARG A 40 -40.87 -3.51 0.10
N HIS A 41 -41.50 -3.28 -1.05
CA HIS A 41 -41.98 -1.94 -1.37
C HIS A 41 -43.08 -1.50 -0.42
N ASP A 42 -44.00 -2.42 -0.10
CA ASP A 42 -44.92 -2.15 1.01
C ASP A 42 -44.15 -1.87 2.30
N PHE A 43 -43.39 -2.88 2.77
CA PHE A 43 -42.74 -2.80 4.06
C PHE A 43 -42.02 -1.49 4.29
N LEU A 44 -41.26 -1.03 3.30
CA LEU A 44 -40.58 0.26 3.45
C LEU A 44 -41.55 1.42 3.26
N PHE A 45 -42.33 1.38 2.19
CA PHE A 45 -43.08 2.53 1.67
C PHE A 45 -44.54 2.57 2.08
N ASN A 46 -44.99 1.71 3.00
CA ASN A 46 -46.41 1.60 3.31
C ASN A 46 -47.05 2.96 3.52
N THR A 47 -48.26 3.11 2.99
CA THR A 47 -48.97 4.39 3.07
C THR A 47 -49.44 4.73 4.47
N SER A 48 -49.36 3.81 5.43
CA SER A 48 -49.71 4.17 6.81
C SER A 48 -48.41 4.31 7.61
N ILE A 49 -47.95 5.55 7.71
CA ILE A 49 -46.90 5.99 8.62
C ILE A 49 -47.14 7.47 8.82
N ALA A 50 -46.81 7.98 10.00
CA ALA A 50 -46.98 9.40 10.28
C ALA A 50 -45.70 10.14 9.88
N LEU A 51 -45.79 10.97 8.84
CA LEU A 51 -44.63 11.75 8.44
C LEU A 51 -44.29 12.76 9.53
N ILE A 52 -43.04 12.74 9.97
CA ILE A 52 -42.63 13.55 11.11
C ILE A 52 -42.31 14.96 10.64
N SER A 53 -42.88 15.94 11.34
CA SER A 53 -42.51 17.33 11.15
C SER A 53 -41.50 17.73 12.21
N ASP A 54 -41.95 17.84 13.45
CA ASP A 54 -41.08 18.13 14.58
C ASP A 54 -40.88 16.85 15.38
N TYR A 55 -40.10 16.93 16.46
CA TYR A 55 -39.82 15.76 17.28
C TYR A 55 -39.01 16.22 18.48
N SER A 56 -39.05 15.41 19.54
CA SER A 56 -38.28 15.67 20.75
C SER A 56 -37.62 14.38 21.18
N GLY A 57 -36.29 14.35 21.06
CA GLY A 57 -35.49 13.22 21.47
C GLY A 57 -34.59 13.52 22.64
N GLU A 58 -33.51 12.77 22.73
CA GLU A 58 -32.47 13.01 23.71
C GLU A 58 -31.12 13.11 23.02
N ASP A 59 -30.21 13.85 23.62
CA ASP A 59 -28.83 13.72 23.26
C ASP A 59 -28.35 12.32 23.65
N SER A 60 -27.23 11.90 23.05
CA SER A 60 -26.69 10.58 23.35
C SER A 60 -26.50 10.37 24.84
N ASN A 61 -26.36 11.45 25.62
CA ASN A 61 -26.26 11.37 27.07
C ASN A 61 -27.57 11.63 27.80
N GLY A 62 -28.65 11.96 27.09
CA GLY A 62 -29.94 12.15 27.72
C GLY A 62 -30.40 13.58 27.80
N ASN A 63 -29.56 14.56 27.46
CA ASN A 63 -30.04 15.93 27.34
C ASN A 63 -31.06 16.01 26.23
N GLN A 64 -32.23 16.58 26.52
CA GLN A 64 -33.33 16.57 25.57
C GLN A 64 -33.13 17.67 24.54
N LEU A 65 -33.00 17.27 23.27
CA LEU A 65 -32.94 18.21 22.16
C LEU A 65 -34.28 18.17 21.43
N GLN A 66 -34.43 19.07 20.45
CA GLN A 66 -35.60 19.03 19.56
C GLN A 66 -35.12 19.30 18.15
N ALA A 67 -35.34 18.34 17.25
CA ALA A 67 -34.89 18.45 15.87
C ALA A 67 -36.07 18.25 14.94
N THR A 68 -35.95 18.84 13.75
CA THR A 68 -37.00 18.78 12.76
C THR A 68 -36.44 18.23 11.46
N ILE A 69 -37.30 17.59 10.68
CA ILE A 69 -36.90 16.97 9.42
C ILE A 69 -37.11 17.98 8.31
N THR A 70 -36.02 18.46 7.72
CA THR A 70 -36.08 19.40 6.60
C THR A 70 -35.29 18.80 5.44
N ILE A 71 -35.97 18.44 4.38
CA ILE A 71 -35.34 17.90 3.18
C ILE A 71 -35.29 18.99 2.12
N PRO A 72 -34.14 19.29 1.55
CA PRO A 72 -34.04 20.39 0.59
C PRO A 72 -34.72 20.04 -0.72
N ASN A 73 -35.12 21.09 -1.44
CA ASN A 73 -35.74 20.87 -2.75
C ASN A 73 -34.73 20.41 -3.78
N GLU A 74 -33.46 20.77 -3.61
CA GLU A 74 -32.45 20.42 -4.60
C GLU A 74 -32.23 18.92 -4.69
N ILE A 75 -32.51 18.18 -3.63
CA ILE A 75 -32.60 16.73 -3.74
C ILE A 75 -33.97 16.27 -4.25
N ILE A 76 -35.03 17.01 -3.92
CA ILE A 76 -36.36 16.64 -4.39
C ILE A 76 -36.54 17.01 -5.85
N ASN A 77 -36.14 18.22 -6.23
CA ASN A 77 -36.19 18.68 -7.61
C ASN A 77 -34.77 19.07 -8.01
N PRO A 78 -33.95 18.12 -8.43
CA PRO A 78 -32.56 18.43 -8.75
C PRO A 78 -32.46 19.34 -9.96
N LYS A 79 -31.40 20.15 -9.97
CA LYS A 79 -31.05 20.89 -11.17
C LYS A 79 -30.74 19.92 -12.30
N GLU A 80 -30.97 20.35 -13.53
CA GLU A 80 -30.64 19.46 -14.64
C GLU A 80 -29.12 19.39 -14.77
N TYR A 81 -28.66 18.55 -15.68
CA TYR A 81 -27.23 18.32 -15.80
C TYR A 81 -26.59 19.49 -16.53
N ASP A 82 -25.61 20.13 -15.90
CA ASP A 82 -24.98 21.34 -16.40
C ASP A 82 -23.50 21.04 -16.57
N PRO A 83 -23.06 20.58 -17.74
CA PRO A 83 -21.67 20.12 -17.86
C PRO A 83 -20.67 21.27 -17.88
N SER A 84 -20.86 22.21 -16.96
CA SER A 84 -19.79 23.02 -16.42
C SER A 84 -19.34 22.49 -15.07
N ASP A 85 -20.00 21.45 -14.57
CA ASP A 85 -19.59 20.82 -13.32
C ASP A 85 -18.22 20.19 -13.47
N TYR A 86 -18.08 19.32 -14.46
CA TYR A 86 -16.80 18.67 -14.75
C TYR A 86 -16.24 19.29 -16.03
N PRO A 87 -15.27 20.16 -15.94
CA PRO A 87 -14.76 20.81 -17.15
C PRO A 87 -13.60 20.06 -17.76
N LEU A 88 -13.06 20.61 -18.86
CA LEU A 88 -11.90 20.05 -19.53
C LEU A 88 -10.93 21.17 -19.84
N ALA A 89 -9.67 20.80 -20.02
CA ALA A 89 -8.69 21.75 -20.53
C ALA A 89 -8.99 22.07 -21.99
N GLU A 90 -8.44 23.17 -22.47
CA GLU A 90 -8.61 23.55 -23.87
C GLU A 90 -8.21 22.41 -24.79
N ASP A 91 -6.99 21.92 -24.65
CA ASP A 91 -6.54 20.77 -25.43
C ASP A 91 -7.29 19.50 -25.05
N GLU A 92 -8.03 19.53 -23.94
CA GLU A 92 -8.77 18.37 -23.44
C GLU A 92 -7.83 17.20 -23.18
N SER A 93 -6.66 17.51 -22.64
CA SER A 93 -5.70 16.47 -22.26
C SER A 93 -6.06 15.80 -20.95
N PHE A 94 -6.83 16.47 -20.10
CA PHE A 94 -7.17 15.99 -18.77
C PHE A 94 -8.11 17.03 -18.17
N PHE A 95 -8.76 16.68 -17.06
CA PHE A 95 -9.71 17.59 -16.45
C PHE A 95 -9.04 18.91 -16.09
N LYS A 96 -9.81 20.00 -16.23
CA LYS A 96 -9.32 21.32 -15.91
C LYS A 96 -8.88 21.39 -14.45
N GLN A 97 -7.82 22.17 -14.19
CA GLN A 97 -7.31 22.28 -12.83
C GLN A 97 -8.34 22.90 -11.90
N GLY A 98 -8.29 22.48 -10.64
CA GLY A 98 -9.11 23.09 -9.62
C GLY A 98 -10.59 22.97 -9.81
N HIS A 99 -11.05 22.01 -10.61
CA HIS A 99 -12.48 21.73 -10.67
C HIS A 99 -12.97 21.32 -9.29
N LYS A 100 -13.99 22.01 -8.79
CA LYS A 100 -14.39 21.84 -7.40
C LYS A 100 -14.97 20.46 -7.12
N TYR A 101 -15.38 19.72 -8.14
CA TYR A 101 -16.13 18.50 -7.97
C TYR A 101 -15.30 17.31 -8.45
N ASP A 102 -14.81 16.52 -7.50
CA ASP A 102 -14.15 15.26 -7.81
C ASP A 102 -15.07 14.07 -7.64
N TYR A 103 -16.31 14.29 -7.22
CA TYR A 103 -17.28 13.22 -7.02
C TYR A 103 -18.59 13.66 -7.67
N LEU A 104 -19.63 12.84 -7.53
CA LEU A 104 -20.87 13.12 -8.22
C LEU A 104 -21.54 14.38 -7.70
N VAL A 105 -21.96 15.22 -8.63
CA VAL A 105 -22.84 16.35 -8.35
C VAL A 105 -24.26 15.85 -8.44
N THR A 106 -25.14 16.39 -7.59
CA THR A 106 -26.55 16.07 -7.72
C THR A 106 -27.13 16.68 -9.00
N PHE A 107 -28.04 15.92 -9.62
CA PHE A 107 -28.74 16.36 -10.82
C PHE A 107 -29.75 15.28 -11.17
N ARG A 108 -30.59 15.57 -12.16
CA ARG A 108 -31.64 14.65 -12.55
C ARG A 108 -31.05 13.45 -13.29
N ALA A 109 -31.60 12.27 -13.00
CA ALA A 109 -31.02 11.03 -13.51
C ALA A 109 -31.08 10.97 -15.03
N GLY A 110 -32.10 11.57 -15.63
CA GLY A 110 -32.27 11.46 -17.06
C GLY A 110 -31.78 12.66 -17.85
N SER A 111 -31.13 13.61 -17.17
CA SER A 111 -30.61 14.78 -17.87
C SER A 111 -29.30 14.47 -18.58
N LEU A 112 -28.55 13.48 -18.11
CA LEU A 112 -27.28 13.11 -18.74
C LEU A 112 -27.54 12.00 -19.74
N THR A 113 -27.38 12.31 -21.03
CA THR A 113 -27.55 11.35 -22.10
C THR A 113 -26.47 11.57 -23.15
N ASN A 114 -26.34 10.59 -24.04
CA ASN A 114 -25.37 10.66 -25.12
C ASN A 114 -26.06 11.19 -26.37
N THR A 115 -25.72 12.43 -26.74
CA THR A 115 -26.08 12.97 -28.04
C THR A 115 -24.94 12.88 -29.05
N TYR A 116 -23.80 12.32 -28.65
CA TYR A 116 -22.58 12.46 -29.42
C TYR A 116 -22.21 11.18 -30.14
N GLU A 117 -21.58 11.33 -31.30
CA GLU A 117 -21.13 10.18 -32.06
C GLU A 117 -19.97 9.50 -31.33
N PRO A 118 -19.78 8.20 -31.55
CA PRO A 118 -18.73 7.47 -30.84
C PRO A 118 -17.34 8.01 -31.14
N LYS A 119 -16.40 7.66 -30.27
CA LYS A 119 -14.99 7.96 -30.45
C LYS A 119 -14.72 9.46 -30.54
N THR A 120 -15.22 10.19 -29.54
CA THR A 120 -14.79 11.55 -29.26
C THR A 120 -14.46 11.66 -27.78
N LYS A 121 -14.00 12.83 -27.36
CA LYS A 121 -13.71 13.02 -25.93
C LYS A 121 -14.98 13.36 -25.15
N MET A 122 -15.93 14.06 -25.76
CA MET A 122 -17.21 14.32 -25.10
C MET A 122 -17.99 13.03 -24.91
N TYR A 123 -18.13 12.25 -25.99
CA TYR A 123 -18.84 10.98 -25.90
C TYR A 123 -18.26 10.08 -24.83
N LYS A 124 -16.93 10.08 -24.67
CA LYS A 124 -16.33 9.27 -23.63
C LYS A 124 -16.43 9.90 -22.26
N LEU A 125 -16.55 11.23 -22.17
CA LEU A 125 -16.99 11.81 -20.91
C LEU A 125 -18.35 11.27 -20.52
N HIS A 126 -19.39 11.59 -21.29
CA HIS A 126 -20.74 11.18 -20.91
C HIS A 126 -20.86 9.66 -20.77
N ALA A 127 -20.03 8.89 -21.46
CA ALA A 127 -20.03 7.45 -21.24
C ALA A 127 -19.36 7.10 -19.91
N ALA A 128 -18.32 7.84 -19.53
CA ALA A 128 -17.60 7.51 -18.30
C ALA A 128 -18.36 7.99 -17.07
N LEU A 129 -19.04 9.13 -17.16
CA LEU A 129 -19.89 9.57 -16.06
C LEU A 129 -21.17 8.74 -16.01
N ASP A 130 -21.74 8.44 -17.17
CA ASP A 130 -22.83 7.48 -17.25
C ASP A 130 -22.44 6.15 -16.61
N LYS A 131 -21.16 5.80 -16.68
CA LYS A 131 -20.65 4.68 -15.90
C LYS A 131 -20.50 5.05 -14.43
N LEU A 132 -20.21 6.32 -14.13
CA LEU A 132 -19.85 6.68 -12.77
C LEU A 132 -21.06 6.60 -11.85
N MET A 133 -22.19 7.17 -12.27
CA MET A 133 -23.35 7.18 -11.40
C MET A 133 -24.07 5.83 -11.37
N HIS A 134 -24.09 5.10 -12.47
CA HIS A 134 -24.83 3.84 -12.50
C HIS A 134 -24.04 2.70 -11.88
N VAL A 135 -22.72 2.68 -12.02
CA VAL A 135 -21.90 1.56 -11.57
C VAL A 135 -21.15 1.89 -10.27
N ARG A 136 -20.28 2.90 -10.31
CA ARG A 136 -19.44 3.21 -9.16
C ARG A 136 -20.25 3.53 -7.90
N GLN A 137 -21.54 3.82 -8.04
CA GLN A 137 -22.41 3.97 -6.89
C GLN A 137 -22.98 2.65 -6.39
N ARG A 138 -22.59 1.53 -6.98
CA ARG A 138 -23.08 0.23 -6.53
C ARG A 138 -22.02 -0.37 -5.63
N LYS A 139 -22.28 -0.32 -4.32
CA LYS A 139 -21.41 -0.93 -3.32
C LYS A 139 -22.30 -1.61 -2.30
N SER A 140 -22.26 -2.93 -2.25
CA SER A 140 -23.12 -3.62 -1.29
C SER A 140 -22.50 -4.95 -0.93
N ARG A 141 -22.71 -5.38 0.30
CA ARG A 141 -22.17 -6.66 0.75
C ARG A 141 -23.04 -7.82 0.28
N PHE A 142 -24.17 -7.99 0.94
CA PHE A 142 -24.90 -9.26 0.92
C PHE A 142 -25.84 -9.39 -0.27
N ALA A 143 -26.60 -8.35 -0.59
CA ALA A 143 -27.69 -8.47 -1.55
C ALA A 143 -28.10 -7.08 -2.00
N ASP A 144 -29.24 -7.00 -2.69
CA ASP A 144 -29.78 -5.74 -3.15
C ASP A 144 -29.86 -4.73 -2.01
N LEU A 145 -29.47 -3.49 -2.31
CA LEU A 145 -29.45 -2.43 -1.31
C LEU A 145 -30.79 -2.26 -0.61
N TRP A 146 -31.90 -2.56 -1.30
CA TRP A 146 -33.19 -2.44 -0.66
C TRP A 146 -33.38 -3.49 0.41
N ARG A 147 -32.80 -4.68 0.23
CA ARG A 147 -32.77 -5.65 1.31
C ARG A 147 -31.92 -5.17 2.48
N GLU A 148 -30.95 -4.30 2.23
CA GLU A 148 -30.17 -3.74 3.33
C GLU A 148 -30.99 -2.74 4.11
N LEU A 149 -31.67 -1.81 3.42
CA LEU A 149 -32.61 -0.93 4.11
C LEU A 149 -33.68 -1.72 4.84
N CYS A 150 -34.09 -2.87 4.30
CA CYS A 150 -35.07 -3.69 4.99
C CYS A 150 -34.48 -4.38 6.21
N ALA A 151 -33.19 -4.74 6.17
CA ALA A 151 -32.56 -5.31 7.35
C ALA A 151 -32.46 -4.29 8.47
N VAL A 152 -31.83 -3.14 8.18
CA VAL A 152 -31.69 -2.09 9.18
C VAL A 152 -33.05 -1.67 9.70
N ILE A 153 -33.95 -1.32 8.78
CA ILE A 153 -35.24 -0.75 9.17
C ILE A 153 -36.09 -1.78 9.89
N ALA A 154 -36.04 -3.04 9.46
CA ALA A 154 -36.75 -4.09 10.20
C ALA A 154 -36.23 -4.20 11.62
N SER A 155 -34.90 -4.19 11.78
CA SER A 155 -34.32 -4.26 13.11
C SER A 155 -34.77 -3.07 13.96
N LEU A 156 -34.83 -1.87 13.36
CA LEU A 156 -35.34 -0.71 14.08
C LEU A 156 -36.76 -0.94 14.55
N ASP A 157 -37.62 -1.44 13.66
CA ASP A 157 -39.01 -1.69 14.04
C ASP A 157 -39.08 -2.64 15.22
N VAL A 158 -38.47 -3.82 15.09
CA VAL A 158 -38.58 -4.82 16.15
C VAL A 158 -38.00 -4.28 17.44
N TRP A 159 -36.94 -3.48 17.35
CA TRP A 159 -36.31 -2.96 18.55
C TRP A 159 -37.22 -1.97 19.26
N TYR A 160 -37.76 -1.00 18.53
CA TYR A 160 -38.57 0.05 19.12
C TYR A 160 -40.06 -0.25 19.11
N GLN A 161 -40.45 -1.41 18.56
CA GLN A 161 -41.82 -1.91 18.62
C GLN A 161 -42.84 -0.96 17.99
N THR A 162 -42.38 -0.07 17.12
CA THR A 162 -43.24 0.83 16.36
C THR A 162 -42.53 1.20 15.08
N THR A 163 -43.28 1.75 14.13
CA THR A 163 -42.67 2.66 13.16
C THR A 163 -43.30 4.01 13.46
N ASN A 164 -42.67 4.74 14.37
CA ASN A 164 -42.90 6.17 14.52
C ASN A 164 -41.69 7.00 14.14
N TYR A 165 -40.56 6.36 13.85
CA TYR A 165 -39.27 7.02 13.98
C TYR A 165 -38.89 7.75 12.69
N PRO A 166 -37.98 8.72 12.80
CA PRO A 166 -37.73 9.61 11.65
C PRO A 166 -37.10 8.95 10.45
N LEU A 167 -36.12 8.05 10.66
CA LEU A 167 -35.38 7.49 9.54
C LEU A 167 -36.33 6.91 8.50
N ARG A 168 -37.41 6.29 8.95
CA ARG A 168 -38.40 5.79 8.01
C ARG A 168 -39.03 6.91 7.21
N THR A 169 -39.24 8.08 7.83
CA THR A 169 -39.79 9.19 7.08
C THR A 169 -38.78 9.77 6.09
N TYR A 170 -37.48 9.63 6.37
CA TYR A 170 -36.53 9.97 5.31
C TYR A 170 -36.61 8.97 4.18
N VAL A 171 -36.80 7.69 4.49
CA VAL A 171 -36.93 6.68 3.44
C VAL A 171 -38.16 6.96 2.60
N LYS A 172 -39.25 7.43 3.23
CA LYS A 172 -40.50 7.63 2.51
C LYS A 172 -40.49 8.93 1.71
N LEU A 173 -39.97 10.01 2.30
CA LEU A 173 -39.91 11.28 1.58
C LEU A 173 -38.90 11.22 0.45
N LEU A 174 -37.74 10.60 0.69
CA LEU A 174 -36.70 10.53 -0.34
C LEU A 174 -37.01 9.44 -1.35
N PHE A 175 -37.06 8.18 -0.90
CA PHE A 175 -37.01 7.06 -1.82
C PHE A 175 -38.37 6.60 -2.33
N HIS A 176 -39.47 7.09 -1.79
CA HIS A 176 -40.76 6.80 -2.41
C HIS A 176 -41.19 8.06 -3.15
N ARG A 177 -40.90 8.08 -4.44
CA ARG A 177 -41.51 9.02 -5.37
C ARG A 177 -42.54 8.37 -6.28
N GLY A 178 -42.71 7.06 -6.20
CA GLY A 178 -43.59 6.34 -7.10
C GLY A 178 -43.83 4.94 -6.58
N ASP A 179 -44.82 4.28 -7.16
CA ASP A 179 -45.30 3.00 -6.67
C ASP A 179 -44.27 1.88 -6.79
N GLU A 180 -43.14 2.12 -7.41
CA GLU A 180 -42.05 1.14 -7.46
C GLU A 180 -40.82 1.72 -6.79
N PHE A 181 -39.76 0.91 -6.75
CA PHE A 181 -38.46 1.42 -6.34
C PHE A 181 -37.91 2.31 -7.45
N PRO A 182 -37.43 3.50 -7.12
CA PRO A 182 -36.87 4.39 -8.16
C PRO A 182 -35.74 3.75 -8.93
N PHE A 183 -35.02 2.81 -8.32
CA PHE A 183 -33.88 2.19 -8.96
C PHE A 183 -33.63 0.84 -8.33
N TYR A 184 -32.97 -0.04 -9.08
CA TYR A 184 -32.55 -1.33 -8.57
C TYR A 184 -31.19 -1.65 -9.18
N GLU A 185 -30.63 -2.78 -8.76
CA GLU A 185 -29.29 -3.19 -9.17
C GLU A 185 -29.30 -4.64 -9.61
N SER A 186 -28.76 -4.90 -10.78
CA SER A 186 -28.71 -6.25 -11.33
C SER A 186 -27.26 -6.71 -11.43
N PRO A 187 -26.86 -7.76 -10.70
CA PRO A 187 -25.47 -8.23 -10.81
C PRO A 187 -25.12 -8.75 -12.19
N SER A 188 -26.10 -9.02 -13.05
CA SER A 188 -25.81 -9.38 -14.43
C SER A 188 -25.10 -8.23 -15.14
N GLN A 189 -25.67 -7.03 -15.08
CA GLN A 189 -25.07 -5.87 -15.71
C GLN A 189 -24.15 -5.09 -14.79
N ASP A 190 -24.17 -5.38 -13.49
CA ASP A 190 -23.47 -4.59 -12.48
C ASP A 190 -23.71 -3.10 -12.69
N ARG A 191 -24.98 -2.71 -12.59
CA ARG A 191 -25.37 -1.32 -12.76
C ARG A 191 -26.57 -1.04 -11.87
N ILE A 192 -26.73 0.23 -11.49
CA ILE A 192 -27.92 0.70 -10.82
C ILE A 192 -28.86 1.25 -11.89
N ILE A 193 -29.97 0.56 -12.12
CA ILE A 193 -30.88 0.87 -13.21
C ILE A 193 -31.99 1.75 -12.66
N PHE A 194 -32.11 2.95 -13.18
CA PHE A 194 -33.12 3.90 -12.72
C PHE A 194 -34.47 3.61 -13.38
N ASN A 195 -35.54 3.64 -12.60
CA ASN A 195 -36.90 3.55 -13.10
C ASN A 195 -37.51 4.93 -13.28
N ASP A 196 -37.66 5.67 -12.18
CA ASP A 196 -38.04 7.07 -12.26
C ASP A 196 -36.86 7.88 -12.76
N LYS A 197 -37.05 8.66 -13.81
CA LYS A 197 -35.99 9.50 -14.36
C LYS A 197 -36.04 10.92 -13.87
N SER A 198 -37.00 11.27 -13.01
CA SER A 198 -36.98 12.57 -12.35
C SER A 198 -36.32 12.51 -10.98
N VAL A 199 -35.86 11.32 -10.57
CA VAL A 199 -35.25 11.17 -9.26
C VAL A 199 -33.82 11.69 -9.30
N ALA A 200 -33.31 12.07 -8.12
CA ALA A 200 -31.94 12.55 -8.03
C ALA A 200 -30.95 11.43 -8.36
N SER A 201 -29.74 11.83 -8.73
CA SER A 201 -28.73 10.88 -9.17
C SER A 201 -28.01 10.20 -8.01
N ILE A 202 -27.86 10.89 -6.89
CA ILE A 202 -26.98 10.44 -5.81
C ILE A 202 -27.72 9.66 -4.72
N LEU A 203 -29.04 9.56 -4.82
CA LEU A 203 -29.80 8.79 -3.83
C LEU A 203 -29.33 7.35 -3.63
N PRO A 204 -28.91 6.60 -4.66
CA PRO A 204 -28.43 5.24 -4.39
C PRO A 204 -27.27 5.17 -3.42
N THR A 205 -26.55 6.27 -3.20
CA THR A 205 -25.61 6.32 -2.08
C THR A 205 -26.32 6.61 -0.77
N PHE A 206 -27.34 7.46 -0.79
CA PHE A 206 -28.13 7.70 0.41
C PHE A 206 -28.85 6.46 0.89
N VAL A 207 -28.99 5.43 0.06
CA VAL A 207 -29.42 4.13 0.58
C VAL A 207 -28.41 3.62 1.60
N TYR A 208 -27.15 3.52 1.17
CA TYR A 208 -26.10 3.03 2.05
C TYR A 208 -25.93 3.95 3.25
N THR A 209 -26.13 5.25 3.06
CA THR A 209 -26.04 6.20 4.16
C THR A 209 -27.15 5.99 5.18
N CYS A 210 -28.40 5.85 4.73
CA CYS A 210 -29.48 5.53 5.66
C CYS A 210 -29.23 4.19 6.35
N CYS A 211 -28.59 3.24 5.65
CA CYS A 211 -28.21 2.00 6.31
C CYS A 211 -27.23 2.26 7.45
N GLN A 212 -26.21 3.08 7.20
CA GLN A 212 -25.20 3.30 8.22
C GLN A 212 -25.77 4.07 9.40
N VAL A 213 -26.54 5.12 9.13
CA VAL A 213 -27.22 5.85 10.20
C VAL A 213 -28.07 4.89 11.02
N GLY A 214 -28.83 4.02 10.35
CA GLY A 214 -29.60 3.02 11.06
C GLY A 214 -28.75 2.16 11.96
N THR A 215 -27.58 1.74 11.48
CA THR A 215 -26.66 1.01 12.34
C THR A 215 -26.21 1.87 13.52
N ALA A 216 -26.20 3.19 13.36
CA ALA A 216 -25.87 4.05 14.47
C ALA A 216 -26.98 4.07 15.50
N ILE A 217 -28.24 4.03 15.06
CA ILE A 217 -29.34 4.04 16.02
C ILE A 217 -29.42 2.70 16.75
N MET A 218 -29.46 1.60 16.00
CA MET A 218 -29.50 0.29 16.65
C MET A 218 -28.28 0.05 17.52
N SER A 219 -27.11 0.46 17.04
CA SER A 219 -25.89 0.32 17.83
C SER A 219 -25.98 1.08 19.15
N GLY A 220 -26.69 2.19 19.18
CA GLY A 220 -26.84 2.99 20.38
C GLY A 220 -26.08 4.28 20.38
N ILE A 221 -25.24 4.53 19.38
CA ILE A 221 -24.47 5.77 19.34
C ILE A 221 -25.40 6.96 19.12
N LEU A 222 -26.19 6.92 18.06
CA LEU A 222 -27.07 8.03 17.69
C LEU A 222 -28.50 7.71 18.13
N THR A 223 -29.08 8.61 18.91
CA THR A 223 -30.51 8.52 19.18
C THR A 223 -31.29 9.02 17.97
N HIS A 224 -32.62 9.08 18.10
CA HIS A 224 -33.45 9.44 16.96
C HIS A 224 -33.22 10.88 16.52
N VAL A 225 -33.28 11.82 17.46
CA VAL A 225 -32.97 13.21 17.13
C VAL A 225 -31.59 13.33 16.50
N GLU A 226 -30.60 12.64 17.08
CA GLU A 226 -29.28 12.69 16.50
C GLU A 226 -29.27 12.13 15.09
N SER A 227 -30.19 11.21 14.78
CA SER A 227 -30.34 10.76 13.41
C SER A 227 -30.94 11.85 12.52
N ILE A 228 -31.87 12.63 13.07
CA ILE A 228 -32.45 13.73 12.29
C ILE A 228 -31.38 14.75 11.95
N VAL A 229 -30.56 15.12 12.92
CA VAL A 229 -29.47 16.05 12.65
C VAL A 229 -28.46 15.45 11.69
N ALA A 230 -28.23 14.13 11.80
CA ALA A 230 -27.33 13.47 10.87
C ALA A 230 -27.83 13.59 9.44
N MET A 231 -29.09 13.20 9.20
CA MET A 231 -29.62 13.22 7.84
C MET A 231 -29.74 14.65 7.33
N ASN A 232 -30.14 15.58 8.19
CA ASN A 232 -30.16 16.98 7.79
C ASN A 232 -28.78 17.42 7.32
N HIS A 233 -27.74 17.03 8.05
CA HIS A 233 -26.39 17.37 7.65
C HIS A 233 -26.05 16.76 6.30
N PHE A 234 -26.43 15.50 6.09
CA PHE A 234 -26.14 14.82 4.83
C PHE A 234 -26.83 15.51 3.66
N LEU A 235 -28.15 15.70 3.76
CA LEU A 235 -28.90 16.31 2.68
C LEU A 235 -28.45 17.74 2.43
N HIS A 236 -27.97 18.41 3.47
CA HIS A 236 -27.41 19.75 3.29
C HIS A 236 -26.08 19.70 2.57
N CYS A 237 -25.28 18.66 2.80
CA CYS A 237 -24.04 18.49 2.06
C CYS A 237 -24.27 17.99 0.65
N ALA A 238 -25.49 17.58 0.32
CA ALA A 238 -25.84 17.10 -1.01
C ALA A 238 -26.43 18.20 -1.89
N LYS A 239 -26.44 19.45 -1.43
CA LYS A 239 -26.88 20.56 -2.27
C LYS A 239 -26.18 20.52 -3.61
N ASP A 240 -24.86 20.68 -3.62
CA ASP A 240 -24.07 20.59 -4.86
C ASP A 240 -23.49 19.18 -5.03
N SER A 241 -22.53 18.83 -4.19
CA SER A 241 -21.88 17.52 -4.29
C SER A 241 -21.73 16.92 -2.90
N TYR A 242 -22.21 15.69 -2.73
CA TYR A 242 -22.25 15.00 -1.45
C TYR A 242 -20.87 14.82 -0.83
N ILE A 243 -20.05 13.96 -1.45
CA ILE A 243 -18.73 13.67 -0.89
C ILE A 243 -17.82 14.89 -0.96
N ASP A 244 -17.89 15.63 -2.06
CA ASP A 244 -17.05 16.81 -2.22
C ASP A 244 -17.25 17.80 -1.09
N GLU A 245 -18.50 18.00 -0.67
CA GLU A 245 -18.78 18.90 0.43
C GLU A 245 -18.71 18.23 1.79
N LYS A 246 -18.62 16.90 1.86
CA LYS A 246 -18.21 16.28 3.11
C LYS A 246 -16.73 16.51 3.38
N LEU A 247 -15.87 16.14 2.43
CA LEU A 247 -14.43 16.14 2.67
C LEU A 247 -13.92 17.50 3.16
N LYS A 248 -14.63 18.58 2.85
CA LYS A 248 -14.33 19.84 3.54
C LYS A 248 -14.65 19.73 5.01
N ILE A 249 -15.75 19.09 5.35
CA ILE A 249 -16.23 19.09 6.74
C ILE A 249 -15.50 18.07 7.58
N LYS A 250 -15.29 16.86 7.05
CA LYS A 250 -14.89 15.72 7.89
C LYS A 250 -13.72 16.03 8.80
N GLY A 251 -12.80 16.88 8.37
CA GLY A 251 -11.71 17.27 9.23
C GLY A 251 -12.13 18.17 10.39
N ILE A 252 -12.87 19.24 10.08
CA ILE A 252 -13.19 20.25 11.08
C ILE A 252 -14.35 19.81 11.96
N GLY A 253 -15.35 19.15 11.36
CA GLY A 253 -16.44 18.62 12.15
C GLY A 253 -15.97 17.81 13.33
N ARG A 254 -14.90 17.03 13.16
CA ARG A 254 -14.22 16.58 14.35
C ARG A 254 -12.79 17.11 14.47
N SER A 255 -12.67 18.27 15.09
CA SER A 255 -11.72 18.49 16.15
C SER A 255 -12.48 19.43 17.04
N TRP A 256 -13.06 18.91 18.11
CA TRP A 256 -13.73 19.76 19.08
C TRP A 256 -13.39 19.26 20.47
N TYR A 257 -13.63 17.97 20.71
CA TYR A 257 -13.68 17.38 22.04
C TYR A 257 -12.61 17.93 22.97
N GLN A 258 -11.43 18.24 22.44
CA GLN A 258 -10.45 18.97 23.23
C GLN A 258 -11.04 20.25 23.82
N GLU A 259 -12.01 20.87 23.14
CA GLU A 259 -12.85 21.88 23.78
C GLU A 259 -13.52 21.27 24.99
N ALA A 260 -14.36 20.27 24.73
CA ALA A 260 -15.13 19.63 25.78
C ALA A 260 -14.24 19.11 26.88
N LEU A 261 -13.21 18.34 26.52
CA LEU A 261 -12.25 17.88 27.52
C LEU A 261 -11.64 19.03 28.29
N HIS A 262 -11.44 20.17 27.65
CA HIS A 262 -10.94 21.33 28.37
C HIS A 262 -11.96 21.81 29.41
N ASN A 263 -13.24 21.83 29.04
CA ASN A 263 -14.25 22.37 29.96
C ASN A 263 -14.68 21.37 31.01
N VAL A 264 -14.35 20.09 30.86
CA VAL A 264 -14.71 19.10 31.88
C VAL A 264 -13.99 19.38 33.17
N GLY A 265 -12.80 19.97 33.09
CA GLY A 265 -12.03 20.18 34.31
C GLY A 265 -11.51 18.85 34.84
N GLN A 266 -11.79 18.58 36.10
CA GLN A 266 -11.23 17.41 36.77
C GLN A 266 -12.18 16.23 36.56
N ALA A 267 -11.69 15.22 35.83
CA ALA A 267 -12.44 13.99 35.61
C ALA A 267 -11.53 12.81 35.90
N THR A 268 -12.09 11.78 36.53
CA THR A 268 -11.31 10.62 36.90
C THR A 268 -10.94 9.85 35.64
N VAL A 269 -10.17 8.77 35.82
CA VAL A 269 -9.55 8.00 34.75
C VAL A 269 -8.96 6.75 35.38
N PRO A 270 -8.98 5.61 34.69
CA PRO A 270 -8.24 4.45 35.18
C PRO A 270 -6.75 4.64 34.90
N VAL A 271 -5.93 4.21 35.86
CA VAL A 271 -4.48 4.29 35.71
C VAL A 271 -4.00 3.01 35.06
N TRP A 272 -3.44 3.12 33.88
CA TRP A 272 -3.00 1.97 33.18
C TRP A 272 -1.67 1.58 33.59
N SER A 273 -1.22 0.40 33.25
CA SER A 273 0.16 0.06 33.52
C SER A 273 0.72 -0.48 32.29
N GLN A 274 2.04 -0.48 32.20
CA GLN A 274 2.67 -0.80 30.95
C GLN A 274 2.30 -2.18 30.54
N PHE A 275 2.04 -3.04 31.50
CA PHE A 275 1.85 -4.44 31.19
C PHE A 275 0.45 -4.82 30.88
N ASN A 276 -0.42 -3.84 30.79
CA ASN A 276 -1.81 -4.06 30.48
C ASN A 276 -2.61 -4.44 31.67
N GLU A 277 -2.07 -4.30 32.84
CA GLU A 277 -2.99 -4.33 33.97
C GLU A 277 -3.69 -2.99 34.07
N VAL A 278 -4.60 -2.87 35.03
CA VAL A 278 -5.14 -1.60 35.46
C VAL A 278 -4.93 -1.51 36.95
N ILE A 279 -4.09 -0.58 37.39
CA ILE A 279 -3.65 -0.62 38.77
C ILE A 279 -4.46 0.34 39.63
N GLY A 280 -4.26 1.65 39.47
CA GLY A 280 -5.00 2.62 40.23
C GLY A 280 -6.03 3.35 39.39
N HIS A 281 -6.67 4.34 40.02
CA HIS A 281 -7.50 5.30 39.30
C HIS A 281 -7.22 6.67 39.90
N ARG A 282 -6.82 7.62 39.06
CA ARG A 282 -6.45 8.94 39.53
C ARG A 282 -7.37 9.99 38.94
N ARG A 283 -7.42 11.13 39.60
CA ARG A 283 -8.28 12.25 39.20
C ARG A 283 -7.37 13.38 38.75
N LYS A 284 -7.35 13.64 37.45
CA LYS A 284 -6.42 14.61 36.88
C LYS A 284 -7.16 15.71 36.17
N SER A 285 -6.53 16.88 36.12
CA SER A 285 -7.10 18.00 35.40
C SER A 285 -6.98 17.76 33.90
N THR A 286 -8.11 17.83 33.21
CA THR A 286 -8.14 17.67 31.76
C THR A 286 -7.97 18.98 31.03
N SER A 287 -7.73 20.08 31.74
CA SER A 287 -7.58 21.38 31.11
C SER A 287 -6.35 21.40 30.19
N GLU A 288 -6.55 21.84 28.96
CA GLU A 288 -5.48 21.94 28.00
C GLU A 288 -4.59 23.15 28.30
N PRO A 289 -3.30 23.05 28.02
CA PRO A 289 -2.40 24.19 28.27
C PRO A 289 -2.68 25.38 27.38
N HIS A 290 -1.90 26.45 27.55
CA HIS A 290 -2.20 27.70 26.84
C HIS A 290 -2.02 27.55 25.35
N PHE A 291 -0.89 26.97 24.92
CA PHE A 291 -0.64 26.83 23.49
C PHE A 291 -1.64 25.93 22.81
N VAL A 292 -2.30 25.04 23.56
CA VAL A 292 -3.40 24.29 22.98
C VAL A 292 -4.67 25.13 22.98
N SER A 293 -4.91 25.89 24.06
CA SER A 293 -6.11 26.68 24.16
C SER A 293 -6.13 27.86 23.19
N SER A 294 -5.02 28.18 22.55
CA SER A 294 -5.03 29.24 21.56
C SER A 294 -5.68 28.80 20.26
N THR A 295 -5.53 27.53 19.88
CA THR A 295 -6.18 27.02 18.68
C THR A 295 -7.69 26.89 18.86
N PHE A 296 -8.17 26.87 20.11
CA PHE A 296 -9.60 26.79 20.35
C PHE A 296 -10.33 27.93 19.68
N ILE A 297 -9.76 29.13 19.70
CA ILE A 297 -10.40 30.27 19.04
C ILE A 297 -10.48 30.05 17.54
N SER A 298 -9.41 29.52 16.95
CA SER A 298 -9.42 29.26 15.52
C SER A 298 -10.49 28.24 15.14
N LEU A 299 -10.63 27.18 15.94
CA LEU A 299 -11.69 26.22 15.64
C LEU A 299 -13.08 26.81 15.87
N ARG A 300 -13.22 27.70 16.85
CA ARG A 300 -14.50 28.39 17.03
C ARG A 300 -14.85 29.17 15.77
N ALA A 301 -13.93 29.99 15.29
CA ALA A 301 -14.22 30.80 14.10
C ALA A 301 -14.44 29.92 12.88
N LYS A 302 -13.76 28.78 12.81
CA LYS A 302 -13.82 27.97 11.61
C LYS A 302 -15.09 27.12 11.54
N ARG A 303 -15.54 26.57 12.67
CA ARG A 303 -16.77 25.79 12.68
C ARG A 303 -18.01 26.64 12.41
N ALA A 304 -17.91 27.95 12.54
CA ALA A 304 -19.01 28.82 12.16
C ALA A 304 -19.11 28.93 10.63
N GLU A 305 -18.05 29.47 10.01
CA GLU A 305 -18.04 29.66 8.55
C GLU A 305 -18.32 28.38 7.78
N LEU A 306 -17.95 27.22 8.32
CA LEU A 306 -18.24 25.94 7.68
C LEU A 306 -18.91 25.03 8.68
N LEU A 307 -20.21 24.78 8.48
CA LEU A 307 -21.02 23.65 8.96
C LEU A 307 -22.49 23.91 8.67
N TYR A 308 -23.30 22.87 8.75
CA TYR A 308 -24.74 23.07 8.73
C TYR A 308 -25.17 23.63 10.08
N PRO A 309 -26.03 24.66 10.12
CA PRO A 309 -26.28 25.37 11.39
C PRO A 309 -26.72 24.49 12.54
N GLU A 310 -27.65 23.57 12.32
CA GLU A 310 -28.16 22.75 13.41
C GLU A 310 -27.08 21.86 13.97
N PHE A 311 -26.25 21.28 13.11
CA PHE A 311 -25.16 20.45 13.61
C PHE A 311 -24.10 21.28 14.32
N ASN A 312 -23.86 22.51 13.85
CA ASN A 312 -22.95 23.39 14.57
C ASN A 312 -23.46 23.69 15.96
N ALA A 313 -24.75 24.02 16.08
CA ALA A 313 -25.34 24.22 17.39
C ALA A 313 -25.29 22.96 18.23
N TYR A 314 -25.31 21.79 17.58
CA TYR A 314 -25.18 20.55 18.33
C TYR A 314 -23.75 20.36 18.84
N ILE A 315 -22.76 20.85 18.11
CA ILE A 315 -21.38 20.77 18.60
C ILE A 315 -21.18 21.73 19.77
N ASN A 316 -21.59 23.00 19.59
CA ASN A 316 -21.52 23.95 20.69
C ASN A 316 -22.26 23.41 21.91
N ARG A 317 -23.38 22.72 21.68
CA ARG A 317 -24.08 22.04 22.75
C ARG A 317 -23.23 20.93 23.35
N ALA A 318 -22.48 20.19 22.53
CA ALA A 318 -21.59 19.18 23.07
C ALA A 318 -20.46 19.78 23.88
N ILE A 319 -20.12 21.04 23.65
CA ILE A 319 -19.15 21.73 24.49
C ILE A 319 -19.79 22.15 25.81
N GLN A 320 -20.81 22.99 25.74
CA GLN A 320 -21.41 23.54 26.96
C GLN A 320 -21.90 22.44 27.88
N LEU A 321 -22.73 21.53 27.38
CA LEU A 321 -23.51 20.65 28.23
C LEU A 321 -22.81 19.35 28.59
N SER A 322 -21.57 19.14 28.17
CA SER A 322 -20.83 17.94 28.55
C SER A 322 -20.26 18.12 29.95
N LYS A 323 -20.63 17.23 30.87
CA LYS A 323 -20.11 17.33 32.24
C LYS A 323 -18.80 16.57 32.38
N THR A 324 -18.87 15.24 32.35
CA THR A 324 -17.70 14.42 32.64
C THR A 324 -17.02 13.99 31.35
N GLN A 325 -16.04 13.08 31.46
CA GLN A 325 -15.35 12.58 30.28
C GLN A 325 -16.22 11.68 29.44
N ASN A 326 -16.97 10.78 30.08
CA ASN A 326 -17.89 9.91 29.35
C ASN A 326 -18.79 10.73 28.44
N ASP A 327 -19.20 11.91 28.92
CA ASP A 327 -20.02 12.79 28.10
C ASP A 327 -19.28 13.18 26.82
N VAL A 328 -18.02 13.55 26.93
CA VAL A 328 -17.26 13.93 25.75
C VAL A 328 -17.12 12.75 24.81
N ALA A 329 -16.95 11.54 25.36
CA ALA A 329 -16.83 10.36 24.51
C ALA A 329 -18.13 10.10 23.75
N ASN A 330 -19.28 10.25 24.42
CA ASN A 330 -20.55 9.99 23.76
C ASN A 330 -20.84 11.04 22.69
N TYR A 331 -20.77 12.32 23.05
CA TYR A 331 -20.96 13.35 22.04
C TYR A 331 -19.92 13.25 20.92
N TYR A 332 -18.77 12.64 21.18
CA TYR A 332 -17.81 12.49 20.10
C TYR A 332 -18.16 11.32 19.20
N ALA A 333 -18.66 10.22 19.76
CA ALA A 333 -19.16 9.14 18.91
C ALA A 333 -20.34 9.62 18.09
N ALA A 334 -21.12 10.55 18.63
CA ALA A 334 -22.25 11.09 17.88
C ALA A 334 -21.75 12.01 16.77
N CYS A 335 -21.07 13.11 17.14
CA CYS A 335 -20.54 14.02 16.14
C CYS A 335 -19.62 13.34 15.14
N ARG A 336 -19.09 12.17 15.48
CA ARG A 336 -18.34 11.39 14.51
C ARG A 336 -19.25 10.60 13.59
N ALA A 337 -20.34 10.05 14.11
CA ALA A 337 -21.29 9.34 13.26
C ALA A 337 -22.09 10.28 12.37
N MET A 338 -22.17 11.56 12.73
CA MET A 338 -22.95 12.51 11.93
C MET A 338 -22.19 13.00 10.71
N THR A 339 -20.89 13.28 10.86
CA THR A 339 -20.10 13.81 9.77
C THR A 339 -19.48 12.73 8.90
N ASN A 340 -19.74 11.46 9.20
CA ASN A 340 -18.98 10.40 8.55
C ASN A 340 -19.87 9.18 8.45
N ASP A 341 -19.64 8.40 7.39
CA ASP A 341 -20.47 7.25 7.07
C ASP A 341 -19.59 6.05 6.76
N GLY A 342 -20.13 4.86 7.01
CA GLY A 342 -19.53 3.72 6.36
C GLY A 342 -19.79 3.87 4.88
N THR A 343 -18.71 4.06 4.13
CA THR A 343 -18.76 4.36 2.70
C THR A 343 -17.41 3.99 2.14
N PHE A 344 -17.33 3.96 0.82
CA PHE A 344 -16.03 3.97 0.15
C PHE A 344 -16.06 5.08 -0.88
N LEU A 345 -15.22 6.09 -0.67
CA LEU A 345 -15.19 7.23 -1.58
C LEU A 345 -14.57 6.78 -2.89
N ALA A 346 -15.30 6.92 -3.99
CA ALA A 346 -14.76 6.51 -5.27
C ALA A 346 -15.47 7.24 -6.39
N THR A 347 -14.73 7.42 -7.48
CA THR A 347 -15.21 7.90 -8.78
C THR A 347 -14.30 7.33 -9.84
N LEU A 348 -14.41 7.85 -11.06
CA LEU A 348 -13.35 7.66 -12.03
C LEU A 348 -12.02 8.04 -11.42
N THR A 349 -11.05 7.14 -11.50
CA THR A 349 -9.74 7.40 -10.91
C THR A 349 -9.15 8.69 -11.44
N GLU A 350 -9.23 8.86 -12.76
CA GLU A 350 -8.72 10.06 -13.40
C GLU A 350 -9.50 11.31 -13.01
N LEU A 351 -10.65 11.17 -12.35
CA LEU A 351 -11.35 12.35 -11.88
C LEU A 351 -10.71 12.88 -10.61
N SER A 352 -10.39 12.00 -9.67
CA SER A 352 -9.76 12.35 -8.40
C SER A 352 -8.25 12.23 -8.45
N LEU A 353 -7.66 11.96 -9.62
CA LEU A 353 -6.25 11.66 -9.70
C LEU A 353 -5.39 12.83 -9.22
N ASP A 354 -5.63 14.03 -9.76
CA ASP A 354 -4.82 15.19 -9.40
C ASP A 354 -4.80 15.45 -7.90
N ALA A 355 -5.93 15.87 -7.34
CA ALA A 355 -5.95 16.31 -5.95
C ALA A 355 -5.57 15.20 -4.98
N ALA A 356 -5.39 13.97 -5.45
CA ALA A 356 -4.89 12.89 -4.60
C ALA A 356 -3.40 12.70 -4.79
N VAL A 357 -2.99 12.20 -5.96
CA VAL A 357 -1.61 11.75 -6.17
C VAL A 357 -0.73 12.80 -6.87
N PHE A 358 -1.30 13.92 -7.31
CA PHE A 358 -0.48 14.91 -8.01
C PHE A 358 0.48 15.57 -7.02
N PRO A 359 1.73 15.79 -7.41
CA PRO A 359 2.73 16.24 -6.45
C PRO A 359 2.41 17.63 -5.89
N ARG A 360 2.64 17.76 -4.59
CA ARG A 360 2.39 19.00 -3.87
C ARG A 360 3.70 19.49 -3.27
N ILE A 361 3.97 20.77 -3.39
CA ILE A 361 5.18 21.38 -2.84
C ILE A 361 4.82 22.64 -2.10
N GLU A 362 5.24 22.72 -0.84
CA GLU A 362 4.98 23.91 -0.03
C GLU A 362 6.06 23.97 1.04
N GLN A 363 5.89 24.90 1.97
CA GLN A 363 6.82 25.12 3.10
C GLN A 363 8.19 25.44 2.51
N ARG A 364 9.26 24.86 3.01
CA ARG A 364 10.61 25.16 2.57
C ARG A 364 11.12 24.05 1.67
N LEU A 365 11.91 24.42 0.67
CA LEU A 365 12.46 23.44 -0.24
C LEU A 365 13.56 22.64 0.46
N VAL A 366 14.13 21.71 -0.28
CA VAL A 366 15.18 20.85 0.21
C VAL A 366 16.40 21.03 -0.67
N THR A 367 17.57 20.94 -0.05
CA THR A 367 18.83 21.26 -0.70
C THR A 367 19.67 20.00 -0.87
N ARG A 368 20.54 20.03 -1.85
CA ARG A 368 21.29 18.82 -2.15
C ARG A 368 22.41 18.61 -1.14
N PRO A 369 22.77 17.36 -0.88
CA PRO A 369 24.03 17.09 -0.19
C PRO A 369 25.18 17.25 -1.16
N ALA A 370 26.30 17.75 -0.64
CA ALA A 370 27.50 17.81 -1.44
C ALA A 370 27.95 16.41 -1.82
N VAL A 371 28.15 16.19 -3.11
CA VAL A 371 28.45 14.86 -3.63
C VAL A 371 29.96 14.70 -3.68
N LEU A 372 30.49 13.86 -2.78
CA LEU A 372 31.93 13.72 -2.63
C LEU A 372 32.51 12.74 -3.65
N MET A 373 31.85 11.61 -3.87
CA MET A 373 32.30 10.55 -4.75
C MET A 373 31.34 10.45 -5.93
N SER A 374 31.91 10.31 -7.13
CA SER A 374 31.07 10.38 -8.33
C SER A 374 31.49 9.28 -9.29
N ASN A 375 30.61 9.02 -10.25
CA ASN A 375 30.90 8.10 -11.33
C ASN A 375 31.59 8.85 -12.47
N THR A 376 31.95 8.11 -13.52
CA THR A 376 32.38 8.75 -14.76
C THR A 376 31.23 9.41 -15.49
N ARG A 377 29.99 9.16 -15.06
CA ARG A 377 28.82 9.86 -15.55
C ARG A 377 28.50 11.11 -14.74
N HIS A 378 29.36 11.46 -13.79
CA HIS A 378 29.13 12.56 -12.85
C HIS A 378 27.90 12.30 -11.97
N GLU A 379 27.63 11.04 -11.68
CA GLU A 379 26.54 10.66 -10.79
C GLU A 379 27.04 10.79 -9.35
N SER A 380 26.26 10.29 -8.39
CA SER A 380 26.60 10.41 -6.98
C SER A 380 26.92 9.04 -6.41
N LEU A 381 28.04 8.94 -5.69
CA LEU A 381 28.42 7.74 -4.95
C LEU A 381 28.36 7.99 -3.45
N LYS A 382 29.31 8.73 -2.89
CA LYS A 382 29.15 9.27 -1.55
C LYS A 382 28.62 10.69 -1.64
N GLN A 383 27.74 11.04 -0.71
CA GLN A 383 27.25 12.40 -0.60
C GLN A 383 26.95 12.73 0.85
N LYS A 384 27.29 13.94 1.27
CA LYS A 384 27.22 14.36 2.66
C LYS A 384 26.65 15.77 2.70
N TYR A 385 25.96 16.10 3.78
CA TYR A 385 25.20 17.34 3.85
C TYR A 385 25.98 18.48 4.49
N THR A 386 25.83 19.67 3.92
CA THR A 386 26.18 20.90 4.60
C THR A 386 25.35 21.02 5.88
N ASN A 387 24.06 21.31 5.70
CA ASN A 387 23.08 21.62 6.75
C ASN A 387 21.76 21.99 6.05
N GLY A 388 20.68 22.20 6.81
CA GLY A 388 20.50 21.64 8.14
C GLY A 388 19.93 20.24 8.17
N VAL A 389 18.84 20.04 7.43
CA VAL A 389 17.97 18.89 7.66
C VAL A 389 18.67 17.58 7.30
N GLY A 390 19.44 17.59 6.21
CA GLY A 390 20.22 16.42 5.86
C GLY A 390 21.13 16.00 6.99
N SER A 391 21.92 16.94 7.52
CA SER A 391 22.80 16.62 8.64
C SER A 391 22.02 16.28 9.89
N ILE A 392 20.83 16.87 10.05
CA ILE A 392 19.99 16.52 11.20
C ILE A 392 19.61 15.05 11.16
N ALA A 393 19.25 14.55 9.98
CA ALA A 393 18.92 13.13 9.88
C ALA A 393 20.15 12.25 9.93
N GLN A 394 21.25 12.68 9.31
CA GLN A 394 22.43 11.85 9.20
C GLN A 394 23.13 11.68 10.55
N SER A 395 23.07 12.71 11.40
CA SER A 395 23.69 12.60 12.72
C SER A 395 23.07 11.47 13.54
N TYR A 396 21.93 10.93 13.13
CA TYR A 396 21.32 9.77 13.74
C TYR A 396 21.46 8.54 12.85
N LEU A 397 20.89 8.58 11.65
CA LEU A 397 20.86 7.40 10.79
C LEU A 397 22.27 6.91 10.47
N SER A 398 23.21 7.83 10.27
CA SER A 398 24.56 7.48 9.83
C SER A 398 25.30 6.68 10.89
N SER A 399 24.72 6.55 12.08
CA SER A 399 25.33 5.73 13.11
C SER A 399 25.00 4.25 12.96
N PHE A 400 23.94 3.91 12.21
CA PHE A 400 23.57 2.51 12.03
C PHE A 400 24.39 1.83 10.95
N THR A 401 25.10 2.60 10.12
CA THR A 401 25.77 2.04 8.96
C THR A 401 26.75 0.94 9.36
N ASP A 402 27.53 1.19 10.41
CA ASP A 402 28.48 0.19 10.90
C ASP A 402 27.81 -1.16 11.10
N GLU A 403 26.61 -1.14 11.70
CA GLU A 403 25.92 -2.38 12.02
C GLU A 403 25.25 -2.98 10.80
N ILE A 404 24.71 -2.13 9.92
CA ILE A 404 23.94 -2.63 8.77
C ILE A 404 24.86 -3.26 7.73
N ALA A 405 26.10 -2.78 7.63
CA ALA A 405 27.05 -3.41 6.71
C ALA A 405 27.21 -4.90 6.99
N LYS A 406 27.39 -5.25 8.27
CA LYS A 406 27.56 -6.65 8.65
C LYS A 406 26.38 -7.50 8.18
N ARG A 407 25.17 -6.96 8.28
CA ARG A 407 23.98 -7.75 7.95
C ARG A 407 23.79 -7.86 6.45
N VAL A 408 23.98 -6.76 5.72
CA VAL A 408 23.76 -6.81 4.29
C VAL A 408 24.84 -7.64 3.61
N ASN A 409 26.05 -7.67 4.19
CA ASN A 409 27.09 -8.53 3.63
C ASN A 409 26.73 -10.00 3.75
N GLY A 410 26.07 -10.38 4.85
CA GLY A 410 25.82 -11.80 5.09
C GLY A 410 24.85 -12.40 4.10
N ILE A 411 23.84 -11.63 3.69
CA ILE A 411 22.84 -12.14 2.76
C ILE A 411 23.48 -12.35 1.38
N HIS A 412 22.99 -13.37 0.68
CA HIS A 412 23.36 -13.60 -0.71
C HIS A 412 22.22 -13.07 -1.57
N HIS A 413 22.48 -11.97 -2.28
CA HIS A 413 21.41 -11.19 -2.88
C HIS A 413 20.95 -11.74 -4.24
N ASP A 414 21.72 -12.63 -4.85
CA ASP A 414 21.18 -13.37 -5.98
C ASP A 414 20.03 -14.26 -5.54
N GLU A 415 20.14 -14.81 -4.33
CA GLU A 415 19.05 -15.60 -3.77
C GLU A 415 17.88 -14.73 -3.37
N ALA A 416 18.17 -13.53 -2.85
CA ALA A 416 17.13 -12.60 -2.42
C ALA A 416 16.20 -12.18 -3.55
N TRP A 417 16.62 -12.37 -4.80
CA TRP A 417 15.77 -12.11 -5.95
C TRP A 417 15.14 -13.38 -6.49
N LEU A 418 15.97 -14.39 -6.82
CA LEU A 418 15.46 -15.70 -7.24
C LEU A 418 14.30 -16.18 -6.39
N ASN A 419 14.46 -16.13 -5.07
CA ASN A 419 13.39 -16.59 -4.19
C ASN A 419 12.11 -15.80 -4.44
N PHE A 420 12.25 -14.49 -4.65
CA PHE A 420 11.08 -13.65 -4.84
C PHE A 420 10.43 -13.90 -6.19
N LEU A 421 11.22 -14.22 -7.21
CA LEU A 421 10.65 -14.59 -8.50
C LEU A 421 9.91 -15.91 -8.40
N THR A 422 10.50 -16.88 -7.70
CA THR A 422 9.82 -18.16 -7.49
C THR A 422 8.55 -18.00 -6.68
N THR A 423 8.45 -16.97 -5.84
CA THR A 423 7.19 -16.70 -5.16
C THR A 423 6.25 -15.93 -6.09
N SER A 424 6.54 -14.65 -6.33
CA SER A 424 5.70 -13.83 -7.19
C SER A 424 6.54 -13.01 -8.17
N ILE A 450 14.80 -24.43 -9.60
CA ILE A 450 15.56 -24.58 -10.84
C ILE A 450 14.66 -24.18 -11.99
N VAL A 451 15.27 -23.84 -13.13
CA VAL A 451 14.58 -23.48 -14.37
C VAL A 451 13.90 -22.12 -14.20
N MET A 452 13.78 -21.66 -12.97
CA MET A 452 13.56 -20.25 -12.71
C MET A 452 14.87 -19.50 -12.57
N GLN A 453 15.97 -20.21 -12.38
CA GLN A 453 17.30 -19.58 -12.39
C GLN A 453 17.68 -19.17 -13.81
N ALA A 454 17.61 -20.11 -14.75
CA ALA A 454 17.80 -19.79 -16.16
C ALA A 454 16.85 -18.70 -16.63
N VAL A 455 15.70 -18.54 -15.98
CA VAL A 455 14.87 -17.37 -16.24
C VAL A 455 15.49 -16.14 -15.62
N PHE A 456 16.08 -16.28 -14.42
CA PHE A 456 16.70 -15.14 -13.75
C PHE A 456 17.87 -14.59 -14.54
N ALA A 457 18.51 -15.40 -15.37
CA ALA A 457 19.75 -14.98 -16.01
C ALA A 457 19.59 -14.37 -17.40
N ARG A 458 18.42 -14.47 -18.02
CA ARG A 458 18.39 -14.21 -19.48
C ARG A 458 17.94 -12.92 -20.22
N GLU A 459 17.26 -11.89 -19.70
CA GLU A 459 17.03 -11.37 -18.34
C GLU A 459 18.23 -10.94 -17.50
N TYR A 460 18.14 -11.22 -16.21
CA TYR A 460 18.74 -10.37 -15.19
C TYR A 460 20.26 -10.37 -15.19
N ARG A 461 20.91 -11.25 -15.93
CA ARG A 461 22.36 -11.20 -15.96
C ARG A 461 22.88 -10.17 -16.96
N THR A 462 22.09 -9.79 -17.89
CA THR A 462 22.57 -8.77 -18.79
C THR A 462 22.27 -7.38 -18.26
N PRO A 463 23.13 -6.40 -18.54
CA PRO A 463 22.74 -4.99 -18.33
C PRO A 463 21.55 -4.60 -19.19
N GLU A 464 21.19 -5.41 -20.18
CA GLU A 464 19.95 -5.21 -20.93
C GLU A 464 18.74 -5.15 -20.02
N ARG A 465 18.84 -5.68 -18.80
CA ARG A 465 17.71 -5.64 -17.88
C ARG A 465 17.32 -4.22 -17.54
N ILE A 466 18.28 -3.39 -17.15
CA ILE A 466 17.95 -2.03 -16.72
C ILE A 466 17.40 -1.18 -17.85
N PHE A 467 17.53 -1.61 -19.10
CA PHE A 467 16.81 -0.91 -20.16
C PHE A 467 15.32 -1.10 -20.00
N LYS A 468 14.87 -2.37 -19.97
CA LYS A 468 13.46 -2.64 -19.75
C LYS A 468 12.99 -2.18 -18.39
N SER A 469 13.91 -1.94 -17.45
CA SER A 469 13.53 -1.34 -16.18
C SER A 469 13.24 0.14 -16.36
N LEU A 470 14.25 0.91 -16.78
CA LEU A 470 14.09 2.35 -16.93
C LEU A 470 12.93 2.71 -17.83
N LYS A 471 12.70 1.95 -18.89
CA LYS A 471 11.63 2.29 -19.82
C LYS A 471 10.30 1.66 -19.44
N ALA A 472 10.23 0.98 -18.30
CA ALA A 472 8.98 0.36 -17.87
C ALA A 472 8.03 1.43 -17.35
N PRO A 473 6.84 1.59 -17.92
CA PRO A 473 5.86 2.49 -17.33
C PRO A 473 5.40 1.98 -15.98
N ILE A 474 4.85 2.89 -15.19
CA ILE A 474 4.42 2.60 -13.82
C ILE A 474 2.90 2.76 -13.77
N LYS A 475 2.20 1.64 -13.59
CA LYS A 475 0.75 1.68 -13.48
C LYS A 475 0.33 2.36 -12.16
N LEU A 476 -0.74 3.12 -12.25
CA LEU A 476 -1.35 3.76 -11.09
C LEU A 476 -2.48 2.87 -10.60
N VAL A 477 -2.33 2.33 -9.40
CA VAL A 477 -3.33 1.47 -8.79
C VAL A 477 -3.88 2.18 -7.56
N GLU A 478 -5.15 2.58 -7.62
CA GLU A 478 -5.80 3.25 -6.52
C GLU A 478 -6.57 2.26 -5.66
N ARG A 479 -6.57 2.51 -4.35
CA ARG A 479 -7.31 1.72 -3.39
C ARG A 479 -8.32 2.63 -2.70
N GLN A 480 -9.52 2.10 -2.47
CA GLN A 480 -10.63 2.87 -1.95
C GLN A 480 -10.67 2.76 -0.44
N GLN A 481 -10.81 3.90 0.24
CA GLN A 481 -10.79 3.95 1.69
C GLN A 481 -12.17 4.29 2.24
N SER A 482 -12.42 3.81 3.45
CA SER A 482 -13.71 3.98 4.09
C SER A 482 -14.08 5.45 4.24
N ASP A 483 -13.40 6.15 5.14
CA ASP A 483 -13.76 7.52 5.48
C ASP A 483 -12.90 8.57 4.77
N ARG A 484 -11.92 8.15 3.97
CA ARG A 484 -11.01 9.08 3.33
C ARG A 484 -10.95 8.84 1.83
N ARG A 485 -10.34 9.80 1.15
CA ARG A 485 -10.32 9.85 -0.30
C ARG A 485 -9.51 8.68 -0.87
N GLN A 486 -9.72 8.41 -2.16
CA GLN A 486 -8.99 7.36 -2.86
C GLN A 486 -7.48 7.50 -2.63
N ARG A 487 -6.85 6.41 -2.24
CA ARG A 487 -5.43 6.41 -1.93
C ARG A 487 -4.69 5.69 -3.05
N ALA A 488 -3.76 6.40 -3.68
CA ALA A 488 -2.93 5.80 -4.72
C ALA A 488 -1.85 4.93 -4.08
N ILE A 489 -1.73 3.69 -4.55
CA ILE A 489 -0.76 2.74 -4.04
C ILE A 489 0.17 2.33 -5.18
N SER A 490 1.47 2.36 -4.91
CA SER A 490 2.45 1.85 -5.86
C SER A 490 2.30 0.33 -5.97
N GLY A 491 2.38 -0.16 -7.20
CA GLY A 491 2.13 -1.56 -7.48
C GLY A 491 3.38 -2.42 -7.43
N LEU A 492 3.16 -3.72 -7.63
CA LEU A 492 4.20 -4.73 -7.58
C LEU A 492 4.84 -5.02 -8.94
N ASP A 493 5.39 -6.22 -9.04
CA ASP A 493 6.46 -6.64 -9.94
C ASP A 493 6.35 -6.25 -11.41
N ASN A 494 7.49 -6.06 -12.09
CA ASN A 494 8.81 -6.46 -11.58
C ASN A 494 9.86 -5.36 -11.58
N ASP A 495 10.27 -5.01 -12.79
CA ASP A 495 11.57 -4.37 -13.02
C ASP A 495 11.73 -3.07 -12.24
N ARG A 496 10.67 -2.26 -12.17
CA ARG A 496 10.76 -1.03 -11.39
C ARG A 496 11.12 -1.32 -9.94
N LEU A 497 10.57 -2.41 -9.39
CA LEU A 497 10.98 -2.83 -8.06
C LEU A 497 12.39 -3.41 -8.08
N PHE A 498 12.78 -4.05 -9.20
CA PHE A 498 14.11 -4.60 -9.31
C PHE A 498 15.17 -3.51 -9.22
N LEU A 499 14.86 -2.30 -9.68
CA LEU A 499 15.78 -1.19 -9.44
C LEU A 499 15.87 -0.88 -7.95
N SER A 500 14.73 -0.80 -7.28
CA SER A 500 14.66 -0.36 -5.89
C SER A 500 14.78 -1.50 -4.89
N PHE A 501 15.08 -2.72 -5.33
CA PHE A 501 15.13 -3.83 -4.39
C PHE A 501 16.27 -3.68 -3.39
N MET A 502 17.48 -3.43 -3.88
CA MET A 502 18.66 -3.33 -3.02
C MET A 502 18.51 -2.29 -1.91
N PRO A 503 18.15 -1.04 -2.20
CA PRO A 503 18.04 -0.04 -1.13
C PRO A 503 16.96 -0.39 -0.13
N TYR A 504 16.04 -1.26 -0.49
CA TYR A 504 15.14 -1.85 0.50
C TYR A 504 15.85 -2.93 1.30
N THR A 505 16.70 -3.72 0.65
CA THR A 505 17.43 -4.74 1.38
C THR A 505 18.33 -4.13 2.44
N ILE A 506 18.87 -2.94 2.18
CA ILE A 506 19.58 -2.21 3.21
C ILE A 506 18.62 -1.48 4.13
N GLY A 507 17.57 -0.88 3.57
CA GLY A 507 16.75 0.03 4.33
C GLY A 507 15.90 -0.65 5.38
N LYS A 508 15.52 -1.92 5.15
CA LYS A 508 14.65 -2.59 6.10
C LYS A 508 15.39 -3.02 7.36
N GLN A 509 16.72 -2.99 7.34
CA GLN A 509 17.48 -3.53 8.46
C GLN A 509 17.28 -2.68 9.71
N ILE A 510 16.98 -1.40 9.54
CA ILE A 510 16.79 -0.52 10.69
C ILE A 510 15.62 -0.98 11.56
N TYR A 511 14.68 -1.73 10.98
CA TYR A 511 13.55 -2.23 11.77
C TYR A 511 14.02 -3.19 12.85
N GLU A 512 15.10 -3.92 12.60
CA GLU A 512 15.65 -4.77 13.64
C GLU A 512 16.27 -3.95 14.76
N LEU A 513 16.79 -2.77 14.43
CA LEU A 513 17.62 -2.01 15.35
C LEU A 513 16.88 -0.93 16.11
N ASN A 514 15.58 -0.74 15.87
CA ASN A 514 14.86 0.38 16.47
C ASN A 514 13.52 -0.07 17.04
N ASP A 515 13.08 0.69 18.04
CA ASP A 515 11.68 0.72 18.46
C ASP A 515 10.90 1.82 17.74
N ASN A 516 11.60 2.68 17.00
CA ASN A 516 10.95 3.85 16.41
C ASN A 516 9.81 3.45 15.48
N ALA A 517 10.12 2.67 14.45
CA ALA A 517 9.06 2.20 13.56
C ALA A 517 8.38 0.99 14.17
N ALA A 518 7.09 0.85 13.89
CA ALA A 518 6.33 -0.31 14.33
C ALA A 518 5.93 -1.12 13.11
N GLN A 519 6.63 -2.23 12.90
CA GLN A 519 6.23 -3.27 11.97
C GLN A 519 5.57 -4.44 12.68
N GLY A 520 5.37 -4.32 13.98
CA GLY A 520 5.15 -5.45 14.85
C GLY A 520 3.91 -6.28 14.59
N LYS A 521 3.80 -7.36 15.34
CA LYS A 521 2.69 -8.28 15.17
C LYS A 521 1.40 -7.65 15.68
N GLN A 522 0.32 -7.86 14.94
CA GLN A 522 -0.98 -7.36 15.33
C GLN A 522 -1.71 -8.43 16.12
N ALA A 523 -1.89 -8.21 17.42
CA ALA A 523 -2.57 -9.17 18.26
C ALA A 523 -4.08 -9.08 18.12
N GLY A 524 -4.59 -7.86 17.94
CA GLY A 524 -6.01 -7.61 17.90
C GLY A 524 -6.64 -7.32 19.26
N ASN A 525 -5.99 -7.74 20.33
CA ASN A 525 -6.50 -7.48 21.68
C ASN A 525 -6.19 -6.03 22.05
N ALA A 526 -6.44 -5.67 23.30
CA ALA A 526 -5.99 -4.37 23.78
C ALA A 526 -4.47 -4.31 23.90
N PHE A 527 -3.81 -5.47 23.90
CA PHE A 527 -2.36 -5.52 23.88
C PHE A 527 -1.79 -4.73 22.72
N ASP A 528 -2.58 -4.59 21.64
CA ASP A 528 -2.25 -3.70 20.54
C ASP A 528 -2.02 -2.27 21.02
N ILE A 529 -2.93 -1.77 21.85
CA ILE A 529 -2.98 -0.37 22.25
C ILE A 529 -2.29 -0.13 23.59
N GLY A 530 -1.79 -1.19 24.24
CA GLY A 530 -1.39 -1.08 25.64
C GLY A 530 -0.53 0.11 25.95
N GLU A 531 0.51 0.35 25.15
CA GLU A 531 1.42 1.45 25.47
C GLU A 531 0.81 2.82 25.21
N MET A 532 -0.09 2.94 24.23
CA MET A 532 -0.81 4.20 24.08
C MET A 532 -1.56 4.55 25.35
N LEU A 533 -2.34 3.59 25.87
CA LEU A 533 -3.01 3.76 27.16
C LEU A 533 -2.01 4.13 28.25
N TYR A 534 -0.90 3.38 28.31
CA TYR A 534 0.12 3.62 29.33
C TYR A 534 0.57 5.07 29.33
N TRP A 535 0.94 5.60 28.17
CA TRP A 535 1.45 6.97 28.15
C TRP A 535 0.35 8.00 28.28
N THR A 536 -0.90 7.63 27.98
CA THR A 536 -1.97 8.56 28.27
C THR A 536 -2.27 8.67 29.75
N SER A 537 -1.97 7.64 30.54
CA SER A 537 -2.25 7.68 31.97
C SER A 537 -1.08 8.20 32.81
N GLN A 538 0.10 8.37 32.22
CA GLN A 538 1.24 8.92 32.95
C GLN A 538 1.06 10.42 33.19
N ARG A 539 1.82 10.95 34.13
CA ARG A 539 1.79 12.37 34.41
C ARG A 539 2.78 13.12 33.53
N ASN A 540 2.72 14.45 33.60
CA ASN A 540 3.63 15.34 32.87
C ASN A 540 3.80 14.92 31.41
N VAL A 541 2.69 14.62 30.74
CA VAL A 541 2.74 14.05 29.40
C VAL A 541 2.26 15.08 28.39
N LEU A 542 2.94 15.13 27.24
CA LEU A 542 2.49 15.86 26.07
C LEU A 542 2.40 14.89 24.91
N LEU A 543 1.19 14.66 24.42
CA LEU A 543 0.91 13.66 23.40
C LEU A 543 0.68 14.36 22.07
N SER A 544 1.57 14.12 21.11
CA SER A 544 1.42 14.65 19.77
C SER A 544 1.36 13.50 18.79
N SER A 545 0.20 13.32 18.17
CA SER A 545 0.00 12.33 17.11
C SER A 545 -0.14 13.08 15.80
N ILE A 546 0.87 12.96 14.94
CA ILE A 546 0.90 13.69 13.69
C ILE A 546 0.24 12.83 12.61
N ASP A 547 -0.68 13.42 11.85
CA ASP A 547 -1.27 12.72 10.72
C ASP A 547 -0.45 13.09 9.50
N VAL A 548 0.36 12.15 9.03
CA VAL A 548 1.37 12.42 8.02
C VAL A 548 0.93 11.98 6.63
N ALA A 549 -0.32 11.52 6.48
CA ALA A 549 -0.73 10.68 5.36
C ALA A 549 -0.33 11.25 3.99
N GLY A 550 -0.07 12.54 3.91
CA GLY A 550 0.32 13.15 2.65
C GLY A 550 1.74 12.86 2.23
N MET A 551 2.37 11.86 2.88
CA MET A 551 3.74 11.47 2.52
C MET A 551 3.87 11.03 1.08
N ASP A 552 2.77 10.73 0.40
CA ASP A 552 2.87 10.26 -0.98
C ASP A 552 3.26 11.41 -1.90
N ALA A 553 2.41 12.42 -2.00
CA ALA A 553 2.66 13.54 -2.90
C ALA A 553 3.40 14.70 -2.23
N SER A 554 3.73 14.59 -0.95
CA SER A 554 4.48 15.67 -0.31
C SER A 554 5.98 15.41 -0.30
N VAL A 555 6.40 14.24 -0.78
CA VAL A 555 7.83 13.92 -0.86
C VAL A 555 8.34 14.29 -2.25
N THR A 556 9.17 15.34 -2.31
CA THR A 556 9.67 15.83 -3.58
C THR A 556 10.81 14.92 -4.05
N THR A 557 11.49 15.32 -5.12
CA THR A 557 12.60 14.50 -5.60
C THR A 557 13.83 14.68 -4.73
N ASN A 558 14.04 15.87 -4.19
CA ASN A 558 15.19 16.09 -3.32
C ASN A 558 14.97 15.55 -1.91
N THR A 559 13.72 15.34 -1.51
CA THR A 559 13.45 14.72 -0.22
C THR A 559 13.78 13.25 -0.18
N LYS A 560 14.15 12.64 -1.31
CA LYS A 560 14.66 11.27 -1.26
C LYS A 560 16.10 11.23 -0.79
N ASP A 561 16.88 12.24 -1.16
CA ASP A 561 18.31 12.23 -0.86
C ASP A 561 18.61 12.08 0.62
N ILE A 562 17.69 12.49 1.49
CA ILE A 562 17.88 12.25 2.92
C ILE A 562 18.03 10.77 3.17
N TYR A 563 17.27 9.95 2.44
CA TYR A 563 17.39 8.50 2.53
C TYR A 563 18.54 7.99 1.65
N ASN A 564 18.81 8.66 0.53
CA ASN A 564 19.84 8.18 -0.39
C ASN A 564 21.22 8.26 0.23
N THR A 565 21.52 9.36 0.93
CA THR A 565 22.82 9.45 1.59
C THR A 565 23.00 8.31 2.59
N PHE A 566 21.93 7.96 3.30
CA PHE A 566 21.98 6.82 4.21
C PHE A 566 22.29 5.53 3.47
N VAL A 567 21.49 5.21 2.44
CA VAL A 567 21.64 3.93 1.76
C VAL A 567 23.02 3.82 1.11
N LEU A 568 23.48 4.90 0.47
CA LEU A 568 24.81 4.91 -0.10
C LEU A 568 25.86 4.70 0.98
N ASP A 569 25.88 5.58 1.99
CA ASP A 569 26.90 5.48 3.03
C ASP A 569 26.89 4.13 3.72
N VAL A 570 25.79 3.39 3.66
CA VAL A 570 25.84 1.98 4.06
C VAL A 570 26.50 1.15 2.97
N ALA A 571 26.17 1.42 1.71
CA ALA A 571 26.69 0.59 0.63
C ALA A 571 28.20 0.71 0.45
N SER A 572 28.81 1.81 0.90
CA SER A 572 30.26 1.91 0.81
C SER A 572 30.94 0.90 1.72
N LYS A 573 30.32 0.59 2.85
CA LYS A 573 30.83 -0.45 3.73
C LYS A 573 30.45 -1.84 3.22
N CYS A 574 29.25 -1.96 2.65
CA CYS A 574 28.77 -3.24 2.18
C CYS A 574 29.61 -3.76 1.02
N THR A 575 30.07 -5.01 1.14
CA THR A 575 30.82 -5.67 0.08
C THR A 575 30.07 -6.91 -0.36
N VAL A 576 29.53 -6.90 -1.57
CA VAL A 576 28.95 -8.07 -2.19
C VAL A 576 29.59 -8.22 -3.58
N PRO A 577 29.98 -9.42 -3.99
CA PRO A 577 30.61 -9.54 -5.31
C PRO A 577 29.65 -9.32 -6.47
N ARG A 578 28.45 -9.90 -6.43
CA ARG A 578 27.50 -9.74 -7.53
C ARG A 578 26.08 -9.66 -7.01
N PHE A 579 25.36 -8.64 -7.46
CA PHE A 579 23.90 -8.64 -7.51
C PHE A 579 23.55 -8.41 -8.97
N GLY A 580 23.03 -9.45 -9.62
CA GLY A 580 22.87 -9.42 -11.07
C GLY A 580 21.97 -8.31 -11.54
N PRO A 581 22.38 -7.60 -12.61
CA PRO A 581 23.63 -7.72 -13.37
C PRO A 581 24.71 -6.73 -12.97
N TYR A 582 25.23 -6.79 -11.75
CA TYR A 582 26.24 -5.83 -11.30
C TYR A 582 27.45 -6.58 -10.76
N TYR A 583 28.61 -6.38 -11.38
CA TYR A 583 29.84 -6.99 -10.92
C TYR A 583 30.57 -6.04 -10.00
N ALA A 584 31.12 -6.59 -8.91
CA ALA A 584 32.06 -5.82 -8.11
C ALA A 584 33.34 -5.65 -8.92
N LYS A 585 33.75 -4.42 -9.15
CA LYS A 585 34.87 -4.17 -10.06
C LYS A 585 35.47 -2.81 -9.75
N ASN A 586 36.68 -2.61 -10.25
CA ASN A 586 37.37 -1.35 -10.08
C ASN A 586 36.75 -0.31 -11.02
N MET A 587 36.27 0.78 -10.44
CA MET A 587 35.57 1.80 -11.19
C MET A 587 36.25 3.14 -10.96
N GLU A 588 36.21 3.99 -11.99
CA GLU A 588 36.85 5.29 -11.93
C GLU A 588 35.92 6.31 -11.29
N VAL A 589 36.46 7.06 -10.34
CA VAL A 589 35.70 7.94 -9.48
C VAL A 589 36.36 9.31 -9.46
N PHE A 590 35.57 10.36 -9.27
CA PHE A 590 36.09 11.71 -9.07
C PHE A 590 35.68 12.17 -7.69
N GLU A 591 36.67 12.59 -6.89
CA GLU A 591 36.32 13.28 -5.65
C GLU A 591 36.09 14.76 -5.92
N VAL A 592 35.78 15.50 -4.85
CA VAL A 592 35.62 16.94 -4.97
C VAL A 592 36.97 17.62 -4.99
N GLY A 593 37.89 17.21 -4.12
CA GLY A 593 39.18 17.84 -4.05
C GLY A 593 40.21 17.30 -5.03
N LYS A 594 39.81 16.39 -5.91
CA LYS A 594 40.72 15.75 -6.84
C LYS A 594 40.19 15.90 -8.25
N ARG A 595 41.00 16.45 -9.14
CA ARG A 595 40.54 16.82 -10.47
C ARG A 595 40.48 15.62 -11.40
N GLN A 596 41.49 14.76 -11.38
CA GLN A 596 41.55 13.64 -12.31
C GLN A 596 40.64 12.52 -11.85
N SER A 597 40.69 11.40 -12.58
CA SER A 597 39.94 10.20 -12.26
C SER A 597 40.81 9.25 -11.46
N GLN A 598 40.19 8.55 -10.51
CA GLN A 598 40.91 7.66 -9.62
C GLN A 598 40.24 6.29 -9.57
N VAL A 599 41.06 5.28 -9.29
CA VAL A 599 40.66 3.89 -9.32
C VAL A 599 40.35 3.46 -7.90
N ARG A 600 39.10 3.05 -7.66
CA ARG A 600 38.69 2.55 -6.36
C ARG A 600 37.74 1.37 -6.53
N TYR A 601 37.92 0.37 -5.69
CA TYR A 601 37.13 -0.85 -5.80
C TYR A 601 35.69 -0.57 -5.41
N VAL A 602 34.76 -0.93 -6.29
CA VAL A 602 33.36 -0.54 -6.17
C VAL A 602 32.52 -1.79 -6.17
N ASN A 603 31.71 -1.96 -5.11
CA ASN A 603 30.97 -3.19 -4.89
C ASN A 603 29.75 -3.24 -5.80
N ALA A 604 29.01 -4.35 -5.70
CA ALA A 604 27.79 -4.48 -6.49
C ALA A 604 26.66 -3.63 -5.90
N ALA A 605 26.42 -3.75 -4.59
CA ALA A 605 25.36 -2.97 -3.97
C ALA A 605 25.64 -1.49 -4.04
N TRP A 606 26.92 -1.11 -4.10
CA TRP A 606 27.30 0.29 -4.23
C TRP A 606 26.99 0.82 -5.64
N GLN A 607 27.15 -0.03 -6.66
CA GLN A 607 26.76 0.34 -8.01
C GLN A 607 25.25 0.40 -8.17
N ALA A 608 24.56 -0.63 -7.71
CA ALA A 608 23.10 -0.61 -7.73
C ALA A 608 22.58 0.65 -7.07
N CYS A 609 22.96 0.87 -5.81
CA CYS A 609 22.54 2.07 -5.10
C CYS A 609 23.08 3.34 -5.74
N ALA A 610 24.08 3.25 -6.61
CA ALA A 610 24.50 4.41 -7.36
C ALA A 610 23.49 4.74 -8.46
N LEU A 611 22.96 3.71 -9.15
CA LEU A 611 22.02 3.96 -10.24
C LEU A 611 20.62 4.25 -9.72
N GLU A 612 20.23 3.58 -8.65
CA GLU A 612 18.90 3.74 -8.06
C GLU A 612 18.61 5.19 -7.73
N ALA A 613 19.56 5.86 -7.09
CA ALA A 613 19.45 7.30 -6.90
C ALA A 613 19.79 8.04 -8.18
N ALA A 614 20.82 7.59 -8.89
CA ALA A 614 21.23 8.26 -10.11
C ALA A 614 20.14 8.25 -11.17
N ASP A 615 19.30 7.22 -11.18
CA ASP A 615 18.13 7.18 -12.05
C ASP A 615 16.91 6.98 -11.15
N SER A 616 16.11 8.04 -10.99
CA SER A 616 14.85 7.92 -10.25
C SER A 616 13.77 8.65 -11.04
N GLN A 617 12.80 7.90 -11.53
CA GLN A 617 11.67 8.47 -12.26
C GLN A 617 10.41 7.83 -11.70
N THR A 618 9.58 8.63 -11.04
CA THR A 618 8.31 8.13 -10.52
C THR A 618 7.20 8.88 -11.24
N SER A 619 6.54 8.20 -12.17
CA SER A 619 5.37 8.73 -12.86
C SER A 619 4.34 7.62 -12.90
N THR A 620 3.23 7.82 -12.23
CA THR A 620 2.15 6.85 -12.21
C THR A 620 1.17 7.25 -13.31
N SER A 621 1.12 6.45 -14.37
CA SER A 621 0.38 6.81 -15.58
C SER A 621 -0.87 5.96 -15.65
N TYR A 622 -2.02 6.57 -15.43
CA TYR A 622 -3.29 5.85 -15.51
C TYR A 622 -3.78 5.90 -16.95
N GLU A 623 -3.93 4.72 -17.56
CA GLU A 623 -4.40 4.60 -18.93
C GLU A 623 -5.91 4.39 -18.88
N SER A 624 -6.65 5.34 -19.43
CA SER A 624 -8.10 5.31 -19.43
C SER A 624 -8.63 5.25 -20.85
N GLU A 625 -9.94 5.13 -20.98
CA GLU A 625 -10.56 5.17 -22.29
C GLU A 625 -10.74 6.60 -22.79
N ILE A 626 -10.87 7.56 -21.89
CA ILE A 626 -11.16 8.93 -22.27
C ILE A 626 -9.93 9.58 -22.86
N PHE A 627 -8.93 9.83 -22.02
CA PHE A 627 -7.76 10.62 -22.37
C PHE A 627 -6.62 9.78 -22.91
N GLY A 628 -6.84 8.49 -23.14
CA GLY A 628 -5.74 7.62 -23.47
C GLY A 628 -4.92 7.36 -22.24
N GLN A 629 -3.60 7.52 -22.33
CA GLN A 629 -2.70 7.30 -21.22
C GLN A 629 -2.34 8.65 -20.60
N VAL A 630 -2.86 8.90 -19.39
CA VAL A 630 -2.53 10.11 -18.66
C VAL A 630 -1.20 9.82 -17.96
N LYS A 631 -0.61 10.83 -17.33
CA LYS A 631 0.67 10.69 -16.66
C LYS A 631 0.71 11.68 -15.51
N ASN A 632 1.68 11.51 -14.63
CA ASN A 632 1.94 12.46 -13.56
C ASN A 632 3.40 12.87 -13.57
N ALA A 633 3.66 14.07 -13.07
CA ALA A 633 5.03 14.50 -12.91
C ALA A 633 5.69 13.73 -11.77
N GLU A 634 6.97 13.97 -11.56
CA GLU A 634 7.67 13.16 -10.58
C GLU A 634 7.65 13.86 -9.22
N GLY A 635 8.24 13.21 -8.23
CA GLY A 635 7.96 13.60 -6.87
C GLY A 635 6.70 12.99 -6.32
N THR A 636 6.08 12.06 -7.05
CA THR A 636 4.95 11.29 -6.57
C THR A 636 5.50 9.92 -6.18
N TYR A 637 5.53 9.66 -4.88
CA TYR A 637 6.15 8.42 -4.39
C TYR A 637 5.15 7.73 -3.47
N PRO A 638 4.10 7.13 -4.01
CA PRO A 638 3.05 6.56 -3.16
C PRO A 638 3.55 5.36 -2.38
N SER A 639 3.13 5.25 -1.13
CA SER A 639 3.59 4.14 -0.30
C SER A 639 2.49 3.08 -0.19
N GLY A 640 2.62 2.05 -1.02
CA GLY A 640 1.92 0.79 -0.80
C GLY A 640 2.84 -0.41 -0.65
N ARG A 641 4.15 -0.18 -0.64
CA ARG A 641 5.11 -1.27 -0.79
C ARG A 641 6.16 -1.21 0.30
N ALA A 642 6.96 -2.27 0.35
CA ALA A 642 8.08 -2.31 1.28
C ALA A 642 9.09 -1.22 0.95
N ASP A 643 9.40 -1.02 -0.33
CA ASP A 643 10.35 0.02 -0.71
C ASP A 643 9.91 1.38 -0.21
N THR A 644 8.68 1.76 -0.56
CA THR A 644 8.18 3.10 -0.27
C THR A 644 7.94 3.30 1.22
N SER A 645 7.25 2.36 1.86
CA SER A 645 7.01 2.47 3.30
C SER A 645 8.32 2.53 4.08
N THR A 646 9.25 1.61 3.78
CA THR A 646 10.55 1.66 4.42
C THR A 646 11.35 2.90 4.03
N HIS A 647 10.95 3.59 2.97
CA HIS A 647 11.52 4.92 2.70
C HIS A 647 10.98 5.96 3.67
N HIS A 648 9.66 6.06 3.76
CA HIS A 648 9.06 7.09 4.60
C HIS A 648 9.41 6.89 6.08
N THR A 649 9.43 5.63 6.54
CA THR A 649 9.72 5.40 7.95
C THR A 649 11.16 5.77 8.30
N VAL A 650 12.11 5.42 7.44
CA VAL A 650 13.50 5.81 7.71
C VAL A 650 13.63 7.33 7.70
N LEU A 651 12.99 8.00 6.74
CA LEU A 651 13.01 9.47 6.75
C LEU A 651 12.49 10.02 8.07
N LEU A 652 11.32 9.56 8.50
CA LEU A 652 10.70 10.12 9.70
C LEU A 652 11.55 9.87 10.93
N GLN A 653 11.98 8.62 11.13
CA GLN A 653 12.92 8.29 12.20
C GLN A 653 14.09 9.25 12.21
N GLY A 654 14.85 9.27 11.11
CA GLY A 654 16.01 10.15 11.04
C GLY A 654 15.69 11.58 11.41
N LEU A 655 14.56 12.10 10.93
CA LEU A 655 14.21 13.48 11.23
C LEU A 655 14.00 13.69 12.72
N VAL A 656 13.13 12.90 13.34
CA VAL A 656 12.75 13.19 14.71
C VAL A 656 13.87 12.83 15.69
N ARG A 657 14.41 11.62 15.58
CA ARG A 657 15.48 11.23 16.49
C ARG A 657 16.73 12.07 16.26
N GLY A 658 17.05 12.33 14.99
CA GLY A 658 18.15 13.24 14.70
C GLY A 658 17.91 14.63 15.27
N ASN A 659 16.65 15.04 15.34
CA ASN A 659 16.32 16.30 16.00
C ASN A 659 16.59 16.21 17.50
N GLU A 660 16.27 15.08 18.11
CA GLU A 660 16.63 14.90 19.52
C GLU A 660 18.13 15.06 19.71
N LEU A 661 18.93 14.47 18.82
CA LEU A 661 20.38 14.64 18.91
C LEU A 661 20.79 16.09 18.67
N LYS A 662 20.06 16.82 17.83
CA LYS A 662 20.41 18.21 17.59
C LYS A 662 20.15 19.06 18.82
N ARG A 663 18.98 18.88 19.45
CA ARG A 663 18.71 19.60 20.69
C ARG A 663 19.70 19.23 21.78
N ALA A 664 20.04 17.94 21.88
CA ALA A 664 21.06 17.53 22.83
C ALA A 664 22.40 18.19 22.51
N SER A 665 22.64 18.52 21.24
CA SER A 665 23.88 19.17 20.84
C SER A 665 23.85 20.67 21.04
N ASP A 666 22.67 21.28 21.20
CA ASP A 666 22.58 22.70 21.53
C ASP A 666 22.41 22.95 23.02
N GLY A 667 22.45 21.89 23.84
CA GLY A 667 22.37 22.03 25.27
C GLY A 667 20.99 21.95 25.86
N LYS A 668 19.96 22.20 25.05
CA LYS A 668 18.59 22.13 25.56
C LYS A 668 18.22 20.68 25.83
N ASN A 669 17.67 20.43 27.02
CA ASN A 669 17.36 19.07 27.42
C ASN A 669 16.30 18.48 26.50
N SER A 670 16.56 17.27 26.00
CA SER A 670 15.73 16.61 25.01
C SER A 670 14.66 15.79 25.73
N CYS A 671 13.39 16.14 25.50
CA CYS A 671 12.29 15.46 26.15
C CYS A 671 11.64 14.51 25.15
N LEU A 672 11.81 13.20 25.37
CA LEU A 672 11.11 12.19 24.59
C LEU A 672 10.92 10.95 25.43
N ALA A 673 9.90 10.17 25.09
CA ALA A 673 9.65 8.90 25.73
C ALA A 673 9.70 7.79 24.68
N THR A 674 8.66 7.71 23.87
CA THR A 674 8.60 6.74 22.78
C THR A 674 8.19 7.45 21.50
N ILE A 675 8.62 6.89 20.37
CA ILE A 675 8.25 7.38 19.06
C ILE A 675 7.84 6.17 18.24
N LYS A 676 6.58 6.12 17.83
CA LYS A 676 6.07 5.04 16.99
C LYS A 676 5.64 5.62 15.65
N ILE A 677 6.20 5.09 14.57
CA ILE A 677 5.72 5.41 13.24
C ILE A 677 4.69 4.36 12.88
N LEU A 678 3.43 4.74 12.84
CA LEU A 678 2.38 3.87 12.33
C LEU A 678 2.31 4.10 10.82
N GLY A 679 1.29 3.57 10.17
CA GLY A 679 1.24 3.70 8.73
C GLY A 679 1.13 5.13 8.24
N ASP A 680 0.06 5.81 8.61
CA ASP A 680 -0.13 7.21 8.27
C ASP A 680 0.21 8.17 9.40
N ASP A 681 0.65 7.67 10.54
CA ASP A 681 0.65 8.45 11.77
C ASP A 681 1.95 8.30 12.51
N ILE A 682 2.47 9.41 13.04
CA ILE A 682 3.67 9.42 13.87
C ILE A 682 3.23 9.65 15.31
N MET A 683 3.82 8.90 16.23
CA MET A 683 3.58 9.09 17.66
C MET A 683 4.77 9.75 18.31
N GLU A 684 4.51 10.74 19.15
CA GLU A 684 5.54 11.42 19.91
C GLU A 684 5.01 11.67 21.32
N ILE A 685 5.84 11.36 22.32
CA ILE A 685 5.44 11.46 23.71
C ILE A 685 6.55 12.15 24.47
N PHE A 686 6.18 13.04 25.40
CA PHE A 686 7.12 13.92 26.06
C PHE A 686 6.93 13.83 27.56
N GLN A 687 7.92 14.30 28.31
CA GLN A 687 7.76 14.57 29.74
C GLN A 687 8.52 15.84 30.09
N GLY A 688 8.38 16.25 31.34
CA GLY A 688 8.95 17.49 31.80
C GLY A 688 7.91 18.60 31.88
N SER A 689 8.40 19.80 32.07
CA SER A 689 7.52 20.95 32.20
C SER A 689 6.96 21.34 30.83
N GLU A 690 6.09 22.34 30.81
CA GLU A 690 5.46 22.75 29.55
C GLU A 690 6.44 23.41 28.60
N SER A 691 7.54 23.96 29.11
CA SER A 691 8.53 24.56 28.22
C SER A 691 9.43 23.50 27.59
N ASP A 692 9.87 22.51 28.36
CA ASP A 692 10.73 21.47 27.83
C ASP A 692 9.96 20.43 27.02
N THR A 693 8.67 20.27 27.28
CA THR A 693 7.83 19.50 26.37
C THR A 693 7.49 20.33 25.14
N TYR A 694 6.81 21.46 25.35
CA TYR A 694 6.33 22.30 24.28
C TYR A 694 7.43 22.69 23.30
N ASP A 695 8.43 23.43 23.76
CA ASP A 695 9.49 23.90 22.87
C ASP A 695 10.03 22.76 22.01
N HIS A 696 10.19 21.58 22.59
CA HIS A 696 10.65 20.44 21.82
C HIS A 696 9.62 20.02 20.79
N ALA A 697 8.33 20.09 21.15
CA ALA A 697 7.28 19.78 20.18
C ALA A 697 7.32 20.73 19.00
N MET A 698 7.37 22.04 19.27
CA MET A 698 7.44 23.02 18.20
C MET A 698 8.70 22.83 17.37
N SER A 699 9.79 22.37 17.99
CA SER A 699 11.01 22.13 17.24
C SER A 699 10.82 20.97 16.27
N ASN A 700 10.23 19.86 16.75
CA ASN A 700 9.96 18.74 15.86
C ASN A 700 9.03 19.15 14.73
N ALA A 701 8.00 19.95 15.03
CA ALA A 701 7.11 20.44 13.99
C ALA A 701 7.88 21.26 12.96
N ASN A 702 8.72 22.19 13.44
CA ASN A 702 9.48 23.04 12.55
C ASN A 702 10.47 22.26 11.69
N ILE A 703 11.01 21.15 12.18
CA ILE A 703 11.91 20.36 11.36
C ILE A 703 11.17 19.40 10.44
N LEU A 704 9.91 19.07 10.73
CA LEU A 704 9.11 18.44 9.69
C LEU A 704 8.66 19.43 8.62
N ASN A 705 8.57 20.71 8.97
CA ASN A 705 8.22 21.71 7.96
C ASN A 705 9.45 22.05 7.11
N GLU A 706 10.62 22.15 7.72
CA GLU A 706 11.83 22.46 6.97
C GLU A 706 12.21 21.35 6.00
N SER A 707 11.73 20.14 6.23
CA SER A 707 11.92 19.06 5.28
C SER A 707 10.89 19.05 4.17
N GLY A 708 9.96 20.01 4.18
CA GLY A 708 9.04 20.20 3.08
C GLY A 708 7.62 19.76 3.37
N PHE A 709 7.37 19.05 4.46
CA PHE A 709 6.04 18.53 4.74
C PHE A 709 5.24 19.54 5.52
N ALA A 710 4.02 19.82 5.06
CA ALA A 710 3.09 20.66 5.82
C ALA A 710 2.08 19.73 6.47
N THR A 711 2.20 19.57 7.79
CA THR A 711 1.33 18.71 8.55
C THR A 711 0.81 19.47 9.76
N THR A 712 -0.31 19.01 10.29
CA THR A 712 -0.93 19.61 11.47
C THR A 712 -0.65 18.71 12.66
N ALA A 713 0.24 19.16 13.55
CA ALA A 713 0.48 18.44 14.78
C ALA A 713 -0.68 18.67 15.74
N GLU A 714 -1.06 17.61 16.45
CA GLU A 714 -2.16 17.67 17.39
C GLU A 714 -1.58 17.53 18.79
N LEU A 715 -1.58 18.64 19.53
CA LEU A 715 -0.93 18.74 20.82
C LEU A 715 -1.98 18.74 21.92
N SER A 716 -1.81 17.87 22.91
CA SER A 716 -2.72 17.89 24.04
C SER A 716 -2.03 17.30 25.25
N GLN A 717 -2.48 17.72 26.43
CA GLN A 717 -2.19 16.98 27.65
C GLN A 717 -2.57 15.53 27.48
N ASN A 718 -3.83 15.29 27.07
CA ASN A 718 -4.35 13.93 26.96
C ASN A 718 -5.12 13.78 25.65
N SER A 719 -4.57 12.99 24.73
CA SER A 719 -5.30 12.35 23.63
C SER A 719 -4.33 11.64 22.71
N ILE A 720 -4.81 10.65 21.96
CA ILE A 720 -4.07 10.08 20.84
C ILE A 720 -5.09 9.83 19.74
N VAL A 721 -4.91 10.47 18.59
CA VAL A 721 -5.99 10.53 17.61
C VAL A 721 -5.91 9.37 16.62
N LEU A 722 -4.82 9.28 15.86
CA LEU A 722 -4.57 8.17 14.94
C LEU A 722 -5.73 7.91 13.99
N LEU A 723 -6.00 6.63 13.72
CA LEU A 723 -7.14 6.22 12.91
C LEU A 723 -7.70 4.94 13.49
N GLN A 724 -9.02 4.93 13.70
CA GLN A 724 -9.81 3.85 14.32
C GLN A 724 -9.23 3.44 15.66
N GLN A 725 -8.40 4.30 16.23
CA GLN A 725 -7.92 4.17 17.59
C GLN A 725 -7.91 5.57 18.17
N LEU A 726 -8.72 5.84 19.18
CA LEU A 726 -8.67 7.13 19.83
C LEU A 726 -8.49 6.87 21.31
N VAL A 727 -7.32 7.23 21.83
CA VAL A 727 -6.93 6.89 23.19
C VAL A 727 -6.81 8.19 23.97
N VAL A 728 -7.74 8.38 24.90
CA VAL A 728 -7.77 9.59 25.72
C VAL A 728 -7.89 9.18 27.18
N ASN A 729 -6.96 9.67 28.00
CA ASN A 729 -7.00 9.47 29.45
C ASN A 729 -6.89 8.01 29.84
N GLY A 730 -6.30 7.18 29.00
CA GLY A 730 -6.25 5.76 29.27
C GLY A 730 -7.50 5.00 28.90
N THR A 731 -8.52 5.68 28.38
CA THR A 731 -9.70 5.00 27.89
C THR A 731 -9.55 4.73 26.40
N PHE A 732 -10.55 4.07 25.80
CA PHE A 732 -10.52 3.74 24.38
C PHE A 732 -11.82 4.21 23.74
N TRP A 733 -11.73 5.23 22.89
CA TRP A 733 -12.86 5.82 22.21
C TRP A 733 -13.09 5.24 20.82
N GLY A 734 -12.42 4.16 20.47
CA GLY A 734 -12.18 3.75 19.09
C GLY A 734 -13.34 3.83 18.12
N PHE A 735 -13.00 4.21 16.89
CA PHE A 735 -13.97 4.70 15.92
C PHE A 735 -14.84 3.57 15.38
N ALA A 736 -16.16 3.74 15.50
CA ALA A 736 -17.10 2.76 14.98
C ALA A 736 -17.48 2.99 13.52
N ASP A 737 -17.17 4.16 12.97
CA ASP A 737 -17.58 4.44 11.59
C ASP A 737 -16.63 3.82 10.58
N ARG A 738 -15.36 3.68 10.93
CA ARG A 738 -14.37 3.15 9.99
C ARG A 738 -14.80 1.77 9.50
N ILE A 739 -15.47 0.99 10.34
CA ILE A 739 -16.02 -0.28 9.90
C ILE A 739 -17.22 -0.02 9.01
N SER A 740 -17.19 -0.59 7.81
CA SER A 740 -18.30 -0.48 6.87
C SER A 740 -19.05 -1.81 6.88
N LEU A 741 -20.27 -1.80 7.41
CA LEU A 741 -21.06 -3.02 7.41
C LEU A 741 -21.62 -3.32 6.03
N TRP A 742 -22.13 -2.32 5.33
CA TRP A 742 -22.99 -2.54 4.19
C TRP A 742 -22.31 -2.44 2.84
N THR A 743 -21.04 -2.07 2.78
CA THR A 743 -20.41 -1.78 1.50
C THR A 743 -19.12 -2.57 1.35
N ARG A 744 -19.02 -3.32 0.25
CA ARG A 744 -17.75 -3.92 -0.12
C ARG A 744 -16.86 -2.88 -0.76
N GLU A 745 -15.55 -3.08 -0.66
CA GLU A 745 -14.62 -2.23 -1.37
C GLU A 745 -14.51 -2.64 -2.84
N ASP A 746 -14.68 -3.93 -3.13
CA ASP A 746 -14.50 -4.41 -4.49
C ASP A 746 -15.76 -4.23 -5.32
N THR A 747 -16.90 -4.02 -4.66
CA THR A 747 -18.21 -3.86 -5.29
C THR A 747 -18.69 -5.13 -5.98
N LYS A 748 -17.82 -6.14 -6.05
CA LYS A 748 -18.18 -7.39 -6.71
C LYS A 748 -19.01 -8.25 -5.76
N ASP A 749 -20.21 -8.61 -6.20
CA ASP A 749 -21.08 -9.47 -5.41
C ASP A 749 -20.63 -10.92 -5.53
N ILE A 750 -20.75 -11.66 -4.43
CA ILE A 750 -20.39 -13.07 -4.39
C ILE A 750 -21.55 -13.81 -3.75
N GLY A 751 -22.11 -14.78 -4.48
CA GLY A 751 -23.30 -15.47 -4.02
C GLY A 751 -23.02 -16.58 -3.03
N ARG A 752 -21.84 -16.56 -2.42
CA ARG A 752 -21.44 -17.60 -1.49
C ARG A 752 -21.89 -17.23 -0.08
N LEU A 753 -22.74 -18.07 0.51
CA LEU A 753 -23.40 -17.71 1.76
C LEU A 753 -22.46 -17.82 2.96
N ASN A 754 -21.70 -18.92 3.03
CA ASN A 754 -20.78 -19.10 4.14
C ASN A 754 -19.79 -17.95 4.24
N LEU A 755 -19.17 -17.58 3.11
CA LEU A 755 -18.22 -16.47 3.11
C LEU A 755 -18.89 -15.17 3.55
N ALA A 756 -20.10 -14.92 3.07
CA ALA A 756 -20.79 -13.69 3.43
C ALA A 756 -21.05 -13.63 4.93
N MET A 757 -21.59 -14.71 5.49
CA MET A 757 -21.84 -14.73 6.93
C MET A 757 -20.55 -14.66 7.72
N MET A 758 -19.43 -15.10 7.14
CA MET A 758 -18.14 -14.88 7.79
C MET A 758 -17.78 -13.40 7.80
N GLU A 759 -18.00 -12.71 6.68
CA GLU A 759 -17.81 -11.26 6.67
C GLU A 759 -18.63 -10.60 7.77
N LEU A 760 -19.89 -10.97 7.86
CA LEU A 760 -20.79 -10.36 8.84
C LEU A 760 -20.32 -10.64 10.26
N ASN A 761 -20.06 -11.91 10.57
CA ASN A 761 -19.60 -12.26 11.91
C ASN A 761 -18.32 -11.53 12.26
N ALA A 762 -17.43 -11.38 11.30
CA ALA A 762 -16.17 -10.70 11.57
C ALA A 762 -16.38 -9.21 11.82
N LEU A 763 -17.28 -8.58 11.07
CA LEU A 763 -17.54 -7.15 11.30
C LEU A 763 -18.19 -6.93 12.66
N ILE A 764 -19.19 -7.74 13.00
CA ILE A 764 -19.78 -7.66 14.33
C ILE A 764 -18.74 -7.92 15.41
N ASP A 765 -17.78 -8.80 15.15
CA ASP A 765 -16.66 -8.95 16.08
C ASP A 765 -15.80 -7.70 16.14
N ASP A 766 -15.75 -6.93 15.04
CA ASP A 766 -14.97 -5.69 15.06
C ASP A 766 -15.68 -4.59 15.83
N LEU A 767 -17.01 -4.58 15.83
CA LEU A 767 -17.77 -3.50 16.42
C LEU A 767 -18.15 -3.72 17.88
N VAL A 768 -17.68 -4.79 18.51
CA VAL A 768 -18.15 -5.11 19.86
C VAL A 768 -17.86 -3.96 20.81
N PHE A 769 -16.60 -3.58 20.96
CA PHE A 769 -16.25 -2.51 21.89
C PHE A 769 -16.26 -1.12 21.25
N ARG A 770 -16.63 -1.00 19.99
CA ARG A 770 -16.78 0.29 19.35
C ARG A 770 -18.23 0.77 19.32
N VAL A 771 -19.16 -0.05 19.80
CA VAL A 771 -20.57 0.24 19.77
C VAL A 771 -21.09 0.42 21.19
N ARG A 772 -21.74 1.55 21.44
CA ARG A 772 -22.14 1.92 22.79
C ARG A 772 -23.14 0.95 23.41
N ARG A 773 -23.93 0.25 22.60
CA ARG A 773 -24.93 -0.68 23.10
C ARG A 773 -24.98 -1.89 22.18
N PRO A 774 -24.05 -2.82 22.34
CA PRO A 774 -23.98 -3.90 21.35
C PRO A 774 -24.91 -5.05 21.66
N GLU A 775 -26.12 -4.73 22.09
CA GLU A 775 -27.25 -5.61 21.84
C GLU A 775 -27.85 -5.32 20.47
N GLY A 776 -27.87 -4.04 20.10
CA GLY A 776 -28.43 -3.66 18.83
C GLY A 776 -27.70 -4.29 17.67
N LEU A 777 -26.39 -4.49 17.82
CA LEU A 777 -25.65 -5.22 16.80
C LEU A 777 -26.21 -6.63 16.63
N LYS A 778 -26.80 -7.19 17.67
CA LYS A 778 -27.28 -8.56 17.59
C LYS A 778 -28.60 -8.65 16.85
N MET A 779 -29.52 -7.71 17.11
CA MET A 779 -30.76 -7.67 16.34
C MET A 779 -30.50 -7.23 14.92
N LEU A 780 -29.81 -6.12 14.75
CA LEU A 780 -29.47 -5.62 13.43
C LEU A 780 -28.78 -6.70 12.61
N GLY A 781 -27.71 -7.28 13.15
CA GLY A 781 -27.04 -8.37 12.47
C GLY A 781 -27.93 -9.57 12.24
N PHE A 782 -28.86 -9.81 13.15
CA PHE A 782 -29.81 -10.92 12.97
C PHE A 782 -30.64 -10.73 11.71
N PHE A 783 -31.26 -9.56 11.56
CA PHE A 783 -32.01 -9.31 10.34
C PHE A 783 -31.12 -9.12 9.12
N CYS A 784 -29.85 -8.80 9.34
CA CYS A 784 -28.87 -8.93 8.26
C CYS A 784 -28.82 -10.37 7.79
N GLY A 785 -28.86 -11.32 8.73
CA GLY A 785 -28.84 -12.71 8.35
C GLY A 785 -30.12 -13.16 7.69
N ALA A 786 -31.26 -12.76 8.25
CA ALA A 786 -32.54 -13.25 7.75
C ALA A 786 -32.90 -12.61 6.42
N ILE A 787 -32.87 -11.28 6.35
CA ILE A 787 -33.39 -10.60 5.18
C ILE A 787 -32.38 -10.62 4.04
N CYS A 788 -31.10 -10.36 4.34
CA CYS A 788 -30.09 -10.19 3.29
C CYS A 788 -29.68 -11.54 2.70
N LEU A 789 -29.12 -12.43 3.51
CA LEU A 789 -28.65 -13.72 3.02
C LEU A 789 -29.73 -14.74 3.32
N ARG A 790 -30.55 -15.05 2.32
CA ARG A 790 -31.56 -16.06 2.51
C ARG A 790 -31.66 -16.94 1.28
N ARG A 791 -32.10 -16.35 0.17
CA ARG A 791 -32.34 -17.12 -1.04
C ARG A 791 -31.01 -17.55 -1.68
N PHE A 792 -30.92 -18.84 -2.01
CA PHE A 792 -29.71 -19.42 -2.58
C PHE A 792 -30.11 -20.15 -3.86
N THR A 793 -29.67 -19.63 -5.00
CA THR A 793 -30.07 -20.20 -6.27
C THR A 793 -29.17 -21.38 -6.64
N LEU A 794 -29.80 -22.44 -7.14
CA LEU A 794 -29.08 -23.62 -7.58
C LEU A 794 -29.84 -24.25 -8.73
N SER A 795 -29.12 -24.79 -9.71
CA SER A 795 -29.76 -25.43 -10.85
C SER A 795 -29.78 -26.93 -10.65
N VAL A 796 -30.91 -27.54 -11.00
CA VAL A 796 -31.07 -28.99 -10.90
C VAL A 796 -31.34 -29.50 -12.31
N ASP A 797 -30.65 -30.57 -12.69
CA ASP A 797 -30.77 -31.10 -14.05
C ASP A 797 -32.21 -31.51 -14.33
N ASN A 798 -32.71 -31.11 -15.49
CA ASN A 798 -34.15 -31.04 -15.70
C ASN A 798 -34.82 -32.41 -15.67
N LYS A 799 -34.05 -33.49 -15.82
CA LYS A 799 -34.65 -34.81 -15.64
C LYS A 799 -35.14 -35.00 -14.22
N LEU A 800 -34.63 -34.20 -13.30
CA LEU A 800 -34.99 -34.26 -11.88
C LEU A 800 -35.35 -32.86 -11.44
N TYR A 801 -36.62 -32.64 -11.10
CA TYR A 801 -36.96 -31.36 -10.52
C TYR A 801 -37.83 -31.57 -9.28
N ASP A 802 -39.00 -32.16 -9.48
CA ASP A 802 -39.91 -32.39 -8.37
C ASP A 802 -39.39 -33.40 -7.36
N SER A 803 -38.38 -34.21 -7.75
CA SER A 803 -37.81 -35.16 -6.80
C SER A 803 -37.00 -34.44 -5.72
N THR A 804 -36.05 -33.59 -6.16
CA THR A 804 -35.30 -32.78 -5.21
C THR A 804 -36.23 -31.81 -4.50
N TYR A 805 -37.27 -31.32 -5.19
CA TYR A 805 -38.23 -30.45 -4.52
C TYR A 805 -39.00 -31.20 -3.45
N ASN A 806 -39.19 -32.51 -3.62
CA ASN A 806 -39.83 -33.31 -2.58
C ASN A 806 -38.89 -33.50 -1.41
N ASN A 807 -37.75 -34.16 -1.65
CA ASN A 807 -36.81 -34.46 -0.57
C ASN A 807 -36.42 -33.21 0.20
N LEU A 808 -36.06 -32.15 -0.51
CA LEU A 808 -35.66 -30.90 0.15
C LEU A 808 -36.87 -30.19 0.76
N SER A 809 -37.96 -30.08 -0.01
CA SER A 809 -39.09 -29.28 0.44
C SER A 809 -39.83 -29.89 1.62
N LYS A 810 -39.52 -31.14 2.00
CA LYS A 810 -40.03 -31.66 3.25
C LYS A 810 -39.63 -30.76 4.41
N TYR A 811 -38.33 -30.56 4.56
CA TYR A 811 -37.74 -29.71 5.58
C TYR A 811 -37.56 -28.29 5.08
N MET A 812 -36.80 -28.14 4.00
CA MET A 812 -36.52 -26.82 3.43
C MET A 812 -37.81 -26.23 2.85
N THR A 813 -37.68 -25.01 2.34
CA THR A 813 -38.74 -24.36 1.59
C THR A 813 -38.13 -23.80 0.32
N LEU A 814 -38.66 -24.20 -0.82
CA LEU A 814 -38.10 -23.85 -2.11
C LEU A 814 -39.10 -22.98 -2.88
N ILE A 815 -38.74 -22.66 -4.12
CA ILE A 815 -39.60 -21.91 -5.01
C ILE A 815 -39.69 -22.67 -6.31
N LYS A 816 -40.89 -23.17 -6.65
CA LYS A 816 -41.07 -23.94 -7.86
C LYS A 816 -40.82 -23.08 -9.10
N TYR A 817 -40.36 -23.72 -10.16
CA TYR A 817 -40.25 -23.12 -11.46
C TYR A 817 -40.92 -24.00 -12.51
N ASP A 818 -40.91 -23.52 -13.74
CA ASP A 818 -41.40 -24.26 -14.90
C ASP A 818 -40.17 -24.62 -15.74
N LYS A 819 -39.98 -25.92 -15.98
CA LYS A 819 -38.80 -26.36 -16.71
C LYS A 819 -38.72 -25.66 -18.05
N ASN A 820 -37.59 -25.01 -18.29
CA ASN A 820 -37.44 -24.04 -19.36
C ASN A 820 -37.38 -24.73 -20.73
N PRO A 821 -37.51 -23.95 -21.82
CA PRO A 821 -37.55 -24.57 -23.15
C PRO A 821 -36.22 -25.20 -23.54
N ASP A 822 -36.01 -26.42 -23.04
CA ASP A 822 -34.87 -27.26 -23.42
C ASP A 822 -33.54 -26.62 -23.01
N PHE A 823 -33.35 -26.56 -21.69
CA PHE A 823 -32.06 -26.27 -21.09
C PHE A 823 -31.61 -27.52 -20.33
N ASP A 824 -30.30 -27.71 -20.24
CA ASP A 824 -29.79 -28.89 -19.53
C ASP A 824 -30.12 -28.81 -18.04
N SER A 825 -29.99 -27.64 -17.45
CA SER A 825 -30.30 -27.43 -16.03
C SER A 825 -31.00 -26.10 -15.87
N THR A 826 -32.14 -26.10 -15.19
CA THR A 826 -32.94 -24.90 -14.97
C THR A 826 -32.89 -24.49 -13.51
N LEU A 827 -32.80 -23.20 -13.27
CA LEU A 827 -32.56 -22.68 -11.93
C LEU A 827 -33.80 -22.80 -11.07
N MET A 828 -33.58 -23.13 -9.80
CA MET A 828 -34.61 -23.06 -8.77
C MET A 828 -33.95 -22.58 -7.50
N SER A 829 -34.54 -21.58 -6.86
CA SER A 829 -33.89 -20.96 -5.73
C SER A 829 -34.18 -21.73 -4.44
N LEU A 830 -33.50 -21.31 -3.38
CA LEU A 830 -33.64 -21.92 -2.07
C LEU A 830 -33.61 -20.83 -1.01
N ILE A 831 -34.69 -20.67 -0.26
CA ILE A 831 -34.70 -19.74 0.88
C ILE A 831 -34.36 -20.53 2.13
N LEU A 832 -33.27 -20.15 2.79
CA LEU A 832 -32.77 -20.90 3.92
C LEU A 832 -33.81 -20.94 5.03
N PRO A 833 -33.80 -21.98 5.88
CA PRO A 833 -34.52 -21.89 7.14
C PRO A 833 -33.80 -20.91 8.05
N LEU A 834 -34.56 -20.04 8.71
CA LEU A 834 -33.94 -18.99 9.52
C LEU A 834 -33.09 -19.58 10.62
N ALA A 835 -33.38 -20.81 11.05
CA ALA A 835 -32.58 -21.45 12.09
C ALA A 835 -31.15 -21.72 11.65
N TRP A 836 -30.85 -21.60 10.35
CA TRP A 836 -29.50 -21.86 9.87
C TRP A 836 -28.47 -20.86 10.39
N LEU A 837 -28.90 -19.64 10.71
CA LEU A 837 -27.96 -18.65 11.23
C LEU A 837 -27.37 -19.07 12.57
N PHE A 838 -28.01 -19.98 13.28
CA PHE A 838 -27.60 -20.35 14.62
C PHE A 838 -26.81 -21.66 14.68
N MET A 839 -26.56 -22.29 13.54
CA MET A 839 -26.13 -23.69 13.53
C MET A 839 -24.61 -23.81 13.59
N PRO A 840 -24.10 -24.97 14.04
CA PRO A 840 -22.65 -25.06 14.26
C PRO A 840 -21.79 -24.90 13.01
N ARG A 841 -22.09 -25.63 11.94
CA ARG A 841 -21.30 -25.46 10.72
C ARG A 841 -21.91 -24.45 9.76
N GLY A 842 -23.13 -24.01 10.00
CA GLY A 842 -23.75 -22.98 9.21
C GLY A 842 -23.36 -21.62 9.73
N GLY A 843 -24.28 -20.66 9.59
CA GLY A 843 -24.07 -19.40 10.24
C GLY A 843 -23.80 -19.60 11.72
N GLU A 844 -22.73 -18.99 12.21
CA GLU A 844 -22.35 -19.10 13.62
C GLU A 844 -22.61 -17.73 14.23
N TYR A 845 -23.63 -17.63 15.08
CA TYR A 845 -24.13 -16.32 15.45
C TYR A 845 -24.58 -16.34 16.91
N PRO A 846 -24.54 -15.18 17.57
CA PRO A 846 -24.96 -15.12 18.99
C PRO A 846 -26.46 -15.28 19.16
N ALA A 847 -26.90 -16.54 19.21
CA ALA A 847 -28.31 -16.88 19.15
C ALA A 847 -29.13 -16.20 20.22
N TYR A 848 -30.38 -15.91 19.87
CA TYR A 848 -31.40 -15.50 20.83
C TYR A 848 -31.81 -16.68 21.72
N PRO A 849 -32.49 -16.42 22.82
CA PRO A 849 -33.06 -17.51 23.62
C PRO A 849 -34.24 -18.17 22.93
N PHE A 850 -34.23 -19.50 22.92
CA PHE A 850 -35.33 -20.29 22.43
C PHE A 850 -36.19 -20.75 23.61
N GLU A 851 -37.28 -21.44 23.31
CA GLU A 851 -38.16 -21.98 24.34
C GLU A 851 -38.11 -23.50 24.30
N ARG A 852 -37.77 -24.10 25.43
CA ARG A 852 -37.81 -25.55 25.59
C ARG A 852 -39.27 -26.00 25.71
N ARG A 853 -39.48 -27.31 25.89
CA ARG A 853 -40.83 -27.75 26.19
C ARG A 853 -41.23 -27.48 27.63
N ASP A 854 -40.28 -27.12 28.49
CA ASP A 854 -40.58 -26.86 29.89
C ASP A 854 -41.06 -25.44 30.13
N GLY A 855 -41.21 -24.63 29.09
CA GLY A 855 -41.51 -23.22 29.29
C GLY A 855 -40.34 -22.43 29.80
N THR A 856 -39.16 -23.05 29.88
CA THR A 856 -37.95 -22.41 30.35
C THR A 856 -37.11 -22.02 29.15
N PHE A 857 -36.83 -20.73 29.01
CA PHE A 857 -36.08 -20.24 27.87
C PHE A 857 -34.59 -20.47 28.07
N THR A 858 -33.88 -20.58 26.95
CA THR A 858 -32.44 -20.76 26.98
C THR A 858 -31.76 -19.43 27.31
N GLU A 859 -30.43 -19.40 27.29
CA GLU A 859 -29.66 -18.25 27.73
C GLU A 859 -29.34 -17.37 26.53
N ASP A 860 -29.72 -16.10 26.61
CA ASP A 860 -29.42 -15.16 25.55
C ASP A 860 -27.92 -14.88 25.49
N GLU A 861 -27.37 -14.90 24.29
CA GLU A 861 -25.94 -14.78 24.09
C GLU A 861 -25.54 -13.32 23.89
N SER A 862 -24.47 -12.92 24.56
CA SER A 862 -24.17 -11.53 24.87
C SER A 862 -23.23 -10.86 23.87
N MET A 863 -22.90 -11.52 22.76
CA MET A 863 -21.86 -11.22 21.79
C MET A 863 -20.53 -11.81 22.19
N PHE A 864 -20.37 -12.31 23.42
CA PHE A 864 -19.17 -13.05 23.79
C PHE A 864 -19.58 -14.51 23.78
N THR A 865 -19.19 -15.22 22.73
CA THR A 865 -19.57 -16.62 22.53
C THR A 865 -18.55 -17.24 21.62
N ALA A 866 -18.55 -18.57 21.59
CA ALA A 866 -17.58 -19.34 20.84
C ALA A 866 -18.22 -19.82 19.55
N ARG A 867 -17.77 -19.28 18.43
CA ARG A 867 -18.19 -19.78 17.13
C ARG A 867 -17.38 -21.02 16.78
N GLY A 868 -18.06 -22.14 16.60
CA GLY A 868 -17.37 -23.38 16.34
C GLY A 868 -18.20 -24.55 16.82
N ALA A 869 -17.50 -25.64 17.12
CA ALA A 869 -18.17 -26.84 17.62
C ALA A 869 -18.92 -26.54 18.91
N TYR A 870 -18.62 -25.41 19.55
CA TYR A 870 -19.35 -25.04 20.76
C TYR A 870 -20.80 -24.67 20.45
N LYS A 871 -21.02 -24.04 19.30
CA LYS A 871 -22.40 -23.72 18.88
C LYS A 871 -23.26 -24.96 18.77
N ARG A 872 -22.65 -26.14 18.65
CA ARG A 872 -23.39 -27.38 18.64
C ARG A 872 -24.07 -27.66 19.97
N ARG A 873 -23.80 -26.85 20.99
CA ARG A 873 -24.47 -27.06 22.28
C ARG A 873 -25.94 -26.67 22.21
N LEU A 874 -26.28 -25.62 21.44
CA LEU A 874 -27.66 -25.14 21.38
C LEU A 874 -28.64 -26.26 21.15
N LEU A 875 -28.28 -27.22 20.29
CA LEU A 875 -29.10 -28.40 20.11
C LEU A 875 -29.42 -29.06 21.44
N TYR A 876 -28.47 -29.06 22.36
CA TYR A 876 -28.69 -29.63 23.68
C TYR A 876 -29.37 -28.65 24.64
N ASP A 877 -29.07 -27.36 24.59
CA ASP A 877 -29.81 -26.40 25.41
C ASP A 877 -31.31 -26.46 25.13
N VAL A 878 -31.68 -26.64 23.86
CA VAL A 878 -33.10 -26.75 23.53
C VAL A 878 -33.67 -28.04 24.08
N SER A 879 -32.87 -29.10 24.16
CA SER A 879 -33.29 -30.37 24.75
C SER A 879 -33.40 -30.32 26.26
N ASN A 880 -33.10 -29.18 26.88
CA ASN A 880 -33.14 -29.02 28.33
C ASN A 880 -32.13 -29.92 29.03
N ILE A 881 -30.86 -29.55 28.93
CA ILE A 881 -29.74 -30.37 29.41
C ILE A 881 -29.93 -30.79 30.87
N ARG A 882 -30.66 -30.00 31.66
CA ARG A 882 -30.86 -30.40 33.05
C ARG A 882 -31.66 -31.69 33.15
N GLU A 883 -32.65 -31.88 32.26
CA GLU A 883 -33.32 -33.18 32.22
C GLU A 883 -32.42 -34.24 31.62
N MET A 884 -31.64 -33.88 30.60
CA MET A 884 -30.65 -34.79 30.02
C MET A 884 -29.81 -35.40 31.13
N ILE A 885 -29.47 -34.58 32.12
CA ILE A 885 -28.70 -35.05 33.27
C ILE A 885 -29.60 -35.78 34.25
N GLN A 886 -30.87 -35.36 34.38
CA GLN A 886 -31.77 -36.02 35.31
C GLN A 886 -32.30 -37.34 34.76
N GLN A 887 -32.43 -37.46 33.44
CA GLN A 887 -32.84 -38.72 32.83
C GLN A 887 -31.67 -39.64 32.52
N ASN A 888 -30.44 -39.14 32.64
CA ASN A 888 -29.24 -39.95 32.46
C ASN A 888 -29.19 -40.54 31.05
N SER A 889 -29.50 -39.70 30.06
CA SER A 889 -29.65 -40.16 28.68
C SER A 889 -28.88 -39.27 27.72
N MET A 890 -28.53 -39.85 26.59
CA MET A 890 -27.89 -39.16 25.47
C MET A 890 -28.93 -39.04 24.37
N ALA A 891 -29.28 -37.81 23.98
CA ALA A 891 -30.41 -37.67 23.07
C ALA A 891 -30.56 -36.22 22.65
N LEU A 892 -31.34 -36.04 21.58
CA LEU A 892 -31.82 -34.75 21.10
C LEU A 892 -33.27 -34.90 20.71
N ASP A 893 -34.02 -33.80 20.81
CA ASP A 893 -35.40 -33.79 20.36
C ASP A 893 -35.44 -33.34 18.92
N ASP A 894 -35.72 -34.26 18.00
CA ASP A 894 -36.03 -33.84 16.64
C ASP A 894 -37.45 -33.30 16.53
N ASP A 895 -38.22 -33.38 17.61
CA ASP A 895 -39.56 -32.82 17.65
C ASP A 895 -39.45 -31.31 17.78
N LEU A 896 -38.85 -30.84 18.87
CA LEU A 896 -38.44 -29.46 19.01
C LEU A 896 -37.65 -28.98 17.81
N LEU A 897 -36.44 -29.51 17.66
CA LEU A 897 -35.50 -28.99 16.67
C LEU A 897 -36.06 -29.07 15.26
N HIS A 898 -36.88 -30.08 14.98
CA HIS A 898 -37.59 -30.12 13.71
C HIS A 898 -38.67 -29.04 13.64
N GLU A 899 -39.30 -28.72 14.76
CA GLU A 899 -40.38 -27.75 14.74
C GLU A 899 -39.83 -26.36 14.49
N TYR A 900 -38.74 -26.00 15.16
CA TYR A 900 -38.07 -24.74 14.85
C TYR A 900 -37.33 -24.78 13.52
N GLY A 901 -37.08 -25.97 12.97
CA GLY A 901 -36.39 -26.08 11.71
C GLY A 901 -34.91 -26.31 11.80
N PHE A 902 -34.39 -26.77 12.94
CA PHE A 902 -32.98 -27.08 13.05
C PHE A 902 -32.60 -28.29 12.19
N THR A 903 -33.49 -29.28 12.08
CA THR A 903 -33.18 -30.47 11.30
C THR A 903 -32.96 -30.14 9.84
N GLY A 904 -33.81 -29.29 9.27
CA GLY A 904 -33.66 -28.87 7.90
C GLY A 904 -32.34 -28.15 7.65
N ALA A 905 -32.05 -27.18 8.53
CA ALA A 905 -30.78 -26.48 8.43
C ALA A 905 -29.62 -27.44 8.48
N LEU A 906 -29.72 -28.50 9.28
CA LEU A 906 -28.63 -29.46 9.35
C LEU A 906 -28.59 -30.38 8.13
N LEU A 907 -29.72 -30.59 7.44
CA LEU A 907 -29.65 -31.16 6.10
C LEU A 907 -28.83 -30.27 5.19
N LEU A 908 -29.23 -29.00 5.10
CA LEU A 908 -28.54 -28.08 4.21
C LEU A 908 -27.06 -27.95 4.55
N ILE A 909 -26.70 -28.20 5.81
CA ILE A 909 -25.29 -28.20 6.16
C ILE A 909 -24.62 -29.51 5.77
N ASP A 910 -25.29 -30.64 6.00
CA ASP A 910 -24.69 -31.94 5.75
C ASP A 910 -24.68 -32.31 4.27
N LEU A 911 -25.50 -31.67 3.44
CA LEU A 911 -25.55 -32.01 2.03
C LEU A 911 -24.47 -31.31 1.21
N ASN A 912 -23.60 -30.52 1.85
CA ASN A 912 -22.54 -29.80 1.16
C ASN A 912 -23.10 -28.88 0.09
N ILE A 913 -24.33 -28.42 0.27
CA ILE A 913 -24.98 -27.57 -0.73
C ILE A 913 -24.34 -26.19 -0.75
N LEU A 914 -23.90 -25.70 0.40
CA LEU A 914 -23.39 -24.35 0.49
C LEU A 914 -22.03 -24.26 -0.21
N ASP A 915 -21.42 -23.08 -0.16
CA ASP A 915 -20.25 -22.76 -0.95
C ASP A 915 -19.02 -22.80 -0.03
N LEU A 916 -18.01 -23.57 -0.43
CA LEU A 916 -16.87 -23.83 0.43
C LEU A 916 -16.03 -22.57 0.64
N ILE A 917 -15.22 -22.60 1.70
CA ILE A 917 -14.30 -21.53 2.03
C ILE A 917 -12.92 -22.13 2.26
N ASP A 918 -11.89 -21.52 1.66
CA ASP A 918 -10.52 -21.93 1.92
C ASP A 918 -10.04 -21.38 3.26
N GLU A 919 -8.81 -21.70 3.62
CA GLU A 919 -8.13 -20.96 4.68
C GLU A 919 -7.31 -19.81 4.13
N VAL A 920 -7.10 -19.74 2.82
CA VAL A 920 -6.50 -18.54 2.23
C VAL A 920 -7.45 -17.36 2.39
N LYS A 921 -8.76 -17.61 2.36
CA LYS A 921 -9.71 -16.56 2.66
C LYS A 921 -9.73 -16.22 4.14
N LYS A 922 -9.62 -17.23 5.00
CA LYS A 922 -9.51 -16.94 6.42
C LYS A 922 -8.17 -16.31 6.77
N GLU A 923 -7.18 -16.40 5.88
CA GLU A 923 -5.96 -15.62 6.05
C GLU A 923 -6.27 -14.13 6.09
N ASP A 924 -7.32 -13.71 5.38
CA ASP A 924 -7.82 -12.35 5.47
C ASP A 924 -9.05 -12.40 6.36
N ILE A 925 -8.90 -11.97 7.59
CA ILE A 925 -9.98 -12.06 8.57
C ILE A 925 -10.92 -10.87 8.45
N SER A 926 -10.38 -9.76 7.93
CA SER A 926 -10.97 -8.42 7.82
C SER A 926 -11.40 -7.77 9.14
N PRO A 927 -10.59 -7.79 10.20
CA PRO A 927 -10.47 -6.61 11.05
C PRO A 927 -9.47 -5.65 10.44
N VAL A 928 -9.60 -4.39 10.82
CA VAL A 928 -8.72 -3.37 10.27
C VAL A 928 -7.60 -3.12 11.27
N LYS A 929 -6.40 -2.86 10.74
CA LYS A 929 -5.18 -2.81 11.53
C LYS A 929 -4.79 -1.37 11.85
N VAL A 930 -4.16 -1.20 13.02
CA VAL A 930 -3.69 0.12 13.44
C VAL A 930 -2.68 0.66 12.44
N SER A 931 -1.63 -0.10 12.17
CA SER A 931 -0.55 0.34 11.29
C SER A 931 -0.57 -0.51 10.03
N GLU A 932 -0.81 0.15 8.89
CA GLU A 932 -0.69 -0.51 7.60
C GLU A 932 0.74 -0.91 7.29
N LEU A 933 1.70 -0.48 8.10
CA LEU A 933 3.11 -0.69 7.81
C LEU A 933 3.42 -2.17 7.67
N ALA A 934 2.81 -3.01 8.51
CA ALA A 934 3.03 -4.44 8.42
C ALA A 934 2.58 -4.98 7.06
N THR A 935 1.37 -4.61 6.64
CA THR A 935 0.88 -5.05 5.34
C THR A 935 1.77 -4.56 4.21
N SER A 936 2.47 -3.45 4.42
CA SER A 936 3.36 -2.93 3.40
C SER A 936 4.63 -3.76 3.31
N LEU A 937 5.27 -4.03 4.45
CA LEU A 937 6.55 -4.73 4.42
C LEU A 937 6.38 -6.21 4.11
N GLU A 938 5.27 -6.81 4.53
CA GLU A 938 5.13 -8.25 4.33
C GLU A 938 4.90 -8.63 2.88
N GLN A 939 4.74 -7.67 1.97
CA GLN A 939 4.74 -7.98 0.54
C GLN A 939 6.07 -8.62 0.15
N LEU A 940 7.17 -7.93 0.42
CA LEU A 940 8.51 -8.39 0.11
C LEU A 940 9.18 -9.08 1.29
N GLY A 941 8.48 -9.22 2.41
CA GLY A 941 9.11 -9.74 3.61
C GLY A 941 9.18 -11.26 3.62
N LYS A 942 10.22 -11.77 4.29
CA LYS A 942 10.39 -13.20 4.54
C LYS A 942 10.44 -13.98 3.22
N LEU A 943 11.45 -13.68 2.41
CA LEU A 943 11.59 -14.34 1.12
C LEU A 943 12.16 -15.75 1.29
N GLY A 944 13.27 -15.87 2.02
CA GLY A 944 13.87 -17.18 2.20
C GLY A 944 12.97 -18.15 2.93
N GLU A 945 12.11 -17.65 3.82
CA GLU A 945 11.20 -18.53 4.54
C GLU A 945 10.12 -19.07 3.62
N ARG A 946 9.42 -18.16 2.91
CA ARG A 946 8.35 -18.61 2.02
C ARG A 946 8.90 -19.48 0.90
N GLU A 947 10.13 -19.21 0.45
CA GLU A 947 10.76 -20.09 -0.53
C GLU A 947 11.09 -21.44 0.07
N LYS A 948 11.56 -21.45 1.32
CA LYS A 948 11.88 -22.69 2.00
C LYS A 948 10.65 -23.58 2.11
N SER A 949 9.54 -23.02 2.58
CA SER A 949 8.31 -23.78 2.65
C SER A 949 7.78 -24.14 1.27
N ARG A 950 8.06 -23.31 0.26
CA ARG A 950 7.69 -23.67 -1.11
C ARG A 950 8.40 -24.95 -1.55
N ARG A 951 9.73 -24.96 -1.48
CA ARG A 951 10.48 -26.14 -1.88
C ARG A 951 10.14 -27.34 -1.01
N ALA A 952 9.83 -27.10 0.25
CA ALA A 952 9.36 -28.15 1.15
C ALA A 952 8.09 -28.81 0.61
N ALA A 953 6.99 -28.06 0.57
CA ALA A 953 5.72 -28.63 0.13
C ALA A 953 5.81 -29.21 -1.26
N SER A 954 6.61 -28.60 -2.15
CA SER A 954 6.79 -29.18 -3.46
C SER A 954 7.54 -30.52 -3.39
N ASP A 955 8.46 -30.65 -2.44
CA ASP A 955 9.12 -31.95 -2.25
C ASP A 955 8.13 -32.98 -1.77
N LEU A 956 7.27 -32.62 -0.82
CA LEU A 956 6.23 -33.55 -0.40
C LEU A 956 5.36 -33.97 -1.58
N LYS A 957 4.99 -33.00 -2.42
CA LYS A 957 4.19 -33.33 -3.60
C LYS A 957 4.94 -34.27 -4.53
N ILE A 958 6.25 -34.11 -4.65
CA ILE A 958 7.04 -35.00 -5.48
C ILE A 958 7.07 -36.41 -4.89
N ARG A 959 7.07 -36.52 -3.56
CA ARG A 959 7.12 -37.84 -2.94
C ARG A 959 5.75 -38.50 -2.84
N GLY A 960 4.71 -37.87 -3.36
CA GLY A 960 3.40 -38.49 -3.49
C GLY A 960 2.37 -38.04 -2.48
N HIS A 961 2.78 -37.49 -1.35
CA HIS A 961 1.86 -36.92 -0.37
C HIS A 961 1.87 -35.41 -0.55
N ALA A 962 0.81 -34.86 -1.12
CA ALA A 962 0.78 -33.44 -1.41
C ALA A 962 0.00 -32.70 -0.32
N LEU A 963 -0.03 -31.38 -0.45
CA LEU A 963 -0.70 -30.52 0.50
C LEU A 963 -1.57 -29.52 -0.25
N SER A 964 -2.74 -29.24 0.32
CA SER A 964 -3.64 -28.25 -0.24
C SER A 964 -3.02 -26.86 -0.08
N ASN A 965 -3.35 -25.98 -1.01
CA ASN A 965 -2.72 -24.67 -1.07
C ASN A 965 -3.13 -23.75 0.07
N ASP A 966 -4.09 -24.15 0.90
CA ASP A 966 -4.44 -23.35 2.06
C ASP A 966 -3.40 -23.51 3.16
N ILE A 967 -2.86 -24.72 3.30
CA ILE A 967 -2.05 -25.08 4.46
C ILE A 967 -0.63 -24.56 4.33
N VAL A 968 -0.09 -24.49 3.13
CA VAL A 968 1.32 -24.21 2.94
C VAL A 968 1.58 -22.75 3.30
N TYR A 969 2.58 -22.51 4.16
CA TYR A 969 3.02 -21.15 4.43
C TYR A 969 3.64 -20.53 3.18
N GLY A 970 4.43 -21.32 2.46
CA GLY A 970 4.77 -20.97 1.10
C GLY A 970 3.51 -20.86 0.26
N TYR A 971 3.67 -20.28 -0.92
CA TYR A 971 2.50 -19.75 -1.62
C TYR A 971 1.84 -18.78 -0.64
N GLY A 972 0.52 -18.70 -0.58
CA GLY A 972 -0.14 -17.71 0.25
C GLY A 972 0.04 -16.36 -0.41
N LEU A 973 -0.85 -15.40 -0.15
CA LEU A 973 -0.63 -14.04 -0.64
C LEU A 973 -0.54 -13.99 -2.17
N GLN A 974 -0.47 -15.15 -2.84
CA GLN A 974 -0.22 -15.17 -4.26
C GLN A 974 -1.47 -14.81 -5.05
N GLU A 975 -2.59 -15.42 -4.72
CA GLU A 975 -3.87 -14.95 -5.25
C GLU A 975 -4.20 -13.55 -4.76
N LYS A 976 -3.50 -13.07 -3.73
CA LYS A 976 -3.52 -11.68 -3.31
C LYS A 976 -2.50 -10.83 -4.05
N ILE A 977 -1.56 -11.46 -4.75
CA ILE A 977 -0.52 -10.74 -5.48
C ILE A 977 -0.50 -11.20 -6.93
N GLN A 978 -0.10 -12.46 -7.16
CA GLN A 978 0.11 -12.94 -8.53
C GLN A 978 -1.17 -12.85 -9.34
N LYS A 979 -2.30 -13.22 -8.75
CA LYS A 979 -3.58 -13.19 -9.44
C LYS A 979 -4.34 -11.90 -9.20
N SER A 980 -3.75 -10.94 -8.48
CA SER A 980 -4.31 -9.60 -8.41
C SER A 980 -4.04 -8.81 -9.68
N ALA A 981 -2.98 -9.17 -10.42
CA ALA A 981 -2.58 -8.44 -11.61
C ALA A 981 -3.13 -9.05 -12.90
N MET A 982 -3.95 -10.09 -12.79
CA MET A 982 -4.49 -10.76 -13.96
C MET A 982 -5.84 -10.12 -14.34
N ALA A 983 -6.54 -10.74 -15.28
CA ALA A 983 -7.85 -10.23 -15.70
C ALA A 983 -8.92 -10.56 -14.66
N LYS A 992 -24.94 -23.24 -8.26
CA LYS A 992 -24.50 -24.62 -8.13
C LYS A 992 -25.42 -25.57 -8.90
N ARG A 993 -24.82 -26.53 -9.61
CA ARG A 993 -25.59 -27.49 -10.38
C ARG A 993 -25.86 -28.74 -9.53
N VAL A 994 -27.07 -29.26 -9.64
CA VAL A 994 -27.44 -30.49 -8.95
C VAL A 994 -27.42 -31.61 -9.98
N SER A 995 -26.44 -32.49 -9.88
CA SER A 995 -26.28 -33.61 -10.79
C SER A 995 -26.96 -34.85 -10.22
N SER A 996 -26.69 -36.01 -10.83
CA SER A 996 -27.27 -37.25 -10.34
C SER A 996 -26.70 -37.63 -8.98
N ARG A 997 -25.38 -37.50 -8.79
CA ARG A 997 -24.78 -37.80 -7.50
C ARG A 997 -25.47 -37.05 -6.37
N LEU A 998 -25.55 -35.73 -6.50
CA LEU A 998 -26.23 -34.93 -5.48
C LEU A 998 -27.66 -35.39 -5.27
N HIS A 999 -28.31 -35.86 -6.33
CA HIS A 999 -29.67 -36.37 -6.16
C HIS A 999 -29.67 -37.65 -5.31
N ASP A 1000 -28.70 -38.54 -5.53
CA ASP A 1000 -28.65 -39.76 -4.74
C ASP A 1000 -28.31 -39.46 -3.27
N VAL A 1001 -27.45 -38.48 -3.03
CA VAL A 1001 -27.13 -38.10 -1.66
C VAL A 1001 -28.36 -37.50 -0.98
N ILE A 1002 -29.08 -36.63 -1.71
CA ILE A 1002 -30.27 -36.02 -1.14
C ILE A 1002 -31.31 -37.09 -0.82
N VAL A 1003 -31.56 -37.99 -1.76
CA VAL A 1003 -32.46 -39.11 -1.50
C VAL A 1003 -32.00 -39.87 -0.26
N ALA A 1004 -30.69 -40.06 -0.12
CA ALA A 1004 -30.15 -40.78 1.02
C ALA A 1004 -30.55 -40.10 2.33
N LYS A 1005 -30.05 -38.87 2.56
CA LYS A 1005 -30.18 -38.26 3.87
C LYS A 1005 -31.57 -37.67 4.14
N THR A 1006 -32.38 -37.44 3.12
CA THR A 1006 -33.60 -36.65 3.28
C THR A 1006 -34.85 -37.50 3.54
N ARG A 1007 -34.72 -38.81 3.69
CA ARG A 1007 -35.91 -39.58 4.06
C ARG A 1007 -36.26 -39.34 5.52
N ASP A 1008 -35.40 -39.76 6.44
CA ASP A 1008 -35.42 -39.28 7.81
C ASP A 1008 -34.03 -38.77 8.15
N TYR A 1009 -33.95 -37.50 8.54
CA TYR A 1009 -32.64 -36.92 8.82
C TYR A 1009 -32.11 -37.43 10.16
N LYS A 1010 -32.82 -37.15 11.25
CA LYS A 1010 -32.44 -37.69 12.55
C LYS A 1010 -31.05 -37.21 12.95
N ILE A 1011 -30.95 -35.97 13.44
CA ILE A 1011 -29.67 -35.29 13.59
C ILE A 1011 -28.65 -36.20 14.23
N SER A 1012 -27.49 -36.32 13.60
CA SER A 1012 -26.48 -37.27 14.03
C SER A 1012 -25.75 -36.76 15.26
N THR A 1013 -25.59 -37.64 16.24
CA THR A 1013 -24.95 -37.32 17.50
C THR A 1013 -23.53 -37.87 17.47
N ILE A 1014 -22.55 -36.99 17.38
CA ILE A 1014 -21.15 -37.40 17.53
C ILE A 1014 -20.88 -37.66 19.01
N PRO A 1015 -20.27 -38.80 19.37
CA PRO A 1015 -20.09 -39.10 20.80
C PRO A 1015 -19.26 -38.06 21.54
N ALA A 1016 -18.52 -37.22 20.82
CA ALA A 1016 -17.81 -36.12 21.48
C ALA A 1016 -18.76 -35.09 22.05
N ASP A 1017 -20.06 -35.15 21.70
CA ASP A 1017 -21.01 -34.17 22.20
C ASP A 1017 -21.27 -34.35 23.69
N ALA A 1018 -20.85 -35.47 24.28
CA ALA A 1018 -21.03 -35.66 25.71
C ALA A 1018 -20.35 -34.57 26.51
N LEU A 1019 -19.35 -33.91 25.92
CA LEU A 1019 -18.68 -32.81 26.61
C LEU A 1019 -19.58 -31.61 26.81
N ARG A 1020 -20.64 -31.48 26.02
CA ARG A 1020 -21.50 -30.32 26.05
C ARG A 1020 -22.72 -30.52 26.95
N LEU A 1021 -22.78 -31.63 27.67
CA LEU A 1021 -23.91 -31.94 28.53
C LEU A 1021 -23.77 -31.38 29.93
N HIS A 1022 -22.74 -30.59 30.19
CA HIS A 1022 -22.64 -29.89 31.46
C HIS A 1022 -23.69 -28.79 31.54
N GLU A 1023 -24.07 -28.45 32.77
CA GLU A 1023 -24.94 -27.29 32.95
C GLU A 1023 -24.75 -26.75 34.36
N PHE A 1024 -25.17 -25.50 34.55
CA PHE A 1024 -24.79 -24.70 35.70
C PHE A 1024 -26.00 -24.39 36.57
N GLU A 1025 -25.90 -24.76 37.85
CA GLU A 1025 -26.83 -24.27 38.85
C GLU A 1025 -26.42 -22.87 39.30
N VAL A 1026 -27.41 -22.11 39.77
CA VAL A 1026 -27.17 -20.76 40.25
C VAL A 1026 -27.20 -20.79 41.77
N GLU A 1027 -26.05 -20.51 42.38
CA GLU A 1027 -25.95 -20.50 43.83
C GLU A 1027 -26.53 -19.19 44.38
N ASP A 1028 -26.61 -19.08 45.70
CA ASP A 1028 -27.12 -17.88 46.35
C ASP A 1028 -26.03 -16.97 46.87
N VAL A 1029 -24.76 -17.34 46.72
CA VAL A 1029 -23.66 -16.53 47.20
C VAL A 1029 -23.42 -15.45 46.16
N THR A 1030 -22.51 -14.51 46.42
CA THR A 1030 -22.17 -13.47 45.47
C THR A 1030 -20.70 -13.58 45.11
N VAL A 1031 -20.37 -13.12 43.90
CA VAL A 1031 -18.98 -13.09 43.46
C VAL A 1031 -18.36 -11.78 43.90
N ASP A 1032 -17.16 -11.85 44.46
CA ASP A 1032 -16.42 -10.67 44.85
C ASP A 1032 -15.57 -10.22 43.66
N LEU A 1033 -15.85 -9.02 43.17
CA LEU A 1033 -15.29 -8.55 41.92
C LEU A 1033 -13.79 -8.30 42.06
N LEU A 1034 -13.11 -8.29 40.91
CA LEU A 1034 -11.70 -7.95 40.88
C LEU A 1034 -11.50 -6.48 41.20
N PRO A 1035 -10.30 -6.09 41.63
CA PRO A 1035 -10.11 -4.69 42.03
C PRO A 1035 -10.30 -3.70 40.90
N HIS A 1036 -9.95 -4.05 39.67
CA HIS A 1036 -10.07 -3.10 38.57
C HIS A 1036 -11.51 -2.74 38.23
N ALA A 1037 -12.49 -3.42 38.83
CA ALA A 1037 -13.88 -3.05 38.63
C ALA A 1037 -14.10 -1.59 39.02
N LYS A 1038 -13.65 -1.20 40.21
CA LYS A 1038 -13.84 0.18 40.66
C LYS A 1038 -12.98 1.14 39.87
N HIS A 1039 -11.80 0.71 39.40
CA HIS A 1039 -10.96 1.59 38.60
C HIS A 1039 -11.62 1.92 37.28
N THR A 1040 -12.26 0.95 36.65
CA THR A 1040 -12.98 1.16 35.41
C THR A 1040 -14.43 1.56 35.64
N SER A 1041 -14.84 1.75 36.89
CA SER A 1041 -16.23 2.09 37.18
C SER A 1041 -16.54 3.55 36.91
N TYR A 1042 -15.54 4.42 36.96
CA TYR A 1042 -15.81 5.84 36.82
C TYR A 1042 -15.93 6.25 35.35
N SER A 1043 -14.81 6.30 34.65
CA SER A 1043 -14.77 6.66 33.24
C SER A 1043 -14.52 5.38 32.44
N SER A 1044 -15.52 5.00 31.64
CA SER A 1044 -15.48 3.72 30.95
C SER A 1044 -14.32 3.64 29.96
N LEU A 1045 -13.67 2.48 29.93
CA LEU A 1045 -12.58 2.26 28.99
C LEU A 1045 -13.05 2.43 27.55
N ALA A 1046 -13.91 1.53 27.09
CA ALA A 1046 -14.52 1.60 25.78
C ALA A 1046 -16.01 1.83 25.96
N TYR A 1047 -16.74 1.88 24.84
CA TYR A 1047 -18.17 2.16 24.91
C TYR A 1047 -18.98 1.02 25.50
N ASN A 1048 -18.41 -0.17 25.65
CA ASN A 1048 -19.10 -1.25 26.34
C ASN A 1048 -18.78 -1.30 27.82
N MET A 1049 -17.80 -0.53 28.26
CA MET A 1049 -17.26 -0.63 29.60
C MET A 1049 -18.01 0.27 30.58
N SER A 1050 -19.10 0.89 30.15
CA SER A 1050 -19.83 1.81 31.01
C SER A 1050 -20.32 1.10 32.27
N PHE A 1051 -20.47 1.88 33.34
CA PHE A 1051 -20.75 1.33 34.66
C PHE A 1051 -21.96 0.40 34.63
N GLY A 1052 -21.84 -0.74 35.30
CA GLY A 1052 -22.93 -1.68 35.40
C GLY A 1052 -23.40 -2.25 34.09
N SER A 1053 -22.51 -2.44 33.13
CA SER A 1053 -22.88 -2.93 31.81
C SER A 1053 -22.10 -4.20 31.49
N ASP A 1054 -22.58 -4.90 30.45
CA ASP A 1054 -22.03 -6.20 30.09
C ASP A 1054 -20.52 -6.17 29.99
N GLY A 1055 -19.97 -5.19 29.26
CA GLY A 1055 -18.53 -5.10 29.16
C GLY A 1055 -17.86 -4.83 30.49
N TRP A 1056 -18.41 -3.89 31.25
CA TRP A 1056 -17.81 -3.54 32.53
C TRP A 1056 -17.95 -4.67 33.53
N PHE A 1057 -19.09 -5.34 33.56
CA PHE A 1057 -19.31 -6.36 34.58
C PHE A 1057 -18.55 -7.63 34.25
N ALA A 1058 -18.64 -8.08 32.99
CA ALA A 1058 -17.82 -9.22 32.57
C ALA A 1058 -16.35 -8.90 32.73
N PHE A 1059 -15.97 -7.63 32.57
CA PHE A 1059 -14.61 -7.20 32.83
C PHE A 1059 -14.28 -7.34 34.31
N ALA A 1060 -15.24 -6.99 35.16
CA ALA A 1060 -15.02 -7.12 36.60
C ALA A 1060 -14.87 -8.57 37.01
N LEU A 1061 -15.53 -9.48 36.29
CA LEU A 1061 -15.42 -10.90 36.62
C LEU A 1061 -14.14 -11.51 36.07
N LEU A 1062 -13.75 -11.15 34.85
CA LEU A 1062 -12.58 -11.73 34.22
C LEU A 1062 -11.57 -10.63 33.88
N GLY A 1063 -11.85 -9.92 32.79
CA GLY A 1063 -11.27 -8.63 32.51
C GLY A 1063 -9.77 -8.40 32.59
N GLY A 1064 -8.97 -9.20 31.91
CA GLY A 1064 -7.62 -8.76 31.64
C GLY A 1064 -6.81 -9.69 30.77
N LEU A 1065 -5.85 -9.14 30.05
CA LEU A 1065 -5.04 -9.94 29.15
C LEU A 1065 -3.90 -10.61 29.92
N ASP A 1066 -3.43 -11.73 29.38
CA ASP A 1066 -2.13 -12.27 29.76
C ASP A 1066 -1.11 -11.72 28.78
N ARG A 1067 -0.22 -10.85 29.28
CA ARG A 1067 0.89 -10.41 28.44
C ARG A 1067 1.76 -11.60 28.05
N SER A 1068 1.93 -12.55 28.97
CA SER A 1068 2.65 -13.78 28.70
C SER A 1068 2.03 -14.55 27.53
N ALA A 1069 0.79 -15.01 27.70
CA ALA A 1069 0.15 -15.82 26.67
C ALA A 1069 0.07 -15.08 25.35
N ASN A 1070 -0.25 -13.78 25.40
CA ASN A 1070 -0.27 -13.01 24.17
C ASN A 1070 1.11 -12.98 23.51
N LEU A 1071 2.18 -12.94 24.29
CA LEU A 1071 3.50 -13.02 23.68
C LEU A 1071 3.77 -14.41 23.11
N LEU A 1072 3.18 -15.46 23.70
CA LEU A 1072 3.27 -16.78 23.08
C LEU A 1072 2.62 -16.78 21.71
N ARG A 1073 1.33 -16.39 21.66
CA ARG A 1073 0.62 -16.45 20.38
C ARG A 1073 1.18 -15.46 19.36
N LEU A 1074 1.86 -14.41 19.80
CA LEU A 1074 2.58 -13.59 18.84
C LEU A 1074 3.84 -14.28 18.35
N ASP A 1075 4.56 -14.97 19.25
CA ASP A 1075 5.70 -15.77 18.82
C ASP A 1075 5.28 -16.80 17.78
N VAL A 1076 4.03 -17.26 17.86
CA VAL A 1076 3.48 -18.13 16.82
C VAL A 1076 3.15 -17.31 15.57
N ALA A 1077 2.60 -16.10 15.78
CA ALA A 1077 1.98 -15.32 14.72
C ALA A 1077 2.88 -15.08 13.52
N SER A 1078 3.91 -14.24 13.67
CA SER A 1078 4.70 -13.84 12.50
C SER A 1078 5.39 -15.02 11.86
N ILE A 1079 5.57 -16.12 12.59
CA ILE A 1079 6.19 -17.30 12.01
C ILE A 1079 5.20 -18.00 11.09
N ARG A 1080 4.07 -18.48 11.62
CA ARG A 1080 3.06 -19.01 10.73
C ARG A 1080 2.41 -17.96 9.84
N GLY A 1081 2.64 -16.68 10.13
CA GLY A 1081 1.92 -15.60 9.47
C GLY A 1081 0.63 -15.23 10.15
N ASN A 1082 0.05 -16.15 10.91
CA ASN A 1082 -1.18 -15.94 11.69
C ASN A 1082 -1.12 -16.91 12.86
N TYR A 1083 -1.96 -16.64 13.86
CA TYR A 1083 -2.15 -17.56 14.97
C TYR A 1083 -3.37 -18.43 14.65
N HIS A 1084 -3.12 -19.71 14.39
CA HIS A 1084 -4.18 -20.67 14.13
C HIS A 1084 -4.36 -21.51 15.39
N LYS A 1085 -5.46 -21.29 16.09
CA LYS A 1085 -5.72 -22.04 17.31
C LYS A 1085 -6.05 -23.48 16.95
N PHE A 1086 -5.28 -24.42 17.50
CA PHE A 1086 -5.29 -25.77 17.01
C PHE A 1086 -6.64 -26.44 17.26
N SER A 1087 -6.91 -27.49 16.50
CA SER A 1087 -8.07 -28.35 16.61
C SER A 1087 -7.88 -29.48 15.61
N TYR A 1088 -8.63 -30.57 15.82
CA TYR A 1088 -8.50 -31.72 14.94
C TYR A 1088 -9.22 -31.50 13.62
N ASP A 1089 -10.09 -30.49 13.54
CA ASP A 1089 -10.85 -30.26 12.32
C ASP A 1089 -10.07 -29.47 11.28
N ASP A 1090 -8.96 -28.86 11.67
CA ASP A 1090 -8.18 -28.07 10.72
C ASP A 1090 -7.60 -28.99 9.64
N PRO A 1091 -7.66 -28.61 8.37
CA PRO A 1091 -7.01 -29.42 7.35
C PRO A 1091 -5.52 -29.52 7.53
N VAL A 1092 -4.91 -28.54 8.20
CA VAL A 1092 -3.48 -28.63 8.53
C VAL A 1092 -3.21 -29.90 9.32
N PHE A 1093 -3.95 -30.07 10.43
CA PHE A 1093 -3.78 -31.29 11.22
C PHE A 1093 -4.17 -32.52 10.44
N LYS A 1094 -5.20 -32.43 9.60
CA LYS A 1094 -5.63 -33.60 8.82
C LYS A 1094 -4.50 -34.09 7.93
N GLN A 1095 -4.06 -33.27 6.97
CA GLN A 1095 -2.98 -33.67 6.10
C GLN A 1095 -1.66 -33.85 6.83
N GLY A 1096 -1.55 -33.37 8.07
CA GLY A 1096 -0.42 -33.76 8.89
C GLY A 1096 -0.56 -35.18 9.40
N TYR A 1097 -1.78 -35.62 9.68
CA TYR A 1097 -2.00 -36.95 10.21
C TYR A 1097 -1.94 -38.01 9.13
N LYS A 1098 -2.39 -37.68 7.91
CA LYS A 1098 -2.16 -38.58 6.79
C LYS A 1098 -0.68 -38.92 6.67
N ILE A 1099 0.17 -37.89 6.68
CA ILE A 1099 1.61 -38.10 6.59
C ILE A 1099 2.11 -38.90 7.78
N TYR A 1100 1.82 -38.41 8.99
CA TYR A 1100 2.25 -39.09 10.22
C TYR A 1100 1.94 -40.57 10.16
N LYS A 1101 0.66 -40.92 10.09
CA LYS A 1101 0.23 -42.32 10.02
C LYS A 1101 0.94 -43.06 8.90
N SER A 1102 0.90 -42.52 7.68
CA SER A 1102 1.40 -43.25 6.52
C SER A 1102 2.91 -43.27 6.49
N ASP A 1103 3.53 -42.13 6.16
CA ASP A 1103 4.99 -42.01 6.14
C ASP A 1103 5.40 -41.00 7.20
N ALA A 1104 5.96 -41.49 8.30
CA ALA A 1104 6.34 -40.59 9.38
C ALA A 1104 7.64 -39.86 9.10
N THR A 1105 8.37 -40.26 8.06
CA THR A 1105 9.64 -39.62 7.74
C THR A 1105 9.45 -38.25 7.09
N LEU A 1106 8.22 -37.91 6.70
CA LEU A 1106 7.95 -36.65 6.03
C LEU A 1106 7.46 -35.56 6.98
N LEU A 1107 7.41 -35.81 8.29
CA LEU A 1107 6.89 -34.79 9.18
C LEU A 1107 7.83 -33.59 9.28
N ASN A 1108 9.13 -33.80 9.13
CA ASN A 1108 10.06 -32.67 9.14
C ASN A 1108 9.83 -31.78 7.93
N ASP A 1109 9.76 -32.39 6.75
CA ASP A 1109 9.46 -31.66 5.53
C ASP A 1109 8.11 -30.95 5.64
N PHE A 1110 7.10 -31.64 6.17
CA PHE A 1110 5.79 -31.04 6.34
C PHE A 1110 5.84 -29.84 7.27
N PHE A 1111 6.59 -29.94 8.37
CA PHE A 1111 6.69 -28.83 9.30
C PHE A 1111 7.45 -27.67 8.70
N THR A 1112 8.41 -27.93 7.81
CA THR A 1112 9.03 -26.83 7.07
C THR A 1112 8.10 -26.24 6.02
N ALA A 1113 7.13 -27.02 5.54
CA ALA A 1113 6.22 -26.51 4.52
C ALA A 1113 5.14 -25.61 5.11
N ILE A 1114 4.73 -25.84 6.35
CA ILE A 1114 3.71 -25.02 6.99
C ILE A 1114 4.32 -23.94 7.87
N SER A 1115 5.65 -23.82 7.87
CA SER A 1115 6.38 -22.94 8.79
C SER A 1115 5.95 -23.22 10.23
N ALA A 1116 6.36 -24.40 10.68
CA ALA A 1116 6.02 -24.88 12.01
C ALA A 1116 7.14 -24.52 12.98
N GLY A 1117 6.85 -23.65 13.94
CA GLY A 1117 7.78 -23.34 14.99
C GLY A 1117 7.98 -24.53 15.91
N PRO A 1118 8.89 -24.38 16.86
CA PRO A 1118 9.19 -25.52 17.76
C PRO A 1118 8.00 -25.97 18.59
N LYS A 1119 7.29 -25.03 19.23
CA LYS A 1119 6.13 -25.43 20.03
C LYS A 1119 4.96 -25.87 19.16
N GLU A 1120 4.86 -25.32 17.95
CA GLU A 1120 3.86 -25.80 17.01
C GLU A 1120 4.13 -27.26 16.65
N GLN A 1121 5.39 -27.57 16.34
CA GLN A 1121 5.78 -28.95 16.08
C GLN A 1121 5.44 -29.84 17.26
N GLY A 1122 5.79 -29.39 18.48
CA GLY A 1122 5.46 -30.18 19.66
C GLY A 1122 3.99 -30.46 19.79
N ILE A 1123 3.16 -29.42 19.59
CA ILE A 1123 1.71 -29.58 19.72
C ILE A 1123 1.20 -30.58 18.69
N LEU A 1124 1.67 -30.48 17.45
CA LEU A 1124 1.20 -31.42 16.43
C LEU A 1124 1.65 -32.84 16.74
N LEU A 1125 2.89 -33.01 17.17
CA LEU A 1125 3.40 -34.34 17.46
C LEU A 1125 2.73 -34.96 18.67
N ARG A 1126 2.15 -34.14 19.55
CA ARG A 1126 1.30 -34.69 20.61
C ARG A 1126 -0.09 -35.02 20.08
N ALA A 1127 -0.62 -34.17 19.21
CA ALA A 1127 -1.96 -34.38 18.68
C ALA A 1127 -2.03 -35.58 17.75
N PHE A 1128 -0.91 -36.03 17.20
CA PHE A 1128 -0.93 -37.24 16.38
C PHE A 1128 -1.07 -38.48 17.26
N ALA A 1129 -0.29 -38.56 18.34
CA ALA A 1129 -0.41 -39.67 19.27
C ALA A 1129 -1.80 -39.68 19.89
N TYR A 1130 -2.25 -38.54 20.40
CA TYR A 1130 -3.59 -38.50 21.01
C TYR A 1130 -4.66 -38.81 19.99
N TYR A 1131 -4.51 -38.33 18.76
CA TYR A 1131 -5.56 -38.58 17.77
C TYR A 1131 -5.58 -40.02 17.30
N SER A 1132 -4.44 -40.72 17.34
CA SER A 1132 -4.46 -42.13 16.98
C SER A 1132 -4.96 -42.99 18.12
N LEU A 1133 -4.57 -42.66 19.35
CA LEU A 1133 -5.04 -43.45 20.50
C LEU A 1133 -6.54 -43.26 20.72
N TYR A 1134 -6.96 -42.01 20.88
CA TYR A 1134 -8.32 -41.70 21.32
C TYR A 1134 -9.26 -41.34 20.18
N GLY A 1135 -8.81 -41.41 18.94
CA GLY A 1135 -9.68 -40.95 17.88
C GLY A 1135 -9.74 -39.44 17.89
N ASN A 1136 -10.86 -38.91 17.41
CA ASN A 1136 -11.07 -37.47 17.40
C ASN A 1136 -11.81 -37.11 18.68
N VAL A 1137 -11.10 -36.50 19.62
CA VAL A 1137 -11.67 -36.07 20.89
C VAL A 1137 -11.12 -34.69 21.19
N GLU A 1138 -11.99 -33.69 21.25
CA GLU A 1138 -11.60 -32.39 21.75
C GLU A 1138 -12.86 -31.66 22.15
N TYR A 1139 -12.68 -30.61 22.94
CA TYR A 1139 -13.73 -29.63 23.18
C TYR A 1139 -13.25 -28.34 22.53
N HIS A 1140 -13.87 -27.98 21.41
CA HIS A 1140 -13.34 -26.96 20.52
C HIS A 1140 -14.24 -25.73 20.53
N TYR A 1141 -13.60 -24.57 20.44
CA TYR A 1141 -14.31 -23.30 20.44
C TYR A 1141 -13.41 -22.28 19.77
N VAL A 1142 -14.01 -21.18 19.32
CA VAL A 1142 -13.24 -20.08 18.74
C VAL A 1142 -13.75 -18.77 19.31
N LEU A 1143 -12.89 -18.05 20.02
CA LEU A 1143 -13.16 -16.70 20.48
C LEU A 1143 -12.26 -15.77 19.68
N SER A 1144 -12.87 -14.98 18.80
CA SER A 1144 -12.11 -14.09 17.95
C SER A 1144 -11.30 -13.11 18.78
N PRO A 1145 -10.00 -12.97 18.54
CA PRO A 1145 -9.20 -12.00 19.31
C PRO A 1145 -9.74 -10.59 19.26
N ARG A 1146 -10.48 -10.23 18.22
CA ARG A 1146 -11.14 -8.93 18.22
C ARG A 1146 -12.42 -8.99 19.05
N GLN A 1147 -13.05 -10.16 19.14
CA GLN A 1147 -14.29 -10.28 19.89
C GLN A 1147 -14.06 -9.97 21.37
N LEU A 1148 -12.95 -10.44 21.93
CA LEU A 1148 -12.55 -10.07 23.28
C LEU A 1148 -11.38 -9.11 23.13
N PHE A 1149 -11.66 -7.82 23.24
CA PHE A 1149 -10.60 -6.84 23.04
C PHE A 1149 -9.84 -6.55 24.32
N PHE A 1150 -10.55 -6.30 25.42
CA PHE A 1150 -9.94 -6.20 26.76
C PHE A 1150 -10.01 -7.49 27.55
N LEU A 1151 -10.82 -8.45 27.14
CA LEU A 1151 -11.12 -9.60 27.98
C LEU A 1151 -10.05 -10.68 27.89
N SER A 1152 -10.00 -11.52 28.92
CA SER A 1152 -9.04 -12.60 29.00
C SER A 1152 -9.39 -13.74 28.05
N ASP A 1153 -8.40 -14.17 27.26
CA ASP A 1153 -8.53 -15.44 26.54
C ASP A 1153 -8.22 -16.64 27.41
N ASN A 1154 -7.46 -16.45 28.49
CA ASN A 1154 -7.03 -17.54 29.36
C ASN A 1154 -8.20 -17.99 30.24
N PRO A 1155 -8.70 -19.21 30.06
CA PRO A 1155 -9.85 -19.64 30.85
C PRO A 1155 -9.46 -20.24 32.20
N VAL A 1156 -8.55 -19.60 32.92
CA VAL A 1156 -8.36 -19.90 34.33
C VAL A 1156 -9.12 -18.91 35.20
N SER A 1157 -9.60 -17.80 34.64
CA SER A 1157 -10.23 -16.77 35.44
C SER A 1157 -11.61 -17.17 35.92
N ALA A 1158 -12.15 -18.28 35.46
CA ALA A 1158 -13.46 -18.73 35.86
C ALA A 1158 -13.43 -19.72 37.02
N GLU A 1159 -12.25 -19.99 37.58
CA GLU A 1159 -12.17 -20.89 38.72
C GLU A 1159 -12.94 -20.35 39.91
N ARG A 1160 -12.61 -19.13 40.35
CA ARG A 1160 -13.27 -18.56 41.52
C ARG A 1160 -14.74 -18.30 41.26
N LEU A 1161 -15.12 -18.12 40.00
CA LEU A 1161 -16.49 -17.72 39.68
C LEU A 1161 -17.46 -18.85 39.93
N VAL A 1162 -17.19 -20.02 39.36
CA VAL A 1162 -18.06 -21.18 39.52
C VAL A 1162 -17.49 -22.00 40.67
N ARG A 1163 -18.21 -23.05 41.07
CA ARG A 1163 -17.69 -24.04 41.99
C ARG A 1163 -18.03 -25.42 41.44
N ILE A 1164 -17.15 -26.37 41.70
CA ILE A 1164 -17.36 -27.74 41.26
C ILE A 1164 -17.51 -28.63 42.48
N PRO A 1165 -18.66 -29.28 42.67
CA PRO A 1165 -18.85 -30.11 43.86
C PRO A 1165 -17.84 -31.24 43.90
N PRO A 1166 -17.36 -31.61 45.09
CA PRO A 1166 -16.22 -32.52 45.17
C PRO A 1166 -16.45 -33.88 44.52
N LYS A 1167 -17.70 -34.26 44.26
CA LYS A 1167 -17.97 -35.48 43.52
C LYS A 1167 -17.14 -35.55 42.25
N TYR A 1168 -17.04 -34.44 41.53
CA TYR A 1168 -16.34 -34.43 40.27
C TYR A 1168 -14.83 -34.38 40.47
N TYR A 1169 -14.37 -33.91 41.63
CA TYR A 1169 -12.96 -34.03 41.97
C TYR A 1169 -12.58 -35.47 42.25
N VAL A 1170 -13.47 -36.24 42.87
CA VAL A 1170 -13.20 -37.62 43.24
C VAL A 1170 -12.82 -38.44 42.02
N SER A 1171 -13.75 -38.61 41.09
CA SER A 1171 -13.55 -39.55 39.98
C SER A 1171 -12.57 -39.00 38.95
N THR A 1172 -12.94 -37.90 38.29
CA THR A 1172 -12.17 -37.42 37.15
C THR A 1172 -10.82 -36.87 37.57
N GLN A 1173 -9.79 -37.20 36.79
CA GLN A 1173 -8.45 -36.65 36.93
C GLN A 1173 -8.29 -35.32 36.21
N CYS A 1174 -9.36 -34.79 35.63
CA CYS A 1174 -9.32 -33.62 34.77
C CYS A 1174 -9.83 -32.39 35.49
N ARG A 1175 -9.27 -31.23 35.16
CA ARG A 1175 -9.64 -29.97 35.79
C ARG A 1175 -9.92 -28.86 34.80
N ALA A 1176 -8.87 -28.39 34.10
CA ALA A 1176 -8.97 -27.16 33.33
C ALA A 1176 -10.05 -27.20 32.25
N LEU A 1177 -10.41 -28.39 31.79
CA LEU A 1177 -11.53 -28.51 30.86
C LEU A 1177 -12.79 -27.90 31.49
N TYR A 1178 -13.02 -28.19 32.77
CA TYR A 1178 -14.18 -27.62 33.45
C TYR A 1178 -14.07 -26.11 33.53
N ASN A 1179 -12.85 -25.59 33.70
CA ASN A 1179 -12.66 -24.15 33.63
C ASN A 1179 -12.96 -23.61 32.24
N ILE A 1180 -12.81 -24.42 31.21
CA ILE A 1180 -13.20 -23.99 29.86
C ILE A 1180 -14.72 -23.94 29.74
N PHE A 1181 -15.41 -24.95 30.28
CA PHE A 1181 -16.86 -24.90 30.25
C PHE A 1181 -17.36 -23.66 30.98
N SER A 1182 -16.91 -23.48 32.22
CA SER A 1182 -17.35 -22.35 33.03
C SER A 1182 -17.00 -21.03 32.35
N TYR A 1183 -15.81 -20.94 31.78
CA TYR A 1183 -15.37 -19.75 31.06
C TYR A 1183 -16.32 -19.42 29.91
N LEU A 1184 -16.39 -20.30 28.92
CA LEU A 1184 -17.22 -20.05 27.75
C LEU A 1184 -18.68 -19.79 28.12
N HIS A 1185 -19.16 -20.44 29.18
CA HIS A 1185 -20.53 -20.19 29.61
C HIS A 1185 -20.69 -18.81 30.20
N ILE A 1186 -19.79 -18.42 31.10
CA ILE A 1186 -19.92 -17.10 31.73
C ILE A 1186 -19.84 -16.00 30.68
N LEU A 1187 -18.89 -16.12 29.74
CA LEU A 1187 -18.89 -15.19 28.62
C LEU A 1187 -20.20 -15.27 27.84
N ARG A 1188 -20.78 -16.46 27.74
CA ARG A 1188 -21.99 -16.66 26.97
C ARG A 1188 -23.20 -15.96 27.57
N SER A 1189 -23.22 -15.70 28.87
CA SER A 1189 -24.42 -15.06 29.41
C SER A 1189 -24.19 -13.60 29.80
N ILE A 1190 -23.64 -13.35 31.00
CA ILE A 1190 -23.25 -12.04 31.54
C ILE A 1190 -24.40 -11.03 31.51
N ALA A 1191 -25.47 -11.37 30.81
CA ALA A 1191 -26.69 -10.57 30.85
C ALA A 1191 -27.59 -11.05 31.98
N ASN A 1192 -27.99 -12.32 31.94
CA ASN A 1192 -28.73 -12.92 33.02
C ASN A 1192 -27.92 -13.00 34.31
N ASN A 1193 -26.64 -12.64 34.28
CA ASN A 1193 -25.76 -12.79 35.43
C ASN A 1193 -25.79 -11.51 36.24
N TRP A 1194 -26.38 -11.58 37.43
CA TRP A 1194 -26.42 -10.47 38.36
C TRP A 1194 -25.29 -10.53 39.38
N GLY A 1195 -24.35 -11.45 39.22
CA GLY A 1195 -23.19 -11.54 40.08
C GLY A 1195 -23.15 -12.72 41.01
N LYS A 1196 -24.13 -13.61 40.96
CA LYS A 1196 -24.12 -14.78 41.83
C LYS A 1196 -23.18 -15.84 41.29
N ARG A 1197 -22.59 -16.61 42.20
CA ARG A 1197 -21.70 -17.68 41.79
C ARG A 1197 -22.52 -18.88 41.29
N LEU A 1198 -21.86 -19.75 40.54
CA LEU A 1198 -22.51 -20.84 39.85
C LEU A 1198 -21.91 -22.18 40.30
N LYS A 1199 -22.69 -23.24 40.14
CA LYS A 1199 -22.19 -24.59 40.34
C LYS A 1199 -21.99 -25.29 39.00
N MET A 1200 -21.50 -26.52 39.07
CA MET A 1200 -21.33 -27.40 37.93
C MET A 1200 -22.14 -28.66 38.13
N VAL A 1201 -22.94 -29.01 37.12
CA VAL A 1201 -23.68 -30.25 37.09
C VAL A 1201 -23.23 -31.01 35.84
N LEU A 1202 -22.64 -32.18 36.04
CA LEU A 1202 -22.07 -32.96 34.97
C LEU A 1202 -22.91 -34.19 34.72
N HIS A 1203 -23.25 -34.42 33.45
CA HIS A 1203 -23.97 -35.60 33.05
C HIS A 1203 -23.11 -36.82 33.32
N PRO A 1204 -23.66 -37.93 33.84
CA PRO A 1204 -22.81 -39.09 34.13
C PRO A 1204 -22.12 -39.66 32.92
N GLY A 1205 -22.76 -39.60 31.75
CA GLY A 1205 -22.10 -39.99 30.53
C GLY A 1205 -20.90 -39.11 30.22
N LEU A 1206 -20.97 -37.84 30.63
CA LEU A 1206 -19.82 -36.97 30.46
C LEU A 1206 -18.65 -37.42 31.32
N ILE A 1207 -18.91 -37.78 32.58
CA ILE A 1207 -17.84 -38.29 33.43
C ILE A 1207 -17.27 -39.58 32.86
N ALA A 1208 -18.14 -40.50 32.43
CA ALA A 1208 -17.67 -41.74 31.85
C ALA A 1208 -16.83 -41.48 30.61
N TYR A 1209 -17.19 -40.45 29.85
CA TYR A 1209 -16.45 -40.14 28.63
C TYR A 1209 -15.10 -39.49 28.94
N VAL A 1210 -15.04 -38.70 30.01
CA VAL A 1210 -13.81 -38.00 30.34
C VAL A 1210 -12.80 -38.95 30.97
N ARG A 1211 -13.25 -39.77 31.92
CA ARG A 1211 -12.31 -40.62 32.64
C ARG A 1211 -11.70 -41.69 31.75
N GLY A 1212 -12.22 -41.89 30.54
CA GLY A 1212 -11.60 -42.79 29.60
C GLY A 1212 -10.67 -42.14 28.61
N THR A 1213 -10.51 -40.83 28.68
CA THR A 1213 -9.69 -40.07 27.73
C THR A 1213 -8.83 -39.08 28.49
N SER A 1214 -7.53 -39.06 28.18
CA SER A 1214 -6.61 -38.19 28.90
C SER A 1214 -6.98 -36.72 28.69
N GLN A 1215 -6.78 -35.93 29.74
CA GLN A 1215 -7.09 -34.51 29.68
C GLN A 1215 -6.38 -33.84 28.52
N GLY A 1216 -5.06 -34.03 28.43
CA GLY A 1216 -4.28 -33.42 27.37
C GLY A 1216 -4.67 -33.86 25.98
N ALA A 1217 -5.53 -34.87 25.85
CA ALA A 1217 -6.06 -35.23 24.54
C ALA A 1217 -7.19 -34.31 24.15
N ILE A 1218 -8.08 -33.99 25.09
CA ILE A 1218 -9.15 -33.04 24.80
C ILE A 1218 -8.56 -31.66 24.56
N LEU A 1219 -7.49 -31.33 25.27
CA LEU A 1219 -6.84 -30.02 25.21
C LEU A 1219 -5.38 -30.21 24.84
N PRO A 1220 -5.07 -30.36 23.55
CA PRO A 1220 -3.70 -30.65 23.16
C PRO A 1220 -2.73 -29.51 23.41
N GLU A 1221 -3.21 -28.27 23.51
CA GLU A 1221 -2.37 -27.12 23.78
C GLU A 1221 -1.58 -27.26 25.08
N ALA A 1222 -2.27 -27.17 26.21
CA ALA A 1222 -1.61 -27.15 27.51
C ALA A 1222 -0.89 -28.46 27.81
N ALA B 3 34.47 -14.18 -23.57
CA ALA B 3 33.04 -14.44 -23.56
C ALA B 3 32.50 -14.44 -24.97
N ILE B 4 32.47 -13.25 -25.59
CA ILE B 4 32.06 -13.13 -26.98
C ILE B 4 33.15 -13.72 -27.87
N ASP B 5 32.72 -14.42 -28.91
CA ASP B 5 33.63 -15.22 -29.73
C ASP B 5 34.71 -14.36 -30.33
N PRO B 6 35.99 -14.59 -30.02
CA PRO B 6 37.04 -13.82 -30.69
C PRO B 6 37.05 -14.03 -32.19
N LEU B 7 36.95 -15.27 -32.64
CA LEU B 7 37.11 -15.57 -34.06
C LEU B 7 35.85 -15.26 -34.86
N LYS B 8 34.67 -15.38 -34.26
CA LYS B 8 33.43 -15.10 -34.97
C LYS B 8 32.89 -13.69 -34.71
N HIS B 9 33.60 -12.87 -33.94
CA HIS B 9 33.24 -11.46 -33.77
C HIS B 9 34.51 -10.60 -33.77
N PRO B 10 35.21 -10.53 -34.91
CA PRO B 10 36.34 -9.60 -34.97
C PRO B 10 35.91 -8.15 -34.88
N LYS B 11 34.74 -7.83 -35.43
CA LYS B 11 34.37 -6.44 -35.60
C LYS B 11 34.20 -5.72 -34.27
N LEU B 12 33.81 -6.45 -33.22
CA LEU B 12 33.75 -5.83 -31.90
C LEU B 12 35.14 -5.54 -31.36
N TYR B 13 36.01 -6.55 -31.41
CA TYR B 13 37.34 -6.39 -30.83
C TYR B 13 38.20 -5.41 -31.61
N GLU B 14 37.86 -5.17 -32.88
CA GLU B 14 38.54 -4.13 -33.62
C GLU B 14 38.04 -2.74 -33.27
N GLU B 15 36.80 -2.64 -32.75
CA GLU B 15 36.33 -1.35 -32.25
C GLU B 15 37.24 -0.82 -31.16
N TYR B 16 37.78 -1.71 -30.32
CA TYR B 16 38.69 -1.32 -29.25
C TYR B 16 40.15 -1.29 -29.69
N GLY B 17 40.45 -1.69 -30.92
CA GLY B 17 41.80 -1.78 -31.38
C GLY B 17 42.48 -3.10 -31.12
N LEU B 18 41.73 -4.14 -30.78
CA LEU B 18 42.29 -5.44 -30.43
C LEU B 18 42.12 -6.35 -31.64
N TYR B 19 43.23 -6.67 -32.29
CA TYR B 19 43.24 -7.47 -33.52
C TYR B 19 43.84 -8.83 -33.21
N LEU B 20 43.11 -9.89 -33.52
CA LEU B 20 43.60 -11.23 -33.30
C LEU B 20 44.83 -11.49 -34.14
N ARG B 21 45.83 -12.12 -33.54
CA ARG B 21 47.02 -12.50 -34.28
C ARG B 21 46.64 -13.53 -35.34
N PRO B 22 47.19 -13.43 -36.55
CA PRO B 22 46.81 -14.37 -37.61
C PRO B 22 47.17 -15.80 -37.26
N HIS B 23 46.49 -16.73 -37.93
CA HIS B 23 46.59 -18.14 -37.61
C HIS B 23 46.11 -19.03 -38.76
N ILE B 43 47.84 -18.47 -27.98
CA ILE B 43 47.40 -18.26 -29.35
C ILE B 43 46.76 -19.52 -29.92
N ARG B 44 47.17 -20.68 -29.42
CA ARG B 44 46.54 -21.93 -29.84
C ARG B 44 45.22 -22.15 -29.12
N SER B 45 45.15 -21.65 -27.88
CA SER B 45 43.95 -21.77 -27.08
C SER B 45 42.83 -20.90 -27.65
N ILE B 46 43.19 -19.68 -28.05
CA ILE B 46 42.23 -18.75 -28.62
C ILE B 46 41.38 -19.45 -29.68
N LYS B 47 42.02 -20.35 -30.45
CA LYS B 47 41.33 -21.09 -31.48
C LYS B 47 40.33 -22.06 -30.86
N TYR B 48 40.69 -22.63 -29.71
CA TYR B 48 39.80 -23.56 -29.01
C TYR B 48 38.58 -22.86 -28.45
N ALA B 49 38.76 -21.65 -27.91
CA ALA B 49 37.64 -20.93 -27.33
C ALA B 49 36.49 -20.78 -28.32
N SER B 50 36.80 -20.69 -29.60
CA SER B 50 35.75 -20.68 -30.61
C SER B 50 35.03 -22.02 -30.65
N LEU B 51 35.77 -23.11 -30.53
CA LEU B 51 35.15 -24.43 -30.57
C LEU B 51 34.32 -24.72 -29.33
N ILE B 52 34.68 -24.14 -28.20
CA ILE B 52 33.82 -24.26 -27.03
C ILE B 52 32.61 -23.36 -27.16
N HIS B 53 32.79 -22.18 -27.74
CA HIS B 53 31.67 -21.29 -28.03
C HIS B 53 30.78 -21.78 -29.15
N SER B 54 31.17 -22.85 -29.84
CA SER B 54 30.34 -23.49 -30.85
C SER B 54 29.69 -24.75 -30.30
N MET B 55 30.52 -25.74 -29.93
CA MET B 55 30.03 -26.95 -29.29
C MET B 55 29.05 -26.63 -28.17
N LEU B 56 29.35 -25.60 -27.37
CA LEU B 56 28.42 -25.23 -26.32
C LEU B 56 27.20 -24.52 -26.89
N ALA B 57 27.39 -23.77 -27.98
CA ALA B 57 26.29 -23.01 -28.56
C ALA B 57 25.18 -23.93 -29.07
N LYS B 58 25.54 -25.07 -29.67
CA LYS B 58 24.48 -25.93 -30.17
C LYS B 58 23.75 -26.66 -29.04
N HIS B 59 24.43 -26.95 -27.93
CA HIS B 59 23.72 -27.47 -26.77
C HIS B 59 22.75 -26.43 -26.23
N ALA B 60 23.20 -25.19 -26.12
CA ALA B 60 22.32 -24.12 -25.64
C ALA B 60 21.11 -23.95 -26.55
N ALA B 61 21.33 -24.03 -27.86
CA ALA B 61 20.25 -23.83 -28.82
C ALA B 61 19.31 -25.02 -28.94
N ARG B 62 19.78 -26.23 -28.60
CA ARG B 62 18.93 -27.40 -28.71
C ARG B 62 17.79 -27.36 -27.70
N HIS B 63 18.09 -26.94 -26.47
CA HIS B 63 17.13 -26.89 -25.37
C HIS B 63 16.46 -25.53 -25.24
N ASN B 64 16.63 -24.66 -26.22
CA ASN B 64 16.12 -23.28 -26.21
C ASN B 64 16.78 -22.44 -25.14
N GLY B 65 18.08 -22.16 -25.32
CA GLY B 65 18.77 -21.17 -24.51
C GLY B 65 19.01 -21.53 -23.07
N THR B 66 18.70 -22.75 -22.66
CA THR B 66 18.87 -23.19 -21.28
C THR B 66 19.84 -24.36 -21.26
N LEU B 67 21.03 -24.13 -20.70
CA LEU B 67 21.99 -25.21 -20.53
C LEU B 67 21.50 -26.18 -19.47
N ILE B 68 21.59 -27.48 -19.77
CA ILE B 68 20.91 -28.47 -18.94
C ILE B 68 21.49 -28.53 -17.53
N ASN B 69 22.81 -28.36 -17.39
CA ASN B 69 23.47 -28.38 -16.09
C ASN B 69 24.59 -27.35 -16.10
N PRO B 70 24.25 -26.07 -15.96
CA PRO B 70 25.25 -25.01 -16.17
C PRO B 70 26.50 -25.15 -15.32
N ARG B 71 26.37 -25.60 -14.07
CA ARG B 71 27.55 -25.69 -13.21
C ARG B 71 28.55 -26.71 -13.75
N MET B 72 28.05 -27.82 -14.28
CA MET B 72 28.95 -28.83 -14.84
C MET B 72 29.57 -28.39 -16.15
N TYR B 73 29.12 -27.27 -16.74
CA TYR B 73 29.80 -26.65 -17.87
C TYR B 73 30.83 -25.64 -17.40
N ALA B 74 30.37 -24.60 -16.72
CA ALA B 74 31.26 -23.55 -16.23
C ALA B 74 32.43 -24.12 -15.44
N ASP B 75 32.21 -25.22 -14.72
CA ASP B 75 33.29 -25.82 -13.95
C ASP B 75 34.14 -26.79 -14.75
N MET B 76 33.67 -27.26 -15.92
CA MET B 76 34.50 -28.12 -16.74
C MET B 76 35.21 -27.36 -17.86
N ILE B 77 34.94 -26.08 -18.02
CA ILE B 77 35.57 -25.27 -19.05
C ILE B 77 36.75 -24.53 -18.45
N THR B 78 36.47 -23.68 -17.47
CA THR B 78 37.52 -22.90 -16.83
C THR B 78 38.38 -23.79 -15.96
N LEU B 79 37.80 -24.37 -14.92
CA LEU B 79 38.55 -25.29 -14.06
C LEU B 79 38.97 -26.55 -14.81
N GLY B 80 38.07 -27.10 -15.63
CA GLY B 80 38.40 -28.30 -16.37
C GLY B 80 38.71 -29.51 -15.51
N ASN B 81 38.13 -29.59 -14.32
CA ASN B 81 38.43 -30.64 -13.36
C ASN B 81 37.45 -31.81 -13.42
N THR B 82 36.53 -31.84 -14.37
CA THR B 82 35.56 -32.91 -14.48
C THR B 82 35.71 -33.61 -15.82
N LYS B 83 35.71 -34.95 -15.78
CA LYS B 83 35.66 -35.79 -16.97
C LYS B 83 34.41 -36.64 -16.91
N VAL B 84 33.66 -36.68 -18.00
CA VAL B 84 32.42 -37.45 -18.04
C VAL B 84 32.55 -38.62 -19.00
N THR B 134 19.78 -36.49 -21.29
CA THR B 134 20.05 -35.79 -20.05
C THR B 134 21.52 -35.37 -19.95
N TYR B 135 22.38 -36.36 -19.72
CA TYR B 135 23.82 -36.14 -19.60
C TYR B 135 24.56 -36.37 -20.91
N LYS B 136 23.84 -36.63 -22.01
CA LYS B 136 24.51 -36.92 -23.27
C LYS B 136 25.38 -35.76 -23.74
N ALA B 137 25.03 -34.53 -23.36
CA ALA B 137 25.80 -33.38 -23.79
C ALA B 137 27.13 -33.29 -23.06
N LEU B 138 27.10 -33.45 -21.73
CA LEU B 138 28.33 -33.34 -20.95
C LEU B 138 29.37 -34.38 -21.37
N THR B 139 28.93 -35.51 -21.94
CA THR B 139 29.88 -36.52 -22.34
C THR B 139 30.71 -36.07 -23.53
N GLU B 140 30.06 -35.60 -24.60
CA GLU B 140 30.83 -35.13 -25.75
C GLU B 140 31.53 -33.83 -25.46
N MET B 141 30.95 -32.96 -24.62
CA MET B 141 31.67 -31.79 -24.15
C MET B 141 32.96 -32.20 -23.45
N SER B 142 32.88 -33.26 -22.64
CA SER B 142 34.08 -33.78 -22.00
C SER B 142 35.06 -34.34 -23.03
N THR B 143 34.56 -35.02 -24.08
CA THR B 143 35.48 -35.52 -25.10
C THR B 143 36.23 -34.38 -25.75
N LEU B 144 35.56 -33.25 -25.97
CA LEU B 144 36.23 -32.12 -26.60
C LEU B 144 37.22 -31.47 -25.64
N VAL B 145 36.80 -31.21 -24.40
CA VAL B 145 37.64 -30.46 -23.48
C VAL B 145 38.84 -31.28 -23.04
N GLU B 146 38.63 -32.56 -22.69
CA GLU B 146 39.72 -33.35 -22.13
C GLU B 146 40.82 -33.62 -23.13
N SER B 147 40.54 -33.50 -24.42
CA SER B 147 41.55 -33.72 -25.45
C SER B 147 41.91 -32.37 -26.05
N PHE B 148 43.07 -31.86 -25.69
CA PHE B 148 43.61 -30.59 -26.17
C PHE B 148 45.13 -30.66 -26.20
N LEU B 154 41.28 -23.06 -19.44
CA LEU B 154 40.82 -21.78 -19.93
C LEU B 154 40.24 -20.96 -18.80
N THR B 155 39.69 -19.79 -19.15
CA THR B 155 39.11 -18.86 -18.19
C THR B 155 37.97 -18.15 -18.89
N LEU B 156 37.08 -17.53 -18.11
CA LEU B 156 36.01 -16.72 -18.66
C LEU B 156 36.43 -15.27 -18.59
N ILE B 157 36.31 -14.57 -19.71
CA ILE B 157 36.90 -13.25 -19.91
C ILE B 157 35.81 -12.27 -20.28
N VAL B 158 35.74 -11.14 -19.58
CA VAL B 158 34.71 -10.13 -19.79
C VAL B 158 35.37 -8.76 -19.75
N PHE B 159 35.09 -7.94 -20.76
CA PHE B 159 35.55 -6.56 -20.72
C PHE B 159 34.69 -5.75 -19.76
N ASP B 160 34.98 -4.46 -19.67
CA ASP B 160 34.23 -3.53 -18.84
C ASP B 160 33.54 -2.53 -19.76
N ASP B 161 32.23 -2.67 -19.93
CA ASP B 161 31.50 -1.92 -20.95
C ASP B 161 30.01 -1.99 -20.67
N GLU B 162 29.24 -1.33 -21.53
CA GLU B 162 27.80 -1.50 -21.64
C GLU B 162 27.47 -2.52 -22.73
N LYS B 163 27.86 -2.24 -23.96
CA LYS B 163 27.67 -3.16 -25.07
C LYS B 163 28.16 -4.56 -24.74
N TYR B 164 29.46 -4.70 -24.46
CA TYR B 164 30.05 -6.02 -24.36
C TYR B 164 29.35 -6.90 -23.35
N GLN B 165 28.95 -6.33 -22.20
CA GLN B 165 28.18 -7.12 -21.24
C GLN B 165 26.78 -7.42 -21.72
N SER B 166 26.19 -6.52 -22.51
CA SER B 166 24.86 -6.77 -23.06
C SER B 166 24.89 -7.58 -24.34
N LEU B 167 26.06 -7.73 -24.97
CA LEU B 167 26.22 -8.55 -26.16
C LEU B 167 26.70 -9.96 -25.82
N ILE B 168 26.87 -10.28 -24.54
CA ILE B 168 27.25 -11.64 -24.17
C ILE B 168 26.09 -12.58 -24.49
N PRO B 169 26.33 -13.75 -25.08
CA PRO B 169 25.23 -14.68 -25.35
C PRO B 169 24.65 -15.25 -24.06
N ASP B 170 23.44 -15.79 -24.18
CA ASP B 170 22.70 -16.24 -23.01
C ASP B 170 23.44 -17.33 -22.25
N TYR B 171 24.07 -18.26 -22.98
CA TYR B 171 24.69 -19.41 -22.32
C TYR B 171 25.85 -18.99 -21.42
N ILE B 172 26.69 -18.06 -21.89
CA ILE B 172 27.74 -17.54 -21.03
C ILE B 172 27.13 -16.88 -19.79
N ASN B 173 26.08 -16.09 -20.00
CA ASN B 173 25.37 -15.48 -18.88
C ASN B 173 24.83 -16.52 -17.91
N GLN B 174 24.55 -17.73 -18.38
CA GLN B 174 24.19 -18.80 -17.47
C GLN B 174 25.42 -19.37 -16.77
N LEU B 175 26.59 -19.28 -17.40
CA LEU B 175 27.79 -19.81 -16.78
C LEU B 175 28.31 -18.88 -15.69
N ILE B 176 28.06 -17.57 -15.85
CA ILE B 176 28.75 -16.56 -15.04
C ILE B 176 28.58 -16.77 -13.55
N THR B 177 27.42 -17.29 -13.12
CA THR B 177 27.21 -17.54 -11.71
C THR B 177 28.30 -18.42 -11.13
N TYR B 178 28.70 -19.44 -11.89
CA TYR B 178 29.50 -20.54 -11.37
C TYR B 178 30.99 -20.37 -11.62
N THR B 179 31.42 -19.28 -12.23
CA THR B 179 32.83 -18.96 -12.39
C THR B 179 33.07 -17.54 -11.95
N GLN B 180 34.33 -17.22 -11.70
CA GLN B 180 34.69 -15.85 -11.37
C GLN B 180 35.23 -15.18 -12.62
N PRO B 181 34.47 -14.31 -13.27
CA PRO B 181 34.95 -13.72 -14.53
C PRO B 181 36.10 -12.76 -14.28
N HIS B 182 37.10 -12.83 -15.14
CA HIS B 182 38.26 -11.95 -15.04
C HIS B 182 38.01 -10.73 -15.93
N ILE B 183 37.83 -9.59 -15.29
CA ILE B 183 37.53 -8.34 -15.98
C ILE B 183 38.81 -7.75 -16.54
N ILE B 184 38.67 -6.97 -17.60
CA ILE B 184 39.76 -6.14 -18.12
C ILE B 184 39.35 -4.68 -17.96
N PRO B 185 40.01 -3.91 -17.10
CA PRO B 185 39.62 -2.51 -16.91
C PRO B 185 39.76 -1.73 -18.20
N THR B 186 38.76 -0.89 -18.48
CA THR B 186 38.76 -0.04 -19.66
C THR B 186 39.03 1.40 -19.24
N TRP B 187 40.10 1.98 -19.77
CA TRP B 187 40.52 3.32 -19.35
C TRP B 187 39.60 4.40 -19.92
N GLN B 188 39.64 4.61 -21.23
CA GLN B 188 38.83 5.70 -21.76
C GLN B 188 37.63 5.15 -22.49
N GLY B 189 37.81 4.74 -23.75
CA GLY B 189 36.87 3.86 -24.41
C GLY B 189 37.44 2.48 -24.60
N ILE B 190 38.75 2.37 -24.47
CA ILE B 190 39.50 1.19 -24.87
C ILE B 190 39.79 0.37 -23.63
N THR B 191 40.35 -0.82 -23.79
CA THR B 191 40.87 -1.62 -22.70
C THR B 191 42.36 -1.37 -22.57
N ASP B 192 42.84 -1.31 -21.33
CA ASP B 192 44.28 -1.26 -21.13
C ASP B 192 44.92 -2.50 -21.75
N PHE B 193 45.88 -2.28 -22.63
CA PHE B 193 46.42 -3.40 -23.39
C PHE B 193 47.14 -4.40 -22.52
N SER B 194 47.35 -4.11 -21.25
CA SER B 194 47.96 -5.05 -20.33
C SER B 194 46.86 -5.83 -19.62
N ASP B 195 46.71 -7.10 -19.99
CA ASP B 195 46.02 -8.09 -19.18
C ASP B 195 46.68 -9.42 -19.53
N THR B 196 46.86 -10.26 -18.51
CA THR B 196 47.87 -11.32 -18.58
C THR B 196 47.78 -12.10 -19.90
N TYR B 197 46.56 -12.51 -20.28
CA TYR B 197 46.36 -13.13 -21.58
C TYR B 197 45.97 -12.18 -22.70
N LEU B 198 45.53 -10.96 -22.39
CA LEU B 198 44.93 -10.12 -23.44
C LEU B 198 45.91 -9.85 -24.58
N ARG B 199 47.20 -9.80 -24.29
CA ARG B 199 48.18 -9.56 -25.34
C ARG B 199 48.43 -10.80 -26.19
N SER B 200 48.06 -11.98 -25.70
CA SER B 200 48.42 -13.20 -26.42
C SER B 200 47.55 -13.40 -27.64
N TYR B 201 46.24 -13.28 -27.50
CA TYR B 201 45.38 -13.54 -28.64
C TYR B 201 45.34 -12.34 -29.58
N PHE B 202 45.40 -11.13 -29.02
CA PHE B 202 45.19 -9.90 -29.76
C PHE B 202 46.52 -9.19 -30.00
N LYS B 203 46.65 -8.56 -31.16
CA LYS B 203 47.87 -7.85 -31.49
C LYS B 203 48.09 -6.67 -30.54
N ARG B 204 49.29 -6.58 -30.01
CA ARG B 204 49.67 -5.40 -29.26
C ARG B 204 50.00 -4.28 -30.24
N PRO B 205 49.66 -3.04 -29.93
CA PRO B 205 49.81 -1.96 -30.92
C PRO B 205 51.20 -1.38 -30.99
N PHE B 206 51.53 -0.86 -32.18
CA PHE B 206 52.54 0.17 -32.32
C PHE B 206 51.90 1.54 -32.06
N GLU B 207 52.65 2.60 -32.37
CA GLU B 207 52.09 3.92 -32.57
C GLU B 207 53.04 4.68 -33.48
N LEU B 208 52.49 5.64 -34.22
CA LEU B 208 53.29 6.51 -35.08
C LEU B 208 52.90 7.95 -34.79
N THR B 209 53.84 8.72 -34.24
CA THR B 209 53.58 10.09 -33.84
C THR B 209 53.94 11.03 -34.99
N ALA B 210 53.72 12.34 -34.81
CA ALA B 210 53.93 13.30 -35.86
C ALA B 210 55.42 13.54 -36.10
N SER B 211 55.71 14.38 -37.10
CA SER B 211 57.07 14.73 -37.50
C SER B 211 57.92 13.49 -37.77
N ILE B 224 53.19 -8.16 -38.53
CA ILE B 224 52.43 -9.39 -38.44
C ILE B 224 51.85 -9.58 -37.05
N THR B 225 52.72 -9.61 -36.05
CA THR B 225 52.27 -9.79 -34.67
C THR B 225 51.78 -8.48 -34.06
N ARG B 226 52.38 -7.35 -34.42
CA ARG B 226 52.09 -6.06 -33.81
C ARG B 226 51.48 -5.14 -34.85
N SER B 227 50.51 -4.33 -34.44
CA SER B 227 49.69 -3.56 -35.35
C SER B 227 49.94 -2.07 -35.15
N ILE B 228 50.17 -1.36 -36.26
CA ILE B 228 50.39 0.08 -36.21
C ILE B 228 49.12 0.80 -35.79
N PHE B 229 49.27 1.72 -34.84
CA PHE B 229 48.24 2.71 -34.51
C PHE B 229 48.70 4.05 -35.05
N ASN B 230 47.83 4.71 -35.80
CA ASN B 230 48.19 5.98 -36.42
C ASN B 230 47.49 7.13 -35.71
N ASN B 231 48.25 7.90 -34.95
CA ASN B 231 47.99 9.33 -34.75
C ASN B 231 49.26 10.05 -35.15
N THR B 232 49.31 10.59 -36.37
CA THR B 232 50.42 11.48 -36.66
C THR B 232 50.03 12.82 -37.27
N GLY B 233 50.05 12.93 -38.60
CA GLY B 233 49.60 14.13 -39.26
C GLY B 233 48.48 14.00 -40.26
N ARG B 234 48.16 12.79 -40.70
CA ARG B 234 47.68 12.66 -42.07
C ARG B 234 46.94 11.34 -42.29
N GLU B 235 46.47 11.17 -43.52
CA GLU B 235 45.81 9.95 -43.96
C GLU B 235 46.80 8.79 -43.96
N ASP B 236 46.27 7.57 -44.01
CA ASP B 236 47.14 6.42 -44.17
C ASP B 236 47.07 6.03 -45.64
N ALA B 237 48.02 6.56 -46.41
CA ALA B 237 48.34 6.11 -47.76
C ALA B 237 49.85 6.18 -47.92
N ILE B 238 50.35 7.42 -47.88
CA ILE B 238 51.79 7.68 -47.95
C ILE B 238 52.54 6.97 -46.83
N ILE B 239 51.90 6.83 -45.66
CA ILE B 239 52.48 5.99 -44.61
C ILE B 239 52.50 4.55 -45.07
N ARG B 240 51.47 4.13 -45.80
CA ARG B 240 51.46 2.77 -46.34
C ARG B 240 52.39 2.66 -47.54
N LYS B 241 52.13 3.41 -48.59
CA LYS B 241 52.97 3.40 -49.79
C LYS B 241 54.39 3.81 -49.48
N LEU B 242 54.60 5.09 -49.17
CA LEU B 242 55.95 5.64 -49.12
C LEU B 242 56.72 5.21 -47.88
N TYR B 243 56.10 5.33 -46.70
CA TYR B 243 56.76 4.88 -45.48
C TYR B 243 56.85 3.36 -45.39
N GLY B 244 56.26 2.63 -46.32
CA GLY B 244 56.53 1.22 -46.46
C GLY B 244 55.92 0.31 -45.42
N TYR B 245 54.65 0.51 -45.10
CA TYR B 245 53.91 -0.45 -44.29
C TYR B 245 52.98 -1.20 -45.25
N GLY B 246 53.35 -2.43 -45.58
CA GLY B 246 52.57 -3.26 -46.48
C GLY B 246 51.91 -4.44 -45.80
N GLU B 247 51.98 -4.53 -44.49
CA GLU B 247 51.50 -5.69 -43.75
C GLU B 247 50.59 -5.25 -42.62
N TYR B 248 51.15 -4.43 -41.73
CA TYR B 248 50.55 -4.14 -40.44
C TYR B 248 49.14 -3.58 -40.59
N VAL B 249 48.29 -3.89 -39.63
CA VAL B 249 46.89 -3.48 -39.64
C VAL B 249 46.78 -2.18 -38.86
N PHE B 250 46.48 -1.09 -39.56
CA PHE B 250 46.27 0.19 -38.90
C PHE B 250 44.97 0.14 -38.13
N ILE B 251 45.02 0.43 -36.83
CA ILE B 251 43.79 0.50 -36.06
C ILE B 251 43.00 1.71 -36.54
N LYS B 252 41.70 1.51 -36.75
CA LYS B 252 40.82 2.59 -37.18
C LYS B 252 39.97 3.06 -36.02
N TYR B 253 40.10 4.33 -35.67
CA TYR B 253 39.19 5.01 -34.76
C TYR B 253 38.59 6.19 -35.49
N GLU B 254 37.27 6.21 -35.60
CA GLU B 254 36.58 7.32 -36.25
C GLU B 254 36.06 8.35 -35.27
N GLY B 255 36.32 8.19 -33.99
CA GLY B 255 36.10 9.22 -33.00
C GLY B 255 37.29 10.13 -32.90
N CYS B 256 37.52 10.66 -31.69
CA CYS B 256 38.68 11.53 -31.47
C CYS B 256 38.74 11.87 -29.99
N LEU B 257 39.92 12.28 -29.55
CA LEU B 257 40.13 12.72 -28.17
C LEU B 257 40.86 14.06 -28.23
N ILE B 258 40.18 15.11 -27.85
CA ILE B 258 40.76 16.44 -27.86
C ILE B 258 41.25 16.75 -26.45
N THR B 259 42.44 17.29 -26.33
CA THR B 259 42.86 17.85 -25.06
C THR B 259 42.68 19.36 -25.12
N TRP B 260 42.91 20.03 -23.99
CA TRP B 260 42.71 21.47 -23.92
C TRP B 260 43.61 22.03 -22.83
N THR B 261 43.53 23.34 -22.65
CA THR B 261 44.20 24.04 -21.56
C THR B 261 43.15 24.82 -20.81
N GLY B 262 42.87 24.41 -19.57
CA GLY B 262 41.90 25.06 -18.73
C GLY B 262 42.59 25.92 -17.68
N LEU B 263 41.76 26.62 -16.90
CA LEU B 263 42.30 27.48 -15.88
C LEU B 263 42.90 26.70 -14.71
N TYR B 264 42.77 25.38 -14.70
CA TYR B 264 43.40 24.58 -13.66
C TYR B 264 44.45 23.66 -14.27
N GLY B 265 44.01 22.57 -14.90
CA GLY B 265 44.87 21.64 -15.56
C GLY B 265 44.68 21.62 -17.06
N ALA B 266 45.11 20.51 -17.67
CA ALA B 266 44.83 20.23 -19.07
C ALA B 266 43.58 19.34 -19.14
N VAL B 267 42.49 19.90 -19.66
CA VAL B 267 41.21 19.21 -19.72
C VAL B 267 41.12 18.51 -21.06
N THR B 268 40.99 17.18 -21.04
CA THR B 268 40.97 16.38 -22.25
C THR B 268 39.53 15.93 -22.52
N MET B 269 38.89 16.52 -23.52
CA MET B 269 37.54 16.11 -23.87
C MET B 269 37.56 15.30 -25.15
N MET B 270 36.90 14.14 -25.11
CA MET B 270 36.80 13.29 -26.28
C MET B 270 35.46 13.53 -26.95
N VAL B 271 35.48 13.61 -28.27
CA VAL B 271 34.31 13.94 -29.08
C VAL B 271 34.10 12.81 -30.07
N ASN B 272 32.91 12.76 -30.67
CA ASN B 272 32.71 11.82 -31.75
C ASN B 272 32.64 12.60 -33.06
N LEU B 273 33.82 12.81 -33.66
CA LEU B 273 34.02 13.14 -35.06
C LEU B 273 35.41 12.65 -35.42
N PRO B 274 35.68 12.37 -36.68
CA PRO B 274 37.07 12.20 -37.10
C PRO B 274 37.82 13.53 -36.99
N LYS B 275 39.16 13.43 -36.96
CA LYS B 275 39.98 14.62 -37.12
C LYS B 275 39.59 15.40 -38.36
N ARG B 276 39.26 14.68 -39.44
CA ARG B 276 38.88 15.34 -40.69
C ARG B 276 37.58 16.10 -40.55
N ASP B 277 36.61 15.51 -39.84
CA ASP B 277 35.28 16.11 -39.77
C ASP B 277 35.18 17.26 -38.78
N LEU B 278 36.01 17.29 -37.73
CA LEU B 278 35.98 18.41 -36.80
C LEU B 278 36.46 19.69 -37.48
N GLY B 279 37.65 19.65 -38.06
CA GLY B 279 38.27 20.89 -38.50
C GLY B 279 39.02 21.63 -37.42
N LEU B 280 39.21 21.00 -36.26
CA LEU B 280 39.96 21.59 -35.16
C LEU B 280 41.35 20.98 -35.14
N ASP B 281 42.35 21.81 -35.41
CA ASP B 281 43.74 21.40 -35.42
C ASP B 281 44.36 21.69 -34.05
N VAL B 282 45.67 21.52 -33.95
CA VAL B 282 46.38 21.88 -32.73
C VAL B 282 46.44 23.40 -32.60
N GLY B 283 46.29 23.88 -31.37
CA GLY B 283 46.47 25.28 -31.08
C GLY B 283 45.27 26.17 -31.32
N ASP B 284 44.11 25.60 -31.65
CA ASP B 284 42.93 26.40 -31.87
C ASP B 284 42.38 26.92 -30.54
N ASP B 285 41.29 27.66 -30.61
CA ASP B 285 40.64 28.21 -29.44
C ASP B 285 39.24 27.65 -29.35
N PHE B 286 38.65 27.74 -28.15
CA PHE B 286 37.32 27.18 -27.92
C PHE B 286 36.35 28.34 -28.02
N LEU B 287 35.97 28.64 -29.27
CA LEU B 287 34.84 29.46 -29.66
C LEU B 287 34.29 28.81 -30.92
N LYS B 288 35.11 28.86 -31.96
CA LYS B 288 34.86 28.18 -33.21
C LYS B 288 34.59 26.70 -32.96
N GLU B 289 33.59 26.18 -33.69
CA GLU B 289 33.19 24.79 -33.60
C GLU B 289 32.67 24.45 -32.21
N TYR B 290 32.17 25.47 -31.49
CA TYR B 290 31.55 25.21 -30.20
C TYR B 290 30.27 24.40 -30.34
N LYS B 291 29.68 24.40 -31.53
CA LYS B 291 28.45 23.64 -31.71
C LYS B 291 28.73 22.14 -31.80
N LYS B 292 29.73 21.76 -32.59
CA LYS B 292 30.05 20.34 -32.70
C LYS B 292 30.71 19.82 -31.43
N LEU B 293 31.53 20.66 -30.77
CA LEU B 293 32.04 20.27 -29.46
C LEU B 293 30.92 20.16 -28.44
N LEU B 294 29.91 21.02 -28.55
CA LEU B 294 28.77 20.95 -27.65
C LEU B 294 27.97 19.66 -27.87
N PHE B 295 27.76 19.29 -29.12
CA PHE B 295 26.95 18.13 -29.42
C PHE B 295 27.68 16.84 -29.08
N HIS B 296 28.87 16.67 -29.65
CA HIS B 296 29.48 15.37 -29.86
C HIS B 296 30.52 14.95 -28.83
N GLY B 297 30.71 15.70 -27.74
CA GLY B 297 31.89 15.47 -26.91
C GLY B 297 31.63 15.61 -25.42
N VAL B 298 32.58 15.09 -24.64
CA VAL B 298 32.43 14.89 -23.19
C VAL B 298 33.76 15.23 -22.53
N ILE B 299 33.71 15.86 -21.34
CA ILE B 299 34.93 16.33 -20.69
C ILE B 299 35.73 15.18 -20.09
N THR B 300 35.08 14.29 -19.34
CA THR B 300 35.65 13.13 -18.65
C THR B 300 36.40 13.46 -17.38
N ASP B 301 36.53 14.73 -16.99
CA ASP B 301 37.34 15.01 -15.81
C ASP B 301 36.53 15.23 -14.55
N ALA B 302 35.93 16.40 -14.39
CA ALA B 302 35.18 16.74 -13.18
C ALA B 302 34.43 18.03 -13.47
N ILE B 303 33.83 18.62 -12.44
CA ILE B 303 33.32 19.96 -12.65
C ILE B 303 33.83 20.96 -11.59
N PRO B 304 35.14 20.98 -11.34
CA PRO B 304 35.93 22.23 -11.32
C PRO B 304 36.36 22.62 -12.73
N SER B 305 36.49 21.62 -13.59
CA SER B 305 37.41 21.65 -14.73
C SER B 305 37.19 22.89 -15.59
N GLY B 306 38.26 23.67 -15.76
CA GLY B 306 38.18 24.89 -16.53
C GLY B 306 38.03 24.61 -18.01
N ILE B 307 36.98 25.15 -18.63
CA ILE B 307 36.82 25.21 -20.07
C ILE B 307 36.22 26.55 -20.39
N SER B 308 36.86 27.31 -21.28
CA SER B 308 36.44 28.68 -21.52
C SER B 308 36.77 29.07 -22.94
N ALA B 309 36.44 30.31 -23.29
CA ALA B 309 36.83 30.87 -24.57
C ALA B 309 38.35 30.94 -24.74
N LYS B 310 39.09 30.78 -23.65
CA LYS B 310 40.55 30.82 -23.68
C LYS B 310 41.18 29.43 -23.76
N SER B 311 40.36 28.37 -23.82
CA SER B 311 40.91 27.02 -23.87
C SER B 311 41.60 26.79 -25.21
N THR B 312 42.78 26.17 -25.15
CA THR B 312 43.60 25.94 -26.33
C THR B 312 43.93 24.45 -26.46
N VAL B 313 43.90 23.96 -27.69
CA VAL B 313 44.22 22.57 -27.95
C VAL B 313 45.71 22.34 -27.79
N MET B 314 46.08 21.14 -27.31
CA MET B 314 47.49 20.76 -27.21
C MET B 314 47.82 19.63 -28.18
N ARG B 315 47.35 18.41 -27.93
CA ARG B 315 47.57 17.28 -28.82
C ARG B 315 46.28 16.46 -28.90
N ILE B 316 45.79 16.23 -30.11
CA ILE B 316 44.57 15.44 -30.30
C ILE B 316 44.94 14.10 -30.91
N SER B 317 44.32 13.05 -30.38
CA SER B 317 44.65 11.67 -30.71
C SER B 317 43.38 10.94 -31.10
N PRO B 318 43.07 10.81 -32.39
CA PRO B 318 41.81 10.19 -32.80
C PRO B 318 41.60 8.87 -32.07
N HIS B 319 40.42 8.75 -31.46
CA HIS B 319 40.19 7.79 -30.39
C HIS B 319 38.90 7.06 -30.71
N LYS B 320 38.55 6.09 -29.86
CA LYS B 320 37.40 5.25 -30.17
C LYS B 320 36.11 6.05 -30.10
N MET B 321 35.20 5.75 -31.02
CA MET B 321 33.87 6.32 -30.95
C MET B 321 33.24 5.89 -29.63
N MET B 322 32.84 6.85 -28.80
CA MET B 322 32.36 6.49 -27.48
C MET B 322 30.94 5.95 -27.57
N ASN B 323 30.67 4.91 -26.79
CA ASN B 323 29.35 4.31 -26.81
C ASN B 323 28.33 5.26 -26.18
N PRO B 324 27.08 5.21 -26.63
CA PRO B 324 26.04 5.99 -25.97
C PRO B 324 25.81 5.50 -24.55
N SER B 325 24.93 6.17 -23.81
CA SER B 325 24.56 5.72 -22.48
C SER B 325 23.31 4.88 -22.56
N GLY B 326 23.32 3.73 -21.89
CA GLY B 326 22.13 2.90 -21.87
C GLY B 326 20.94 3.58 -21.23
N GLY B 327 21.16 4.29 -20.13
CA GLY B 327 20.07 5.01 -19.50
C GLY B 327 19.49 6.09 -20.39
N ALA B 328 20.37 6.82 -21.09
CA ALA B 328 19.89 7.86 -21.98
C ALA B 328 19.07 7.30 -23.12
N LEU B 329 19.55 6.22 -23.75
CA LEU B 329 18.81 5.64 -24.86
C LEU B 329 17.50 5.02 -24.38
N ALA B 330 17.48 4.48 -23.16
CA ALA B 330 16.25 3.87 -22.65
C ALA B 330 15.20 4.94 -22.34
N VAL B 331 15.57 5.93 -21.54
CA VAL B 331 14.60 6.95 -21.16
C VAL B 331 14.14 7.74 -22.38
N LEU B 332 15.08 8.06 -23.27
CA LEU B 332 14.67 8.69 -24.50
C LEU B 332 13.84 7.76 -25.37
N SER B 333 13.99 6.45 -25.23
CA SER B 333 13.04 5.57 -25.89
C SER B 333 11.65 5.74 -25.29
N LYS B 334 11.57 5.97 -23.98
CA LYS B 334 10.28 6.31 -23.38
C LYS B 334 9.69 7.55 -24.03
N TYR B 335 10.47 8.63 -24.09
CA TYR B 335 9.95 9.88 -24.63
C TYR B 335 9.54 9.74 -26.10
N ILE B 336 10.40 9.12 -26.91
CA ILE B 336 10.08 8.99 -28.33
C ILE B 336 8.84 8.13 -28.51
N GLU B 337 8.71 7.06 -27.71
CA GLU B 337 7.44 6.34 -27.67
C GLU B 337 6.27 7.24 -27.35
N ALA B 338 6.40 8.13 -26.37
CA ALA B 338 5.30 9.03 -26.06
C ALA B 338 4.97 9.91 -27.25
N VAL B 339 5.97 10.24 -28.07
CA VAL B 339 5.73 11.11 -29.22
C VAL B 339 4.92 10.39 -30.29
N VAL B 340 5.31 9.15 -30.61
CA VAL B 340 4.66 8.42 -31.70
C VAL B 340 3.36 7.77 -31.25
N SER B 341 3.23 7.45 -29.96
CA SER B 341 2.12 6.64 -29.47
C SER B 341 0.77 7.21 -29.90
N THR B 342 -0.12 6.32 -30.32
CA THR B 342 -1.39 6.74 -30.93
C THR B 342 -2.24 7.53 -29.95
N ASN B 343 -2.44 7.00 -28.75
CA ASN B 343 -3.23 7.71 -27.74
C ASN B 343 -2.28 8.34 -26.73
N VAL B 344 -2.01 9.63 -26.95
CA VAL B 344 -1.27 10.50 -26.04
C VAL B 344 -1.71 11.91 -26.38
N ILE B 345 -1.68 12.80 -25.39
CA ILE B 345 -1.90 14.23 -25.63
C ILE B 345 -0.87 15.01 -24.82
N ASN B 346 -0.14 15.89 -25.50
CA ASN B 346 0.92 16.68 -24.89
C ASN B 346 2.00 15.77 -24.26
N ALA B 347 2.74 15.12 -25.14
CA ALA B 347 3.89 14.32 -24.75
C ALA B 347 5.12 15.21 -24.76
N THR B 348 5.71 15.43 -23.59
CA THR B 348 6.72 16.46 -23.40
C THR B 348 8.01 15.83 -22.88
N LEU B 349 9.07 16.62 -22.94
CA LEU B 349 10.37 16.24 -22.40
C LEU B 349 10.80 17.29 -21.40
N VAL B 350 11.08 16.86 -20.17
CA VAL B 350 11.49 17.77 -19.11
C VAL B 350 13.00 17.65 -18.96
N VAL B 351 13.72 18.69 -19.37
CA VAL B 351 15.18 18.68 -19.37
C VAL B 351 15.66 19.57 -18.24
N TYR B 352 16.73 19.15 -17.57
CA TYR B 352 17.36 19.94 -16.53
C TYR B 352 18.83 20.10 -16.85
N ALA B 353 19.32 21.33 -16.72
CA ALA B 353 20.75 21.56 -16.79
C ALA B 353 21.08 22.80 -15.97
N GLU B 354 22.26 22.79 -15.35
CA GLU B 354 22.78 23.98 -14.71
C GLU B 354 22.90 25.11 -15.73
N LYS B 355 22.74 26.34 -15.25
CA LYS B 355 22.50 27.46 -16.13
C LYS B 355 23.66 27.70 -17.08
N GLY B 356 23.35 28.39 -18.17
CA GLY B 356 24.37 28.74 -19.15
C GLY B 356 25.06 27.55 -19.77
N ALA B 357 24.37 26.41 -19.87
CA ALA B 357 24.96 25.18 -20.36
C ALA B 357 24.98 25.09 -21.87
N GLY B 358 24.54 26.12 -22.57
CA GLY B 358 24.38 26.06 -24.02
C GLY B 358 23.14 25.31 -24.46
N LYS B 359 22.36 24.78 -23.52
CA LYS B 359 21.13 24.06 -23.87
C LYS B 359 20.16 24.95 -24.64
N THR B 360 20.24 26.26 -24.46
CA THR B 360 19.45 27.16 -25.29
C THR B 360 19.81 27.00 -26.76
N SER B 361 21.10 26.79 -27.05
CA SER B 361 21.53 26.56 -28.42
C SER B 361 21.28 25.13 -28.87
N PHE B 362 21.37 24.16 -27.96
CA PHE B 362 21.25 22.76 -28.37
C PHE B 362 19.80 22.34 -28.58
N LEU B 363 18.92 22.67 -27.65
CA LEU B 363 17.56 22.16 -27.75
C LEU B 363 16.79 22.71 -28.94
N SER B 364 17.29 23.76 -29.58
CA SER B 364 16.68 24.18 -30.84
C SER B 364 16.99 23.17 -31.94
N THR B 365 18.25 22.71 -32.02
CA THR B 365 18.58 21.74 -33.06
C THR B 365 18.07 20.35 -32.71
N TYR B 366 17.99 20.00 -31.42
CA TYR B 366 17.35 18.75 -31.05
C TYR B 366 15.86 18.81 -31.37
N ALA B 367 15.21 19.91 -31.04
CA ALA B 367 13.81 20.08 -31.39
C ALA B 367 13.60 19.93 -32.89
N GLN B 368 14.35 20.70 -33.69
CA GLN B 368 14.17 20.61 -35.13
C GLN B 368 14.61 19.26 -35.70
N GLN B 369 15.38 18.48 -34.94
CA GLN B 369 15.61 17.09 -35.34
C GLN B 369 14.51 16.14 -34.90
N LEU B 370 13.63 16.54 -33.97
CA LEU B 370 12.41 15.77 -33.79
C LEU B 370 11.34 16.16 -34.80
N SER B 371 11.29 17.43 -35.18
CA SER B 371 10.26 17.86 -36.13
C SER B 371 10.53 17.32 -37.52
N LEU B 372 11.77 17.44 -37.99
CA LEU B 372 12.13 17.09 -39.36
C LEU B 372 12.43 15.61 -39.54
N ALA B 373 12.47 14.84 -38.46
CA ALA B 373 12.72 13.41 -38.57
C ALA B 373 11.42 12.61 -38.57
N SER B 374 10.67 12.64 -37.47
CA SER B 374 9.30 12.15 -37.46
C SER B 374 8.40 13.38 -37.49
N GLY B 375 7.73 13.60 -38.63
CA GLY B 375 7.13 14.90 -38.83
C GLY B 375 6.02 15.23 -37.87
N GLN B 376 6.27 16.26 -37.07
CA GLN B 376 5.34 16.89 -36.15
C GLN B 376 5.90 18.27 -35.84
N ILE B 377 5.06 19.11 -35.27
CA ILE B 377 5.49 20.43 -34.81
C ILE B 377 5.90 20.28 -33.36
N VAL B 378 7.18 20.44 -33.07
CA VAL B 378 7.72 20.26 -31.72
C VAL B 378 7.86 21.62 -31.08
N GLY B 379 7.59 21.69 -29.79
CA GLY B 379 7.72 22.94 -29.08
C GLY B 379 9.04 23.06 -28.38
N HIS B 380 9.34 24.28 -27.96
CA HIS B 380 10.56 24.54 -27.19
C HIS B 380 10.27 25.61 -26.16
N LEU B 381 10.72 25.39 -24.93
CA LEU B 381 10.66 26.39 -23.89
C LEU B 381 12.04 26.54 -23.27
N SER B 382 12.17 27.50 -22.36
CA SER B 382 13.45 27.77 -21.71
C SER B 382 13.19 28.11 -20.26
N SER B 383 14.28 28.11 -19.49
CA SER B 383 14.21 28.66 -18.14
C SER B 383 13.82 30.13 -18.17
N ASP B 384 14.02 30.78 -19.32
CA ASP B 384 13.66 32.18 -19.48
C ASP B 384 12.15 32.36 -19.66
N ALA B 385 11.47 31.33 -20.15
CA ALA B 385 10.07 31.47 -20.56
C ALA B 385 9.19 31.93 -19.40
N TYR B 386 9.35 31.30 -18.25
CA TYR B 386 8.47 31.61 -17.13
C TYR B 386 8.81 32.98 -16.55
N GLY B 387 10.02 33.10 -16.00
CA GLY B 387 10.39 34.36 -15.35
C GLY B 387 10.20 35.57 -16.25
N ARG B 388 10.50 35.42 -17.54
CA ARG B 388 10.41 36.57 -18.44
C ARG B 388 8.98 36.82 -18.89
N TRP B 389 8.18 35.76 -19.04
CA TRP B 389 6.74 35.94 -19.18
C TRP B 389 6.17 36.72 -18.01
N LEU B 390 6.54 36.33 -16.80
CA LEU B 390 6.05 36.96 -15.57
C LEU B 390 6.68 38.31 -15.33
N ALA B 391 7.75 38.67 -16.04
CA ALA B 391 8.29 40.01 -15.93
C ALA B 391 7.29 41.03 -16.45
N LYS B 392 6.73 40.79 -17.63
CA LYS B 392 5.73 41.68 -18.19
C LYS B 392 4.37 41.43 -17.58
N ASN B 393 4.06 40.18 -17.27
CA ASN B 393 2.76 39.77 -16.78
C ASN B 393 2.66 39.73 -15.26
N LYS B 394 3.68 40.25 -14.55
CA LYS B 394 3.72 40.19 -13.09
C LYS B 394 2.40 40.64 -12.48
N ASP B 395 1.94 41.84 -12.82
CA ASP B 395 0.64 42.30 -12.40
C ASP B 395 -0.22 42.44 -13.65
N VAL B 396 -1.12 41.47 -13.85
CA VAL B 396 -2.10 41.48 -14.93
C VAL B 396 -3.31 40.71 -14.44
N GLU B 397 -4.50 41.19 -14.79
CA GLU B 397 -5.70 40.47 -14.39
C GLU B 397 -5.84 39.16 -15.16
N GLU B 398 -5.76 39.22 -16.49
CA GLU B 398 -5.78 38.02 -17.34
C GLU B 398 -4.57 38.04 -18.26
N PRO B 399 -3.46 37.44 -17.85
CA PRO B 399 -2.30 37.35 -18.75
C PRO B 399 -2.50 36.27 -19.80
N SER B 400 -1.95 36.53 -20.98
CA SER B 400 -2.09 35.61 -22.12
C SER B 400 -1.06 34.51 -22.02
N PHE B 401 -1.53 33.26 -21.97
CA PHE B 401 -0.66 32.10 -21.87
C PHE B 401 -0.37 31.42 -23.20
N GLU B 402 -0.89 31.93 -24.31
CA GLU B 402 -0.78 31.20 -25.56
C GLU B 402 0.67 31.09 -26.01
N TYR B 403 0.94 30.02 -26.77
CA TYR B 403 2.30 29.65 -27.10
C TYR B 403 2.97 30.68 -28.00
N ASP B 404 2.21 31.31 -28.89
CA ASP B 404 2.77 32.39 -29.70
C ASP B 404 3.20 33.56 -28.84
N TYR B 405 2.45 33.85 -27.77
CA TYR B 405 2.86 34.92 -26.87
C TYR B 405 4.05 34.52 -26.02
N VAL B 406 4.13 33.24 -25.64
CA VAL B 406 5.24 32.79 -24.81
C VAL B 406 6.54 32.82 -25.59
N LEU B 407 6.54 32.33 -26.83
CA LEU B 407 7.76 32.39 -27.62
C LEU B 407 8.05 33.81 -28.09
N SER B 408 7.03 34.53 -28.56
CA SER B 408 7.25 35.90 -29.01
C SER B 408 7.81 36.75 -27.89
N LEU B 409 7.42 36.47 -26.65
CA LEU B 409 7.91 37.26 -25.54
C LEU B 409 9.36 36.93 -25.21
N ASP B 410 9.68 35.66 -25.04
CA ASP B 410 10.99 35.31 -24.52
C ASP B 410 12.04 35.31 -25.63
N THR B 411 13.20 35.83 -25.29
CA THR B 411 14.37 36.01 -26.15
C THR B 411 15.58 35.83 -25.26
N ASP B 412 16.74 36.29 -25.71
CA ASP B 412 17.86 36.51 -24.80
C ASP B 412 17.94 37.95 -24.33
N ASP B 413 17.04 38.82 -24.79
CA ASP B 413 17.14 40.27 -24.58
C ASP B 413 16.26 40.80 -23.45
N ASN B 414 15.43 39.98 -22.82
CA ASN B 414 14.40 40.51 -21.92
C ASN B 414 14.76 40.30 -20.46
N GLU B 415 14.30 41.21 -19.63
CA GLU B 415 14.42 41.09 -18.18
C GLU B 415 13.74 39.81 -17.71
N SER B 416 14.38 39.09 -16.79
CA SER B 416 13.79 37.89 -16.20
C SER B 416 13.46 38.16 -14.74
N TYR B 417 12.31 37.64 -14.31
CA TYR B 417 11.81 37.93 -12.96
C TYR B 417 12.81 37.47 -11.90
N TYR B 418 13.40 36.29 -12.10
CA TYR B 418 14.31 35.76 -11.08
C TYR B 418 15.62 36.53 -11.05
N GLU B 419 16.04 37.11 -12.17
CA GLU B 419 17.21 38.00 -12.12
C GLU B 419 16.83 39.38 -11.60
N GLN B 420 15.63 39.85 -11.93
CA GLN B 420 15.19 41.15 -11.43
C GLN B 420 15.10 41.14 -9.91
N LYS B 421 14.48 40.11 -9.35
CA LYS B 421 14.29 40.05 -7.91
C LYS B 421 15.43 39.32 -7.21
N ALA B 422 16.32 38.67 -7.96
CA ALA B 422 17.56 38.12 -7.42
C ALA B 422 18.73 39.08 -7.57
N SER B 423 18.50 40.27 -8.12
CA SER B 423 19.51 41.31 -8.19
C SER B 423 19.47 42.20 -6.95
N GLU B 424 18.34 42.86 -6.71
CA GLU B 424 18.18 43.69 -5.52
C GLU B 424 18.47 42.94 -4.25
N LEU B 425 18.43 41.60 -4.28
CA LEU B 425 18.94 40.82 -3.17
C LEU B 425 20.44 41.00 -3.02
N LEU B 426 21.18 40.82 -4.11
CA LEU B 426 22.62 41.06 -4.11
C LEU B 426 22.94 42.50 -3.71
N THR B 427 22.54 43.48 -4.54
CA THR B 427 22.88 44.86 -4.24
C THR B 427 22.28 45.34 -2.93
N SER B 428 21.27 44.65 -2.40
CA SER B 428 20.81 44.93 -1.05
C SER B 428 21.71 44.30 0.00
N HIS B 429 22.45 43.26 -0.36
CA HIS B 429 23.36 42.60 0.56
C HIS B 429 24.79 43.12 0.42
N GLY B 430 25.03 44.06 -0.49
CA GLY B 430 26.36 44.61 -0.67
C GLY B 430 27.22 43.94 -1.71
N ILE B 431 26.61 43.27 -2.70
CA ILE B 431 27.35 42.60 -3.76
C ILE B 431 26.96 43.26 -5.08
N SER B 432 27.97 43.58 -5.90
CA SER B 432 27.73 44.21 -7.19
C SER B 432 28.44 43.45 -8.30
N GLU B 433 29.77 43.40 -8.25
CA GLU B 433 30.56 42.75 -9.29
C GLU B 433 31.06 41.39 -8.80
N LEU B 434 31.78 40.69 -9.68
CA LEU B 434 32.12 39.29 -9.45
C LEU B 434 33.03 39.11 -8.25
N SER B 435 34.17 39.81 -8.25
CA SER B 435 35.13 39.66 -7.17
C SER B 435 34.55 40.02 -5.81
N GLN B 436 33.40 40.70 -5.78
CA GLN B 436 32.70 40.89 -4.52
C GLN B 436 31.89 39.67 -4.13
N TYR B 437 31.27 38.99 -5.11
CA TYR B 437 30.48 37.81 -4.80
C TYR B 437 31.36 36.64 -4.39
N GLU B 438 32.35 36.29 -5.21
CA GLU B 438 33.12 35.09 -4.94
C GLU B 438 34.41 35.53 -4.25
N LEU B 439 34.32 35.59 -2.92
CA LEU B 439 35.43 35.61 -1.99
C LEU B 439 34.95 34.83 -0.76
N LEU B 440 33.82 35.28 -0.22
CA LEU B 440 33.33 34.95 1.10
C LEU B 440 33.04 33.46 1.26
N SER B 441 32.99 33.04 2.51
CA SER B 441 32.87 31.64 2.86
C SER B 441 31.60 31.02 2.29
N VAL B 442 31.67 29.70 2.07
CA VAL B 442 30.54 28.97 1.51
C VAL B 442 29.31 29.13 2.37
N ARG B 443 29.49 29.30 3.68
CA ARG B 443 28.35 29.29 4.60
C ARG B 443 27.48 30.53 4.43
N ARG B 444 28.10 31.72 4.45
CA ARG B 444 27.33 32.94 4.22
C ARG B 444 26.73 32.94 2.82
N LYS B 445 27.45 32.40 1.85
CA LYS B 445 26.89 32.20 0.52
C LYS B 445 25.65 31.33 0.57
N VAL B 446 25.63 30.36 1.48
CA VAL B 446 24.42 29.55 1.70
C VAL B 446 23.32 30.40 2.32
N LYS B 447 23.68 31.35 3.17
CA LYS B 447 22.66 32.28 3.66
C LYS B 447 22.05 33.08 2.52
N MET B 448 22.86 33.46 1.53
CA MET B 448 22.33 34.12 0.34
C MET B 448 21.41 33.19 -0.44
N MET B 449 21.86 31.96 -0.68
CA MET B 449 21.07 30.97 -1.40
C MET B 449 19.71 30.81 -0.75
N ASN B 450 19.68 30.32 0.49
CA ASN B 450 18.43 30.07 1.18
C ASN B 450 17.60 31.33 1.34
N GLU B 451 18.26 32.49 1.44
CA GLU B 451 17.50 33.74 1.47
C GLU B 451 16.78 33.96 0.15
N MET B 452 17.38 33.54 -0.95
CA MET B 452 16.70 33.67 -2.25
C MET B 452 15.58 32.65 -2.40
N ASP B 453 15.85 31.39 -2.05
CA ASP B 453 14.94 30.29 -2.39
C ASP B 453 13.50 30.60 -2.02
N GLU B 454 13.30 31.34 -0.93
CA GLU B 454 11.97 31.76 -0.54
C GLU B 454 11.30 32.64 -1.59
N ILE B 455 12.04 33.17 -2.55
CA ILE B 455 11.44 33.94 -3.63
C ILE B 455 10.81 33.03 -4.66
N LEU B 456 11.52 32.00 -5.08
CA LEU B 456 11.02 31.11 -6.12
C LEU B 456 9.99 30.14 -5.58
N ILE B 457 10.16 29.67 -4.34
CA ILE B 457 9.13 28.82 -3.77
C ILE B 457 7.84 29.58 -3.60
N ALA B 458 7.91 30.91 -3.46
CA ALA B 458 6.69 31.71 -3.41
C ALA B 458 5.86 31.55 -4.67
N GLN B 459 6.51 31.59 -5.82
CA GLN B 459 5.79 31.37 -7.08
C GLN B 459 5.43 29.91 -7.26
N LEU B 460 6.15 29.00 -6.62
CA LEU B 460 5.94 27.58 -6.85
C LEU B 460 4.95 26.93 -5.91
N ASP B 461 4.50 27.65 -4.86
CA ASP B 461 3.71 27.04 -3.80
C ASP B 461 2.38 26.51 -4.33
N ASN B 462 1.58 27.36 -4.96
CA ASN B 462 0.18 27.09 -5.17
C ASN B 462 -0.17 27.10 -6.65
N ALA B 463 -1.35 26.56 -6.96
CA ALA B 463 -1.84 26.41 -8.31
C ALA B 463 -2.49 27.67 -8.85
N ASN B 464 -2.45 28.76 -8.10
CA ASN B 464 -3.16 29.98 -8.48
C ASN B 464 -2.50 30.61 -9.70
N THR B 465 -3.08 31.71 -10.15
CA THR B 465 -2.60 32.38 -11.35
C THR B 465 -1.19 32.93 -11.12
N HIS B 466 -0.46 33.11 -12.22
CA HIS B 466 0.90 33.65 -12.20
C HIS B 466 1.88 32.75 -11.47
N SER B 467 1.57 31.47 -11.36
CA SER B 467 2.44 30.53 -10.69
C SER B 467 3.16 29.66 -11.73
N GLU B 468 3.97 28.73 -11.23
CA GLU B 468 4.64 27.78 -12.12
C GLU B 468 3.64 26.80 -12.70
N ARG B 469 3.02 26.00 -11.82
CA ARG B 469 2.06 24.98 -12.24
C ARG B 469 1.03 25.55 -13.21
N ASN B 470 0.49 26.73 -12.89
CA ASN B 470 -0.51 27.33 -13.76
C ASN B 470 0.08 27.73 -15.10
N PHE B 471 1.25 28.39 -15.07
CA PHE B 471 1.87 28.81 -16.32
C PHE B 471 2.07 27.62 -17.25
N TYR B 472 2.78 26.60 -16.80
CA TYR B 472 3.00 25.47 -17.68
C TYR B 472 1.74 24.65 -17.94
N TYR B 473 0.68 24.85 -17.15
CA TYR B 473 -0.57 24.15 -17.42
C TYR B 473 -1.31 24.79 -18.58
N MET B 474 -1.41 26.13 -18.56
CA MET B 474 -2.03 26.82 -19.69
C MET B 474 -1.17 26.74 -20.94
N VAL B 475 0.15 26.92 -20.79
CA VAL B 475 1.05 26.80 -21.94
C VAL B 475 1.06 25.37 -22.46
N SER B 476 0.84 24.40 -21.57
CA SER B 476 0.87 23.01 -22.03
C SER B 476 -0.44 22.60 -22.69
N THR B 477 -1.57 23.04 -22.15
CA THR B 477 -2.89 22.61 -22.62
C THR B 477 -3.53 23.60 -23.58
N GLY B 478 -2.84 24.67 -23.95
CA GLY B 478 -3.42 25.61 -24.90
C GLY B 478 -3.69 24.96 -26.24
N LYS B 479 -4.65 25.52 -26.99
CA LYS B 479 -5.03 24.95 -28.27
C LYS B 479 -3.85 24.95 -29.24
N ASN B 480 -3.30 26.12 -29.53
CA ASN B 480 -2.27 26.25 -30.55
C ASN B 480 -0.93 25.71 -30.09
N THR B 481 -0.79 25.36 -28.81
CA THR B 481 0.48 24.86 -28.31
C THR B 481 0.74 23.50 -28.93
N PRO B 482 1.93 23.27 -29.49
CA PRO B 482 2.18 22.02 -30.21
C PRO B 482 2.07 20.81 -29.29
N ARG B 483 1.91 19.64 -29.92
CA ARG B 483 1.73 18.40 -29.17
C ARG B 483 2.94 18.10 -28.30
N THR B 484 4.11 18.03 -28.90
CA THR B 484 5.35 17.74 -28.17
C THR B 484 6.01 19.04 -27.76
N LEU B 485 6.00 19.34 -26.47
CA LEU B 485 6.70 20.50 -25.93
C LEU B 485 7.96 20.04 -25.24
N ILE B 486 9.10 20.35 -25.84
CA ILE B 486 10.38 20.16 -25.15
C ILE B 486 10.56 21.36 -24.24
N VAL B 487 10.62 21.10 -22.93
CA VAL B 487 10.72 22.17 -21.94
C VAL B 487 11.90 21.87 -21.03
N GLU B 488 12.82 22.82 -20.94
CA GLU B 488 13.94 22.68 -20.04
C GLU B 488 13.58 23.30 -18.69
N GLY B 489 14.47 23.19 -17.72
CA GLY B 489 14.09 23.51 -16.35
C GLY B 489 15.26 23.96 -15.51
N HIS B 490 14.95 24.70 -14.45
CA HIS B 490 15.99 25.24 -13.58
C HIS B 490 16.54 24.17 -12.66
N PHE B 491 15.67 23.44 -11.96
CA PHE B 491 16.10 22.53 -10.91
C PHE B 491 15.08 21.40 -10.75
N ASN B 492 15.33 20.51 -9.79
CA ASN B 492 14.48 19.35 -9.59
C ASN B 492 13.18 19.73 -8.90
N ALA B 493 13.25 20.66 -7.95
CA ALA B 493 12.13 20.94 -7.07
C ALA B 493 10.93 21.52 -7.81
N GLN B 494 11.07 21.84 -9.10
CA GLN B 494 9.95 22.27 -9.91
C GLN B 494 9.34 21.15 -10.74
N ASP B 495 9.78 19.90 -10.54
CA ASP B 495 9.17 18.76 -11.23
C ASP B 495 7.65 18.78 -11.13
N ALA B 496 7.12 19.13 -9.96
CA ALA B 496 5.67 19.11 -9.78
C ALA B 496 4.98 20.08 -10.73
N THR B 497 5.58 21.25 -10.94
CA THR B 497 4.92 22.32 -11.66
C THR B 497 5.01 22.15 -13.18
N ILE B 498 6.12 21.61 -13.68
CA ILE B 498 6.32 21.49 -15.12
C ILE B 498 5.38 20.41 -15.63
N ALA B 499 5.49 20.07 -16.91
CA ALA B 499 4.56 19.13 -17.52
C ALA B 499 4.65 17.77 -16.85
N ARG B 500 3.58 17.01 -17.01
CA ARG B 500 3.34 15.77 -16.28
C ARG B 500 3.92 14.54 -16.96
N THR B 501 4.72 14.71 -18.02
CA THR B 501 5.28 13.58 -18.73
C THR B 501 6.17 12.73 -17.82
N ASP B 502 6.34 11.48 -18.24
CA ASP B 502 7.12 10.51 -17.47
C ASP B 502 8.63 10.70 -17.63
N THR B 503 9.07 11.28 -18.74
CA THR B 503 10.49 11.37 -19.08
C THR B 503 11.05 12.71 -18.60
N THR B 504 11.97 12.67 -17.66
CA THR B 504 12.78 13.81 -17.29
C THR B 504 14.24 13.39 -17.30
N ILE B 505 15.07 14.21 -17.95
CA ILE B 505 16.47 13.86 -18.20
C ILE B 505 17.32 15.08 -17.90
N LEU B 506 18.24 14.95 -16.95
CA LEU B 506 19.22 16.01 -16.75
C LEU B 506 20.27 15.96 -17.84
N LEU B 507 20.59 17.13 -18.39
CA LEU B 507 21.46 17.26 -19.55
C LEU B 507 22.79 17.86 -19.12
N ARG B 508 23.88 17.18 -19.47
CA ARG B 508 25.23 17.66 -19.20
C ARG B 508 25.97 17.85 -20.50
N THR B 509 26.58 19.02 -20.64
CA THR B 509 27.36 19.36 -21.82
C THR B 509 28.82 19.49 -21.46
N ILE B 510 29.63 19.95 -22.40
CA ILE B 510 30.95 20.46 -22.06
C ILE B 510 30.79 21.98 -22.09
N ASN B 511 30.42 22.52 -20.94
CA ASN B 511 30.27 23.97 -20.83
C ASN B 511 31.14 24.72 -19.84
N ASP B 512 31.93 24.03 -19.03
CA ASP B 512 31.72 24.11 -17.58
C ASP B 512 31.31 25.50 -17.08
N THR B 513 30.22 25.48 -16.30
CA THR B 513 29.37 26.64 -16.12
C THR B 513 29.97 27.64 -15.13
N THR B 514 30.61 27.14 -14.06
CA THR B 514 31.26 28.03 -13.11
C THR B 514 32.26 28.94 -13.80
N GLN B 515 32.65 28.60 -15.03
CA GLN B 515 33.54 29.39 -15.86
C GLN B 515 32.76 30.19 -16.91
N ALA B 516 32.00 29.49 -17.75
CA ALA B 516 31.37 30.09 -18.92
C ALA B 516 30.65 31.40 -18.59
N MET B 517 29.91 31.44 -17.48
CA MET B 517 29.13 32.62 -17.16
C MET B 517 29.85 33.61 -16.25
N ARG B 518 31.13 33.38 -15.96
CA ARG B 518 31.91 34.41 -15.29
C ARG B 518 31.75 35.75 -16.00
N ASP B 519 32.25 35.85 -17.23
CA ASP B 519 32.08 37.09 -17.97
C ASP B 519 30.77 37.10 -18.75
N ARG B 520 30.75 36.41 -19.89
CA ARG B 520 29.60 36.35 -20.79
C ARG B 520 28.93 37.71 -20.92
N GLN B 521 29.59 38.64 -21.61
CA GLN B 521 29.16 40.03 -21.79
C GLN B 521 29.28 40.84 -20.51
N ARG B 522 29.80 40.23 -19.44
CA ARG B 522 30.07 40.86 -18.15
C ARG B 522 28.83 41.19 -17.34
N SER B 523 27.82 40.32 -17.38
CA SER B 523 26.93 40.14 -16.23
C SER B 523 27.15 38.70 -15.76
N GLY B 524 27.92 38.54 -14.69
CA GLY B 524 28.07 37.23 -14.08
C GLY B 524 27.43 37.08 -12.72
N VAL B 525 27.15 38.21 -12.06
CA VAL B 525 26.86 38.17 -10.63
C VAL B 525 25.49 37.57 -10.37
N VAL B 526 24.46 38.09 -11.03
CA VAL B 526 23.14 37.47 -10.92
C VAL B 526 23.18 36.11 -11.56
N GLN B 527 24.01 35.93 -12.59
CA GLN B 527 24.08 34.67 -13.30
C GLN B 527 24.74 33.59 -12.44
N LEU B 528 25.93 33.88 -11.89
CA LEU B 528 26.60 32.91 -11.04
C LEU B 528 25.83 32.69 -9.76
N PHE B 529 25.19 33.74 -9.23
CA PHE B 529 24.35 33.58 -8.04
C PHE B 529 23.20 32.61 -8.32
N LEU B 530 22.47 32.86 -9.41
CA LEU B 530 21.43 31.93 -9.82
C LEU B 530 21.96 30.52 -9.94
N ARG B 531 22.93 30.29 -10.84
CA ARG B 531 23.38 28.91 -11.03
C ARG B 531 23.89 28.29 -9.74
N ASP B 532 24.30 29.09 -8.76
CA ASP B 532 24.65 28.52 -7.47
C ASP B 532 23.40 28.02 -6.73
N THR B 533 22.36 28.85 -6.68
CA THR B 533 21.09 28.38 -6.12
C THR B 533 20.58 27.15 -6.85
N TYR B 534 20.25 27.32 -8.13
CA TYR B 534 19.67 26.24 -8.93
C TYR B 534 20.54 25.00 -8.90
N TYR B 535 21.86 25.17 -8.90
CA TYR B 535 22.75 24.04 -8.68
C TYR B 535 22.48 23.39 -7.34
N ARG B 536 22.31 24.20 -6.29
CA ARG B 536 22.06 23.66 -4.96
C ARG B 536 20.76 22.88 -4.91
N LEU B 537 19.79 23.24 -5.75
CA LEU B 537 18.51 22.56 -5.78
C LEU B 537 18.46 21.45 -6.81
N LEU B 538 19.56 21.15 -7.50
CA LEU B 538 19.58 20.17 -8.59
C LEU B 538 20.60 19.08 -8.31
N PRO B 539 20.34 18.21 -7.33
CA PRO B 539 21.16 17.01 -7.16
C PRO B 539 20.71 15.89 -8.07
N SER B 540 21.21 15.84 -9.31
CA SER B 540 20.51 15.08 -10.33
C SER B 540 20.28 13.64 -9.90
N LEU B 541 19.00 13.30 -9.69
CA LEU B 541 18.58 11.93 -9.53
C LEU B 541 18.03 11.35 -10.82
N HIS B 542 17.79 12.19 -11.81
CA HIS B 542 17.30 11.80 -13.11
C HIS B 542 18.46 11.38 -13.99
N THR B 543 18.15 10.56 -15.01
CA THR B 543 19.18 10.03 -15.87
C THR B 543 19.99 11.14 -16.52
N THR B 544 21.31 11.09 -16.35
CA THR B 544 22.17 12.06 -17.00
C THR B 544 22.26 11.75 -18.49
N VAL B 545 22.11 12.78 -19.31
CA VAL B 545 22.03 12.61 -20.76
C VAL B 545 22.96 13.62 -21.42
N TYR B 546 23.95 13.12 -22.17
CA TYR B 546 24.81 13.99 -22.96
C TYR B 546 24.18 14.32 -24.30
N PRO B 547 24.59 15.42 -24.93
CA PRO B 547 23.97 15.78 -26.21
C PRO B 547 24.10 14.73 -27.30
N PHE B 548 25.29 14.14 -27.47
CA PHE B 548 25.44 13.17 -28.56
C PHE B 548 24.57 11.94 -28.31
N GLU B 549 24.37 11.60 -27.03
CA GLU B 549 23.46 10.51 -26.70
C GLU B 549 22.05 10.82 -27.15
N MET B 550 21.60 12.05 -26.90
CA MET B 550 20.21 12.40 -27.15
C MET B 550 19.94 12.72 -28.61
N LEU B 551 20.99 13.03 -29.39
CA LEU B 551 20.84 13.08 -30.83
C LEU B 551 20.90 11.68 -31.45
N GLU B 552 21.82 10.85 -30.98
CA GLU B 552 21.94 9.50 -31.50
C GLU B 552 20.73 8.65 -31.15
N SER B 553 19.99 9.00 -30.10
CA SER B 553 18.70 8.38 -29.84
C SER B 553 17.69 8.69 -30.94
N ILE B 554 17.69 9.92 -31.45
CA ILE B 554 16.87 10.20 -32.63
C ILE B 554 17.37 9.42 -33.82
N LYS B 555 18.69 9.36 -34.01
CA LYS B 555 19.22 8.78 -35.24
C LYS B 555 18.90 7.29 -35.36
N ARG B 556 18.94 6.54 -34.25
CA ARG B 556 18.80 5.10 -34.32
C ARG B 556 17.37 4.61 -34.12
N TRP B 557 16.41 5.48 -33.88
CA TRP B 557 15.05 5.05 -33.59
C TRP B 557 14.27 4.93 -34.88
N LYS B 558 13.70 3.76 -35.13
CA LYS B 558 13.00 3.50 -36.39
C LYS B 558 11.71 4.30 -36.47
N TRP B 559 11.46 4.87 -37.64
CA TRP B 559 10.33 5.77 -37.87
C TRP B 559 9.67 5.41 -39.18
N VAL B 560 8.39 5.03 -39.10
CA VAL B 560 7.66 4.58 -40.27
C VAL B 560 6.31 5.29 -40.33
#